data_7VN4
#
_entry.id   7VN4
#
_cell.length_a   102.624
_cell.length_b   93.646
_cell.length_c   112.486
_cell.angle_alpha   90.000
_cell.angle_beta   100.461
_cell.angle_gamma   90.000
#
_symmetry.space_group_name_H-M   'P 1 21 1'
#
loop_
_entity.id
_entity.type
_entity.pdbx_description
1 polymer 'Maltodextrin-binding protein,Protein BRASSINAZOLE-RESISTANT 1'
2 polymer "DNA (5'-D(*TP*TP*TP*CP*CP*AP*CP*GP*TP*GP*AP*AP*AP*AP*A)-3')"
3 branched alpha-D-glucopyranose-(1-4)-alpha-D-glucopyranose
4 non-polymer 1,2-ETHANEDIOL
5 water water
#
loop_
_entity_poly.entity_id
_entity_poly.type
_entity_poly.pdbx_seq_one_letter_code
_entity_poly.pdbx_strand_id
1 'polypeptide(L)'
;MKIEEGKLVIWINGDKGYNGLAEVGKKFEKDTGIKVTVEHPDKLEEKFPQVAATGDGPDIIFWAHDRFGGYAQSGLLAEI
TPAAAFQDKLYPFTWDAVRYNGKLIAYPIAVEALSLIYNKDLLPNPPKTWEEIPALDKELKAKGKSALMFNLQEPYFTWP
LIAADGGYAFKYAAGKYDIKDVGVDNAGAKAGLTFLVDLIKNKHMNADTDYSIAEAAFNKGETAMTINGPWAWSNIDTSA
VNYGVTVLPTFKGQPSKPFVGVLSAGINAASPNKELAKEFLENYLLTDEGLEAVNKDKPLGAVALKSYEEELAKDPRIAA
TMENAQKGEIMPNIPQMSAFWYAVRTAVINAASGRQTVDAALAAAQTNAARRKPSWRERENNRRRERRRRAVAAKIYTGL
RAQGDYNLPKHCDNNEVLKALCVEAGWVVEEDGTTYRKG
;
C,D,A,B
2 'polydeoxyribonucleotide' (DT)(DT)(DT)(DC)(DC)(DA)(DC)(DG)(DT)(DG)(DG)(DA)(DA)(DA)(DA) G,H,E,F
#
# COMPACT_ATOMS: atom_id res chain seq x y z
N MET A 1 27.11 -9.64 32.60
CA MET A 1 28.52 -9.91 32.88
C MET A 1 29.16 -8.74 33.61
N LYS A 2 29.98 -9.06 34.61
CA LYS A 2 30.74 -8.04 35.32
C LYS A 2 32.22 -8.16 34.99
N ILE A 3 32.83 -7.01 34.67
CA ILE A 3 34.27 -6.92 34.49
C ILE A 3 34.99 -7.47 35.71
N GLU A 4 36.04 -8.26 35.49
CA GLU A 4 36.91 -8.77 36.55
C GLU A 4 38.30 -8.21 36.36
N GLU A 5 38.87 -7.67 37.44
CA GLU A 5 40.26 -7.24 37.40
C GLU A 5 41.15 -8.38 36.91
N GLY A 6 42.12 -8.04 36.07
CA GLY A 6 43.09 -8.98 35.59
C GLY A 6 42.78 -9.63 34.26
N LYS A 7 41.57 -9.41 33.73
CA LYS A 7 41.24 -9.85 32.37
C LYS A 7 40.54 -8.71 31.66
N LEU A 8 40.66 -8.69 30.33
CA LEU A 8 40.01 -7.67 29.52
C LEU A 8 38.94 -8.30 28.66
N VAL A 9 37.76 -7.67 28.64
CA VAL A 9 36.65 -8.06 27.77
C VAL A 9 36.33 -6.88 26.88
N ILE A 10 36.19 -7.13 25.58
CA ILE A 10 35.97 -6.08 24.60
C ILE A 10 34.69 -6.36 23.84
N TRP A 11 33.93 -5.30 23.56
CA TRP A 11 32.77 -5.36 22.69
C TRP A 11 33.06 -4.56 21.43
N ILE A 12 32.83 -5.17 20.27
CA ILE A 12 32.97 -4.51 18.99
C ILE A 12 31.89 -5.03 18.05
N ASN A 13 31.47 -4.19 17.12
CA ASN A 13 30.34 -4.54 16.26
C ASN A 13 30.70 -5.69 15.33
N GLY A 14 29.69 -6.49 14.98
CA GLY A 14 29.92 -7.71 14.23
C GLY A 14 30.33 -7.51 12.79
N ASP A 15 30.28 -6.28 12.28
CA ASP A 15 30.76 -6.01 10.93
C ASP A 15 32.20 -5.52 10.91
N LYS A 16 32.86 -5.46 12.07
CA LYS A 16 34.27 -5.09 12.17
C LYS A 16 35.14 -6.35 12.27
N GLY A 17 36.45 -6.15 12.16
CA GLY A 17 37.40 -7.25 12.23
C GLY A 17 37.64 -7.71 13.65
N TYR A 18 36.64 -8.34 14.27
CA TYR A 18 36.79 -8.80 15.64
C TYR A 18 37.78 -9.96 15.75
N ASN A 19 37.97 -10.72 14.67
CA ASN A 19 38.97 -11.79 14.71
C ASN A 19 40.38 -11.24 14.71
N GLY A 20 40.64 -10.21 13.89
CA GLY A 20 41.92 -9.55 13.95
C GLY A 20 42.19 -8.91 15.30
N LEU A 21 41.16 -8.30 15.89
CA LEU A 21 41.32 -7.68 17.21
C LEU A 21 41.62 -8.73 18.27
N ALA A 22 41.00 -9.90 18.18
CA ALA A 22 41.30 -10.98 19.12
C ALA A 22 42.75 -11.42 18.98
N GLU A 23 43.30 -11.38 17.77
CA GLU A 23 44.73 -11.67 17.60
C GLU A 23 45.58 -10.68 18.38
N VAL A 24 45.23 -9.39 18.33
CA VAL A 24 45.92 -8.41 19.15
C VAL A 24 45.80 -8.77 20.62
N GLY A 25 44.62 -9.21 21.04
CA GLY A 25 44.44 -9.63 22.42
C GLY A 25 45.36 -10.78 22.79
N LYS A 26 45.59 -11.71 21.85
CA LYS A 26 46.42 -12.86 22.13
C LYS A 26 47.89 -12.46 22.30
N LYS A 27 48.38 -11.54 21.47
CA LYS A 27 49.72 -11.01 21.69
C LYS A 27 49.82 -10.35 23.05
N PHE A 28 48.81 -9.56 23.41
CA PHE A 28 48.79 -8.91 24.72
C PHE A 28 48.88 -9.95 25.83
N GLU A 29 48.12 -11.04 25.72
CA GLU A 29 48.20 -12.11 26.71
C GLU A 29 49.58 -12.76 26.72
N LYS A 30 50.23 -12.84 25.56
CA LYS A 30 51.55 -13.46 25.49
C LYS A 30 52.60 -12.62 26.21
N ASP A 31 52.47 -11.30 26.20
CA ASP A 31 53.48 -10.43 26.78
C ASP A 31 53.17 -10.03 28.22
N THR A 32 51.90 -10.02 28.62
CA THR A 32 51.51 -9.55 29.94
C THR A 32 50.76 -10.58 30.78
N GLY A 33 50.34 -11.70 30.19
CA GLY A 33 49.59 -12.70 30.93
C GLY A 33 48.14 -12.35 31.17
N ILE A 34 47.64 -11.26 30.61
CA ILE A 34 46.26 -10.83 30.80
C ILE A 34 45.41 -11.40 29.67
N LYS A 35 44.37 -12.15 30.03
CA LYS A 35 43.46 -12.68 29.01
C LYS A 35 42.61 -11.58 28.44
N VAL A 36 42.45 -11.58 27.11
CA VAL A 36 41.63 -10.62 26.40
C VAL A 36 40.57 -11.37 25.62
N THR A 37 39.31 -11.08 25.91
CA THR A 37 38.17 -11.69 25.23
C THR A 37 37.47 -10.64 24.38
N VAL A 38 37.30 -10.94 23.10
CA VAL A 38 36.61 -10.04 22.17
C VAL A 38 35.26 -10.65 21.83
N GLU A 39 34.21 -9.87 22.02
CA GLU A 39 32.85 -10.32 21.72
C GLU A 39 32.16 -9.28 20.86
N HIS A 40 31.20 -9.74 20.06
CA HIS A 40 30.45 -8.86 19.15
C HIS A 40 28.95 -9.09 19.31
N PRO A 41 28.39 -8.75 20.47
CA PRO A 41 26.96 -8.95 20.68
C PRO A 41 26.13 -8.01 19.80
N ASP A 42 24.91 -8.44 19.53
CA ASP A 42 23.98 -7.62 18.78
C ASP A 42 23.56 -6.40 19.59
N LYS A 43 23.31 -5.29 18.90
CA LYS A 43 22.81 -4.07 19.52
C LYS A 43 23.68 -3.64 20.70
N LEU A 44 24.99 -3.82 20.57
CA LEU A 44 25.87 -3.48 21.69
C LEU A 44 25.78 -2.01 22.06
N GLU A 45 25.58 -1.13 21.06
CA GLU A 45 25.47 0.29 21.36
C GLU A 45 24.24 0.63 22.19
N GLU A 46 23.22 -0.23 22.16
CA GLU A 46 22.06 -0.07 23.05
C GLU A 46 22.23 -0.83 24.35
N LYS A 47 22.92 -1.98 24.32
CA LYS A 47 23.10 -2.75 25.55
C LYS A 47 24.06 -2.06 26.51
N PHE A 48 25.13 -1.44 25.98
CA PHE A 48 26.12 -0.85 26.87
C PHE A 48 25.53 0.16 27.85
N PRO A 49 24.73 1.14 27.42
CA PRO A 49 24.15 2.07 28.40
C PRO A 49 23.26 1.39 29.42
N GLN A 50 22.63 0.26 29.07
CA GLN A 50 21.76 -0.43 30.02
C GLN A 50 22.57 -1.10 31.13
N VAL A 51 23.62 -1.82 30.76
CA VAL A 51 24.37 -2.59 31.74
C VAL A 51 25.38 -1.73 32.47
N ALA A 52 26.05 -0.80 31.76
CA ALA A 52 27.13 -0.03 32.36
C ALA A 52 26.65 0.90 33.47
N ALA A 53 25.36 1.25 33.50
CA ALA A 53 24.86 2.15 34.53
C ALA A 53 25.00 1.56 35.92
N THR A 54 25.02 0.23 36.03
CA THR A 54 25.12 -0.46 37.31
C THR A 54 26.47 -1.14 37.51
N GLY A 55 27.48 -0.74 36.75
CA GLY A 55 28.80 -1.32 36.88
C GLY A 55 29.06 -2.54 36.01
N ASP A 56 28.06 -3.01 35.27
CA ASP A 56 28.22 -4.18 34.42
C ASP A 56 28.76 -3.76 33.06
N GLY A 57 28.80 -4.70 32.11
CA GLY A 57 29.30 -4.40 30.78
C GLY A 57 30.78 -4.68 30.63
N PRO A 58 31.29 -4.53 29.42
CA PRO A 58 32.68 -4.91 29.13
C PRO A 58 33.67 -3.87 29.65
N ASP A 59 34.95 -4.26 29.60
CA ASP A 59 36.01 -3.31 29.95
C ASP A 59 36.13 -2.21 28.91
N ILE A 60 36.11 -2.58 27.62
CA ILE A 60 36.26 -1.65 26.51
C ILE A 60 35.09 -1.85 25.55
N ILE A 61 34.62 -0.77 24.96
CA ILE A 61 33.53 -0.81 24.00
C ILE A 61 33.93 -0.03 22.76
N PHE A 62 33.81 -0.67 21.59
CA PHE A 62 34.08 -0.05 20.31
C PHE A 62 32.77 0.38 19.65
N TRP A 63 32.73 1.63 19.20
CA TRP A 63 31.63 2.11 18.38
C TRP A 63 32.08 3.42 17.73
N ALA A 64 31.30 3.88 16.76
CA ALA A 64 31.52 5.20 16.21
C ALA A 64 31.33 6.24 17.30
N HIS A 65 32.03 7.37 17.17
CA HIS A 65 32.09 8.36 18.23
C HIS A 65 30.74 9.01 18.54
N ASP A 66 29.79 8.97 17.63
CA ASP A 66 28.49 9.61 17.85
C ASP A 66 27.74 9.21 19.10
N ARG A 67 27.86 7.97 19.48
CA ARG A 67 27.27 7.44 20.69
C ARG A 67 27.93 7.85 22.00
N PHE A 68 29.21 8.15 21.92
CA PHE A 68 30.01 8.40 23.09
C PHE A 68 29.62 9.53 24.04
N GLY A 69 29.16 10.62 23.50
CA GLY A 69 28.76 11.74 24.33
C GLY A 69 27.63 11.39 25.28
N GLY A 70 26.67 10.60 24.80
CA GLY A 70 25.60 10.15 25.66
C GLY A 70 26.05 9.19 26.74
N TYR A 71 27.02 8.33 26.42
CA TYR A 71 27.63 7.49 27.45
C TYR A 71 28.33 8.34 28.50
N ALA A 72 29.08 9.36 28.05
CA ALA A 72 29.80 10.23 28.97
C ALA A 72 28.85 11.01 29.86
N GLN A 73 27.78 11.56 29.27
CA GLN A 73 26.82 12.33 30.07
C GLN A 73 26.21 11.47 31.17
N SER A 74 26.04 10.17 30.94
CA SER A 74 25.50 9.27 31.94
C SER A 74 26.57 8.71 32.88
N GLY A 75 27.82 9.10 32.71
CA GLY A 75 28.89 8.65 33.59
C GLY A 75 29.39 7.26 33.33
N LEU A 76 29.24 6.74 32.10
CA LEU A 76 29.59 5.37 31.79
C LEU A 76 31.04 5.18 31.36
N LEU A 77 31.78 6.26 31.14
CA LEU A 77 33.11 6.19 30.55
C LEU A 77 34.15 6.84 31.45
N ALA A 78 35.31 6.20 31.56
CA ALA A 78 36.44 6.81 32.23
C ALA A 78 37.08 7.85 31.31
N GLU A 79 37.56 8.94 31.92
CA GLU A 79 38.27 9.94 31.13
C GLU A 79 39.57 9.37 30.60
N ILE A 80 39.89 9.70 29.35
CA ILE A 80 41.09 9.20 28.69
C ILE A 80 42.22 10.21 28.91
N THR A 81 43.36 9.71 29.40
CA THR A 81 44.50 10.57 29.73
C THR A 81 45.75 10.07 29.01
N PRO A 82 45.78 10.16 27.68
CA PRO A 82 47.03 9.89 26.97
C PRO A 82 48.01 11.02 27.19
N ALA A 83 49.29 10.67 27.29
CA ALA A 83 50.31 11.70 27.31
C ALA A 83 50.34 12.42 25.97
N ALA A 84 50.82 13.68 26.00
CA ALA A 84 50.87 14.45 24.77
C ALA A 84 51.63 13.73 23.67
N ALA A 85 52.72 13.05 24.04
CA ALA A 85 53.48 12.29 23.06
C ALA A 85 52.60 11.30 22.30
N PHE A 86 51.73 10.59 23.02
CA PHE A 86 50.85 9.64 22.34
C PHE A 86 49.81 10.35 21.49
N GLN A 87 49.25 11.45 22.00
CA GLN A 87 48.23 12.18 21.23
C GLN A 87 48.78 12.61 19.88
N ASP A 88 50.04 13.04 19.84
CA ASP A 88 50.64 13.51 18.60
C ASP A 88 50.72 12.42 17.53
N LYS A 89 50.54 11.16 17.90
CA LYS A 89 50.57 10.06 16.93
C LYS A 89 49.28 9.92 16.14
N LEU A 90 48.20 10.56 16.59
CA LEU A 90 46.91 10.51 15.92
C LEU A 90 46.56 11.87 15.35
N TYR A 91 45.81 11.88 14.27
CA TYR A 91 45.42 13.13 13.64
C TYR A 91 44.58 13.95 14.60
N PRO A 92 44.85 15.25 14.76
CA PRO A 92 44.08 16.05 15.72
C PRO A 92 42.57 15.96 15.57
N PHE A 93 42.06 15.95 14.33
CA PHE A 93 40.60 15.98 14.17
C PHE A 93 39.96 14.70 14.68
N THR A 94 40.69 13.58 14.70
CA THR A 94 40.14 12.37 15.30
C THR A 94 40.00 12.52 16.81
N TRP A 95 40.93 13.23 17.44
CA TRP A 95 40.79 13.52 18.86
C TRP A 95 39.59 14.41 19.13
N ASP A 96 39.33 15.38 18.24
CA ASP A 96 38.16 16.24 18.40
C ASP A 96 36.87 15.42 18.39
N ALA A 97 36.83 14.36 17.59
CA ALA A 97 35.63 13.53 17.52
C ALA A 97 35.30 12.90 18.86
N VAL A 98 36.30 12.63 19.69
CA VAL A 98 36.09 11.99 20.98
C VAL A 98 36.26 12.97 22.14
N ARG A 99 36.23 14.27 21.88
CA ARG A 99 36.27 15.26 22.95
C ARG A 99 34.84 15.69 23.28
N TYR A 100 34.48 15.59 24.55
CA TYR A 100 33.14 15.94 25.01
C TYR A 100 33.27 16.76 26.28
N ASN A 101 32.71 17.96 26.27
CA ASN A 101 32.78 18.90 27.39
C ASN A 101 34.22 19.06 27.86
N GLY A 102 35.12 19.24 26.89
CA GLY A 102 36.52 19.51 27.16
C GLY A 102 37.37 18.31 27.49
N LYS A 103 36.78 17.11 27.58
CA LYS A 103 37.51 15.93 28.00
C LYS A 103 37.52 14.89 26.88
N LEU A 104 38.60 14.12 26.83
CA LEU A 104 38.69 12.98 25.94
C LEU A 104 38.02 11.78 26.60
N ILE A 105 37.09 11.16 25.89
CA ILE A 105 36.26 10.09 26.45
C ILE A 105 36.42 8.78 25.69
N ALA A 106 37.38 8.70 24.78
CA ALA A 106 37.62 7.48 24.03
C ALA A 106 38.87 7.65 23.19
N TYR A 107 39.42 6.53 22.73
CA TYR A 107 40.54 6.52 21.82
C TYR A 107 40.02 6.43 20.39
N PRO A 108 40.35 7.38 19.51
CA PRO A 108 39.93 7.23 18.12
C PRO A 108 40.76 6.16 17.43
N ILE A 109 40.09 5.33 16.63
CA ILE A 109 40.73 4.23 15.92
C ILE A 109 40.80 4.51 14.43
N ALA A 110 39.67 4.81 13.80
CA ALA A 110 39.64 4.90 12.34
C ALA A 110 38.47 5.75 11.89
N VAL A 111 38.64 6.40 10.75
CA VAL A 111 37.62 7.24 10.14
C VAL A 111 36.87 6.43 9.11
N GLU A 112 35.54 6.45 9.19
CA GLU A 112 34.68 5.70 8.27
C GLU A 112 33.79 6.66 7.50
N ALA A 113 33.69 6.44 6.19
CA ALA A 113 32.72 7.13 5.37
C ALA A 113 32.17 6.16 4.34
N LEU A 114 30.90 6.35 4.01
CA LEU A 114 30.26 5.52 2.99
C LEU A 114 30.76 5.91 1.60
N SER A 115 30.86 4.91 0.73
CA SER A 115 31.24 5.12 -0.65
C SER A 115 30.27 4.36 -1.55
N LEU A 116 30.25 4.73 -2.82
CA LEU A 116 29.55 3.93 -3.82
C LEU A 116 30.45 2.79 -4.25
N ILE A 117 29.96 1.57 -4.11
CA ILE A 117 30.67 0.37 -4.52
C ILE A 117 29.95 -0.22 -5.72
N TYR A 118 30.68 -0.47 -6.81
CA TYR A 118 30.05 -0.90 -8.05
C TYR A 118 30.79 -2.09 -8.64
N ASN A 119 30.05 -2.88 -9.42
CA ASN A 119 30.58 -4.05 -10.11
C ASN A 119 31.10 -3.60 -11.47
N LYS A 120 32.42 -3.67 -11.66
CA LYS A 120 33.01 -3.15 -12.89
C LYS A 120 32.54 -3.92 -14.12
N ASP A 121 32.34 -5.23 -13.98
CA ASP A 121 31.97 -6.05 -15.14
C ASP A 121 30.57 -5.68 -15.65
N LEU A 122 29.61 -5.49 -14.74
CA LEU A 122 28.27 -5.08 -15.12
C LEU A 122 28.17 -3.59 -15.39
N LEU A 123 29.06 -2.79 -14.79
CA LEU A 123 28.95 -1.33 -14.81
C LEU A 123 30.34 -0.76 -14.99
N PRO A 124 30.86 -0.72 -16.21
CA PRO A 124 32.20 -0.15 -16.41
C PRO A 124 32.27 1.31 -16.00
N ASN A 125 31.21 2.07 -16.24
CA ASN A 125 31.16 3.49 -15.92
C ASN A 125 30.08 3.74 -14.90
N PRO A 126 30.42 3.84 -13.61
CA PRO A 126 29.40 4.04 -12.60
C PRO A 126 28.65 5.36 -12.83
N PRO A 127 27.40 5.43 -12.42
CA PRO A 127 26.65 6.67 -12.61
C PRO A 127 27.20 7.77 -11.71
N LYS A 128 27.24 8.99 -12.25
CA LYS A 128 27.70 10.14 -11.49
C LYS A 128 26.59 10.83 -10.73
N THR A 129 25.33 10.51 -11.01
CA THR A 129 24.19 11.14 -10.36
C THR A 129 23.18 10.11 -9.90
N TRP A 130 22.43 10.47 -8.86
CA TRP A 130 21.30 9.66 -8.44
C TRP A 130 20.22 9.63 -9.52
N GLU A 131 20.07 10.74 -10.24
CA GLU A 131 18.93 10.88 -11.16
C GLU A 131 18.94 9.84 -12.25
N GLU A 132 20.12 9.39 -12.69
CA GLU A 132 20.20 8.46 -13.81
C GLU A 132 20.10 7.00 -13.39
N ILE A 133 19.89 6.72 -12.11
CA ILE A 133 19.84 5.34 -11.62
C ILE A 133 18.58 4.64 -12.11
N PRO A 134 17.41 5.30 -12.11
CA PRO A 134 16.20 4.58 -12.59
C PRO A 134 16.34 4.06 -14.00
N ALA A 135 16.84 4.87 -14.93
CA ALA A 135 17.07 4.38 -16.29
C ALA A 135 18.07 3.23 -16.29
N LEU A 136 19.17 3.40 -15.54
CA LEU A 136 20.17 2.35 -15.46
C LEU A 136 19.57 1.05 -14.94
N ASP A 137 18.68 1.14 -13.95
CA ASP A 137 18.03 -0.05 -13.42
C ASP A 137 17.17 -0.72 -14.49
N LYS A 138 16.38 0.06 -15.22
CA LYS A 138 15.55 -0.50 -16.28
C LYS A 138 16.39 -1.23 -17.31
N GLU A 139 17.56 -0.68 -17.65
CA GLU A 139 18.51 -1.39 -18.49
C GLU A 139 18.87 -2.73 -17.88
N LEU A 140 19.34 -2.71 -16.63
CA LEU A 140 19.86 -3.93 -16.01
C LEU A 140 18.77 -4.94 -15.72
N LYS A 141 17.52 -4.48 -15.51
CA LYS A 141 16.43 -5.42 -15.29
C LYS A 141 16.20 -6.30 -16.52
N ALA A 142 16.45 -5.78 -17.73
CA ALA A 142 16.30 -6.59 -18.93
C ALA A 142 17.26 -7.76 -18.95
N LYS A 143 18.41 -7.62 -18.30
CA LYS A 143 19.38 -8.69 -18.17
C LYS A 143 19.20 -9.50 -16.89
N GLY A 144 18.08 -9.30 -16.19
CA GLY A 144 17.83 -10.03 -14.96
C GLY A 144 18.60 -9.52 -13.77
N LYS A 145 19.08 -8.28 -13.81
CA LYS A 145 19.85 -7.69 -12.72
C LYS A 145 19.17 -6.41 -12.26
N SER A 146 19.77 -5.77 -11.26
CA SER A 146 19.28 -4.51 -10.72
C SER A 146 20.44 -3.53 -10.60
N ALA A 147 20.08 -2.25 -10.49
CA ALA A 147 21.10 -1.20 -10.48
C ALA A 147 21.75 -1.05 -9.11
N LEU A 148 20.94 -0.95 -8.05
CA LEU A 148 21.47 -0.55 -6.76
C LEU A 148 20.69 -1.21 -5.63
N MET A 149 21.42 -1.66 -4.61
CA MET A 149 20.82 -2.24 -3.42
C MET A 149 21.69 -1.90 -2.22
N PHE A 150 21.08 -1.29 -1.21
CA PHE A 150 21.80 -0.95 0.01
C PHE A 150 20.84 -0.98 1.19
N ASN A 151 21.41 -1.00 2.39
CA ASN A 151 20.63 -1.17 3.61
C ASN A 151 19.66 -0.02 3.80
N LEU A 152 18.36 -0.33 3.77
CA LEU A 152 17.31 0.66 3.97
C LEU A 152 16.75 0.64 5.39
N GLN A 153 17.26 -0.21 6.24
CA GLN A 153 16.79 -0.29 7.60
C GLN A 153 17.60 0.60 8.55
N GLU A 154 18.77 1.01 8.15
CA GLU A 154 19.55 1.85 9.01
C GLU A 154 19.70 3.20 8.31
N PRO A 155 19.28 4.26 8.97
CA PRO A 155 19.31 5.61 8.40
C PRO A 155 20.69 6.14 8.01
N TYR A 156 21.74 5.52 8.48
CA TYR A 156 23.10 5.91 8.15
C TYR A 156 23.36 5.82 6.65
N PHE A 157 22.83 4.78 6.03
CA PHE A 157 22.96 4.52 4.63
C PHE A 157 22.16 5.46 3.75
N THR A 158 21.04 5.97 4.21
CA THR A 158 20.23 6.90 3.42
C THR A 158 20.53 8.35 3.73
N TRP A 159 21.19 8.63 4.84
CA TRP A 159 21.51 10.02 5.20
C TRP A 159 22.26 10.77 4.11
N PRO A 160 23.25 10.20 3.44
CA PRO A 160 23.97 10.98 2.41
C PRO A 160 23.03 11.58 1.38
N LEU A 161 21.98 10.85 1.00
CA LEU A 161 21.04 11.36 0.02
C LEU A 161 20.11 12.42 0.64
N ILE A 162 19.70 12.19 1.89
CA ILE A 162 18.84 13.16 2.57
C ILE A 162 19.57 14.47 2.78
N ALA A 163 20.86 14.40 3.09
CA ALA A 163 21.65 15.60 3.36
C ALA A 163 22.11 16.30 2.08
N ALA A 164 22.00 15.65 0.93
CA ALA A 164 22.60 16.19 -0.29
C ALA A 164 22.07 17.58 -0.60
N ASP A 165 20.75 17.76 -0.61
CA ASP A 165 20.14 19.01 -1.01
C ASP A 165 19.82 19.93 0.16
N GLY A 166 20.28 19.61 1.37
CA GLY A 166 20.14 20.56 2.45
C GLY A 166 19.66 20.02 3.79
N GLY A 167 19.30 18.74 3.86
CA GLY A 167 18.93 18.17 5.13
C GLY A 167 20.13 18.14 6.08
N TYR A 168 19.87 18.38 7.33
CA TYR A 168 20.88 18.36 8.37
C TYR A 168 20.33 17.83 9.67
N ALA A 169 21.20 17.44 10.60
CA ALA A 169 20.75 16.91 11.86
C ALA A 169 20.56 18.03 12.86
N PHE A 170 21.63 18.57 13.40
CA PHE A 170 21.61 19.65 14.34
C PHE A 170 22.43 20.80 13.77
N LYS A 171 21.84 21.98 13.68
CA LYS A 171 22.55 23.12 13.15
C LYS A 171 23.69 23.52 14.08
N TYR A 172 24.83 23.82 13.48
CA TYR A 172 26.03 24.24 14.21
C TYR A 172 26.22 25.73 14.02
N ALA A 173 26.27 26.47 15.13
CA ALA A 173 26.49 27.90 15.07
C ALA A 173 27.21 28.36 16.33
N ALA A 174 28.16 29.28 16.15
CA ALA A 174 28.92 29.86 17.26
C ALA A 174 29.51 28.76 18.15
N GLY A 175 30.15 27.79 17.51
CA GLY A 175 30.89 26.77 18.23
C GLY A 175 30.07 25.77 19.00
N LYS A 176 28.81 25.57 18.64
CA LYS A 176 27.95 24.67 19.38
C LYS A 176 26.85 24.13 18.48
N TYR A 177 26.39 22.93 18.80
CA TYR A 177 25.22 22.38 18.12
C TYR A 177 23.95 22.84 18.85
N ASP A 178 23.00 23.36 18.10
CA ASP A 178 21.71 23.78 18.65
C ASP A 178 20.76 22.59 18.59
N ILE A 179 20.51 21.97 19.75
CA ILE A 179 19.70 20.75 19.76
C ILE A 179 18.23 21.00 19.52
N LYS A 180 17.79 22.26 19.49
CA LYS A 180 16.42 22.59 19.11
C LYS A 180 16.29 22.96 17.64
N ASP A 181 17.39 23.01 16.90
CA ASP A 181 17.38 23.37 15.49
C ASP A 181 17.74 22.13 14.68
N VAL A 182 16.71 21.37 14.29
CA VAL A 182 16.87 20.12 13.56
C VAL A 182 16.44 20.35 12.11
N GLY A 183 17.18 19.76 11.19
CA GLY A 183 16.92 19.98 9.78
C GLY A 183 16.51 18.75 8.99
N VAL A 184 15.74 17.86 9.63
CA VAL A 184 15.23 16.67 8.95
C VAL A 184 13.93 16.92 8.22
N ASP A 185 13.32 18.09 8.40
CA ASP A 185 12.03 18.41 7.79
C ASP A 185 12.12 19.58 6.81
N ASN A 186 13.32 19.97 6.37
CA ASN A 186 13.43 21.06 5.42
C ASN A 186 13.31 20.54 3.99
N ALA A 187 13.27 21.47 3.04
CA ALA A 187 13.01 21.10 1.65
C ALA A 187 14.06 20.13 1.13
N GLY A 188 15.33 20.34 1.46
CA GLY A 188 16.37 19.45 0.98
C GLY A 188 16.19 18.04 1.49
N ALA A 189 15.85 17.88 2.77
CA ALA A 189 15.62 16.55 3.32
C ALA A 189 14.45 15.88 2.63
N LYS A 190 13.36 16.62 2.40
CA LYS A 190 12.20 16.05 1.74
C LYS A 190 12.53 15.58 0.32
N ALA A 191 13.28 16.41 -0.43
CA ALA A 191 13.62 16.05 -1.80
C ALA A 191 14.43 14.77 -1.85
N GLY A 192 15.38 14.62 -0.92
CA GLY A 192 16.20 13.42 -0.93
C GLY A 192 15.41 12.18 -0.59
N LEU A 193 14.59 12.24 0.47
CA LEU A 193 13.81 11.07 0.86
C LEU A 193 12.71 10.77 -0.16
N THR A 194 12.16 11.81 -0.80
CA THR A 194 11.19 11.57 -1.86
C THR A 194 11.80 10.78 -3.00
N PHE A 195 13.03 11.11 -3.39
CA PHE A 195 13.68 10.36 -4.45
C PHE A 195 13.85 8.90 -4.08
N LEU A 196 14.26 8.64 -2.84
CA LEU A 196 14.40 7.26 -2.39
C LEU A 196 13.05 6.55 -2.41
N VAL A 197 12.01 7.19 -1.88
CA VAL A 197 10.69 6.57 -1.89
C VAL A 197 10.21 6.36 -3.32
N ASP A 198 10.52 7.31 -4.21
CA ASP A 198 10.15 7.14 -5.61
C ASP A 198 10.86 5.94 -6.23
N LEU A 199 12.13 5.72 -5.84
CA LEU A 199 12.84 4.53 -6.31
C LEU A 199 12.09 3.26 -5.94
N ILE A 200 11.56 3.20 -4.71
CA ILE A 200 10.80 2.03 -4.28
C ILE A 200 9.45 1.99 -4.99
N LYS A 201 8.81 3.14 -5.14
CA LYS A 201 7.51 3.18 -5.82
C LYS A 201 7.62 2.70 -7.25
N ASN A 202 8.72 3.02 -7.94
CA ASN A 202 8.95 2.60 -9.31
C ASN A 202 9.70 1.27 -9.39
N LYS A 203 9.82 0.56 -8.28
CA LYS A 203 10.33 -0.81 -8.25
C LYS A 203 11.80 -0.90 -8.65
N HIS A 204 12.57 0.15 -8.39
CA HIS A 204 14.02 0.07 -8.53
C HIS A 204 14.70 -0.31 -7.22
N MET A 205 13.97 -0.31 -6.12
CA MET A 205 14.45 -0.80 -4.84
C MET A 205 13.26 -1.36 -4.06
N ASN A 206 13.57 -2.18 -3.06
CA ASN A 206 12.57 -2.81 -2.22
C ASN A 206 12.70 -2.29 -0.80
N ALA A 207 11.56 -1.94 -0.19
CA ALA A 207 11.58 -1.25 1.10
C ALA A 207 12.24 -2.10 2.19
N ASP A 208 12.12 -3.42 2.10
CA ASP A 208 12.59 -4.32 3.14
C ASP A 208 14.06 -4.71 2.98
N THR A 209 14.76 -4.16 1.99
CA THR A 209 16.16 -4.50 1.79
C THR A 209 16.98 -4.06 3.00
N ASP A 210 17.70 -5.01 3.60
CA ASP A 210 18.52 -4.73 4.77
C ASP A 210 19.99 -5.01 4.44
N TYR A 211 20.83 -5.02 5.48
CA TYR A 211 22.27 -5.11 5.26
C TYR A 211 22.64 -6.41 4.57
N SER A 212 22.20 -7.55 5.13
CA SER A 212 22.63 -8.83 4.59
C SER A 212 22.04 -9.07 3.21
N ILE A 213 20.82 -8.59 2.94
CA ILE A 213 20.23 -8.77 1.63
C ILE A 213 21.03 -8.00 0.58
N ALA A 214 21.38 -6.75 0.89
CA ALA A 214 22.15 -5.95 -0.06
C ALA A 214 23.56 -6.50 -0.22
N GLU A 215 24.20 -6.92 0.87
CA GLU A 215 25.54 -7.49 0.76
C GLU A 215 25.55 -8.77 -0.07
N ALA A 216 24.53 -9.62 0.12
CA ALA A 216 24.47 -10.87 -0.63
C ALA A 216 24.26 -10.60 -2.12
N ALA A 217 23.36 -9.67 -2.44
CA ALA A 217 23.05 -9.40 -3.84
C ALA A 217 24.25 -8.84 -4.58
N PHE A 218 24.99 -7.92 -3.95
CA PHE A 218 26.17 -7.38 -4.63
C PHE A 218 27.28 -8.42 -4.72
N ASN A 219 27.53 -9.15 -3.64
CA ASN A 219 28.61 -10.11 -3.62
C ASN A 219 28.32 -11.34 -4.46
N LYS A 220 27.07 -11.57 -4.85
CA LYS A 220 26.71 -12.63 -5.79
C LYS A 220 26.54 -12.13 -7.21
N GLY A 221 26.79 -10.84 -7.45
CA GLY A 221 26.71 -10.29 -8.80
C GLY A 221 25.31 -10.13 -9.33
N GLU A 222 24.33 -9.89 -8.47
CA GLU A 222 22.95 -9.69 -8.90
C GLU A 222 22.56 -8.22 -8.98
N THR A 223 23.28 -7.34 -8.29
CA THR A 223 23.06 -5.90 -8.37
C THR A 223 24.37 -5.22 -8.70
N ALA A 224 24.28 -4.15 -9.49
CA ALA A 224 25.48 -3.51 -10.02
C ALA A 224 26.19 -2.62 -8.99
N MET A 225 25.47 -2.10 -8.01
CA MET A 225 26.06 -1.17 -7.05
C MET A 225 25.49 -1.41 -5.66
N THR A 226 26.28 -0.99 -4.67
CA THR A 226 25.86 -0.95 -3.29
C THR A 226 26.52 0.26 -2.64
N ILE A 227 25.98 0.66 -1.49
CA ILE A 227 26.56 1.72 -0.67
C ILE A 227 26.99 1.07 0.64
N ASN A 228 28.27 1.17 0.98
CA ASN A 228 28.76 0.55 2.21
C ASN A 228 30.09 1.19 2.59
N GLY A 229 30.64 0.73 3.72
CA GLY A 229 31.87 1.24 4.24
C GLY A 229 33.03 0.28 4.06
N PRO A 230 34.22 0.70 4.47
CA PRO A 230 35.42 -0.11 4.23
C PRO A 230 35.35 -1.50 4.83
N TRP A 231 34.63 -1.69 5.94
CA TRP A 231 34.55 -3.01 6.56
C TRP A 231 34.04 -4.06 5.58
N ALA A 232 33.23 -3.67 4.60
CA ALA A 232 32.60 -4.61 3.69
C ALA A 232 33.53 -5.11 2.59
N TRP A 233 34.71 -4.51 2.41
CA TRP A 233 35.53 -4.83 1.25
C TRP A 233 36.05 -6.27 1.28
N SER A 234 36.38 -6.81 2.46
CA SER A 234 37.01 -8.13 2.49
C SER A 234 36.06 -9.22 2.02
N ASN A 235 34.77 -9.11 2.36
CA ASN A 235 33.81 -10.09 1.85
C ASN A 235 33.65 -9.99 0.34
N ILE A 236 33.74 -8.79 -0.22
CA ILE A 236 33.72 -8.65 -1.67
C ILE A 236 34.99 -9.24 -2.29
N ASP A 237 36.12 -9.07 -1.61
CA ASP A 237 37.37 -9.65 -2.08
C ASP A 237 37.24 -11.16 -2.27
N THR A 238 36.69 -11.84 -1.25
CA THR A 238 36.55 -13.29 -1.32
C THR A 238 35.57 -13.71 -2.40
N SER A 239 34.63 -12.84 -2.75
CA SER A 239 33.69 -13.12 -3.82
C SER A 239 34.37 -12.96 -5.18
N ALA A 240 33.66 -13.38 -6.23
CA ALA A 240 34.18 -13.30 -7.59
C ALA A 240 34.03 -11.92 -8.22
N VAL A 241 33.48 -10.95 -7.50
CA VAL A 241 33.11 -9.66 -8.09
C VAL A 241 34.33 -8.77 -8.25
N ASN A 242 34.44 -8.16 -9.43
CA ASN A 242 35.47 -7.16 -9.73
C ASN A 242 34.87 -5.79 -9.43
N TYR A 243 35.21 -5.22 -8.29
CA TYR A 243 34.52 -4.04 -7.80
C TYR A 243 35.43 -2.82 -7.78
N GLY A 244 34.79 -1.65 -7.87
CA GLY A 244 35.44 -0.38 -7.65
C GLY A 244 34.80 0.36 -6.49
N VAL A 245 35.55 1.26 -5.87
CA VAL A 245 35.05 2.13 -4.82
C VAL A 245 35.22 3.56 -5.30
N THR A 246 34.14 4.34 -5.27
CA THR A 246 34.18 5.65 -5.89
C THR A 246 33.27 6.62 -5.14
N VAL A 247 33.22 7.83 -5.61
CA VAL A 247 32.42 8.86 -5.03
C VAL A 247 30.97 8.55 -5.17
N LEU A 248 30.18 8.88 -4.16
CA LEU A 248 28.76 8.72 -4.25
C LEU A 248 28.21 9.71 -5.26
N PRO A 249 27.13 9.35 -5.89
CA PRO A 249 26.51 10.19 -6.89
C PRO A 249 25.93 11.43 -6.30
N THR A 250 25.84 12.45 -7.14
CA THR A 250 25.24 13.68 -6.76
C THR A 250 23.74 13.58 -6.81
N PHE A 251 23.09 14.47 -6.09
CA PHE A 251 21.64 14.60 -6.13
C PHE A 251 21.31 16.06 -6.36
N LYS A 252 20.55 16.35 -7.40
CA LYS A 252 20.26 17.73 -7.78
C LYS A 252 21.54 18.54 -7.93
N GLY A 253 22.55 17.91 -8.54
CA GLY A 253 23.83 18.54 -8.77
C GLY A 253 24.71 18.72 -7.56
N GLN A 254 24.29 18.24 -6.40
CA GLN A 254 25.09 18.43 -5.20
C GLN A 254 25.61 17.09 -4.68
N PRO A 255 26.81 17.08 -4.08
CA PRO A 255 27.36 15.81 -3.59
C PRO A 255 26.51 15.21 -2.49
N SER A 256 26.44 13.89 -2.47
CA SER A 256 25.94 13.19 -1.30
C SER A 256 26.87 13.48 -0.14
N LYS A 257 26.30 13.64 1.06
CA LYS A 257 27.04 14.12 2.22
C LYS A 257 26.91 13.11 3.35
N PRO A 258 27.74 12.07 3.35
CA PRO A 258 27.66 11.05 4.40
C PRO A 258 28.05 11.63 5.75
N PHE A 259 27.39 11.12 6.79
CA PHE A 259 27.84 11.36 8.15
C PHE A 259 29.08 10.53 8.40
N VAL A 260 30.18 11.20 8.77
CA VAL A 260 31.46 10.53 8.94
C VAL A 260 31.59 10.08 10.39
N GLY A 261 31.93 8.81 10.59
CA GLY A 261 32.09 8.23 11.90
C GLY A 261 33.55 7.96 12.20
N VAL A 262 33.90 8.09 13.47
CA VAL A 262 35.23 7.73 13.96
C VAL A 262 35.05 6.53 14.88
N LEU A 263 35.41 5.35 14.39
CA LEU A 263 35.44 4.18 15.25
C LEU A 263 36.32 4.49 16.46
N SER A 264 35.72 4.41 17.64
CA SER A 264 36.39 4.80 18.87
C SER A 264 36.22 3.71 19.92
N ALA A 265 37.16 3.67 20.86
CA ALA A 265 37.17 2.68 21.92
C ALA A 265 37.12 3.40 23.26
N GLY A 266 36.02 3.20 23.99
CA GLY A 266 35.86 3.77 25.32
C GLY A 266 36.14 2.75 26.39
N ILE A 267 36.61 3.24 27.54
CA ILE A 267 36.88 2.40 28.70
C ILE A 267 35.74 2.55 29.69
N ASN A 268 35.15 1.42 30.06
CA ASN A 268 34.06 1.42 31.03
C ASN A 268 34.50 2.06 32.34
N ALA A 269 33.68 3.00 32.84
CA ALA A 269 34.02 3.67 34.08
C ALA A 269 34.09 2.69 35.25
N ALA A 270 33.34 1.59 35.18
CA ALA A 270 33.30 0.61 36.25
C ALA A 270 34.41 -0.43 36.14
N SER A 271 35.21 -0.40 35.08
CA SER A 271 36.25 -1.39 34.92
C SER A 271 37.32 -1.24 36.01
N PRO A 272 37.79 -2.36 36.58
CA PRO A 272 38.98 -2.32 37.42
C PRO A 272 40.28 -2.51 36.65
N ASN A 273 40.21 -2.59 35.31
CA ASN A 273 41.37 -2.80 34.46
C ASN A 273 41.66 -1.56 33.62
N LYS A 274 41.38 -0.38 34.16
CA LYS A 274 41.54 0.85 33.38
C LYS A 274 42.97 1.01 32.88
N GLU A 275 43.95 0.70 33.72
CA GLU A 275 45.34 0.85 33.29
C GLU A 275 45.73 -0.20 32.27
N LEU A 276 45.26 -1.44 32.45
CA LEU A 276 45.48 -2.47 31.44
C LEU A 276 44.81 -2.09 30.12
N ALA A 277 43.57 -1.59 30.20
CA ALA A 277 42.88 -1.16 28.99
C ALA A 277 43.66 -0.08 28.26
N LYS A 278 44.19 0.89 29.00
CA LYS A 278 45.03 1.93 28.39
C LYS A 278 46.27 1.33 27.76
N GLU A 279 46.92 0.39 28.46
CA GLU A 279 48.10 -0.25 27.90
C GLU A 279 47.76 -1.01 26.63
N PHE A 280 46.68 -1.79 26.65
CA PHE A 280 46.30 -2.56 25.47
C PHE A 280 46.02 -1.65 24.28
N LEU A 281 45.25 -0.58 24.51
CA LEU A 281 44.86 0.29 23.41
C LEU A 281 46.04 1.11 22.90
N GLU A 282 46.80 1.72 23.80
CA GLU A 282 47.85 2.64 23.39
C GLU A 282 49.05 1.90 22.80
N ASN A 283 49.42 0.76 23.38
CA ASN A 283 50.68 0.12 23.05
C ASN A 283 50.53 -1.20 22.31
N TYR A 284 49.30 -1.70 22.13
CA TYR A 284 49.10 -2.91 21.34
C TYR A 284 48.17 -2.68 20.15
N LEU A 285 47.00 -2.09 20.37
CA LEU A 285 46.10 -1.83 19.24
C LEU A 285 46.61 -0.68 18.38
N LEU A 286 46.76 0.50 18.96
CA LEU A 286 47.11 1.69 18.19
C LEU A 286 48.62 1.69 17.85
N THR A 287 49.03 0.61 17.21
CA THR A 287 50.35 0.47 16.62
C THR A 287 50.18 0.01 15.18
N ASP A 288 51.26 0.14 14.40
CA ASP A 288 51.22 -0.35 13.03
C ASP A 288 50.80 -1.81 12.98
N GLU A 289 51.49 -2.65 13.76
CA GLU A 289 51.20 -4.08 13.76
C GLU A 289 49.82 -4.39 14.32
N GLY A 290 49.36 -3.61 15.30
CA GLY A 290 48.06 -3.86 15.90
C GLY A 290 46.92 -3.56 14.94
N LEU A 291 46.93 -2.36 14.35
CA LEU A 291 45.89 -2.00 13.39
C LEU A 291 45.98 -2.85 12.12
N GLU A 292 47.19 -3.25 11.72
CA GLU A 292 47.33 -4.13 10.57
C GLU A 292 46.59 -5.44 10.80
N ALA A 293 46.73 -6.02 11.98
CA ALA A 293 46.04 -7.27 12.29
C ALA A 293 44.54 -7.11 12.17
N VAL A 294 43.99 -5.99 12.67
CA VAL A 294 42.57 -5.76 12.54
C VAL A 294 42.20 -5.41 11.10
N ASN A 295 42.99 -4.54 10.46
CA ASN A 295 42.68 -4.13 9.10
C ASN A 295 42.72 -5.29 8.13
N LYS A 296 43.63 -6.25 8.34
CA LYS A 296 43.67 -7.43 7.48
C LYS A 296 42.38 -8.24 7.58
N ASP A 297 41.73 -8.21 8.74
CA ASP A 297 40.49 -8.96 8.94
C ASP A 297 39.33 -8.28 8.24
N LYS A 298 39.03 -7.03 8.61
CA LYS A 298 38.05 -6.21 7.92
C LYS A 298 38.64 -4.81 7.88
N PRO A 299 38.72 -4.19 6.70
CA PRO A 299 39.39 -2.89 6.60
C PRO A 299 38.76 -1.87 7.54
N LEU A 300 39.62 -1.15 8.27
CA LEU A 300 39.16 -0.16 9.24
C LEU A 300 38.75 1.16 8.59
N GLY A 301 39.19 1.41 7.37
CA GLY A 301 39.06 2.73 6.80
C GLY A 301 40.36 3.50 6.98
N ALA A 302 40.26 4.81 7.19
CA ALA A 302 41.43 5.67 7.37
C ALA A 302 41.76 5.74 8.85
N VAL A 303 42.83 5.06 9.26
CA VAL A 303 43.11 4.89 10.68
C VAL A 303 43.59 6.22 11.29
N ALA A 304 43.29 6.39 12.57
CA ALA A 304 43.69 7.60 13.29
C ALA A 304 45.20 7.67 13.48
N LEU A 305 45.91 6.55 13.41
CA LEU A 305 47.34 6.51 13.64
C LEU A 305 48.07 6.98 12.39
N LYS A 306 48.82 8.09 12.52
CA LYS A 306 49.45 8.70 11.36
C LYS A 306 50.38 7.74 10.64
N SER A 307 51.23 7.03 11.39
CA SER A 307 52.26 6.21 10.77
C SER A 307 51.65 5.13 9.88
N TYR A 308 50.62 4.43 10.37
CA TYR A 308 50.01 3.38 9.56
C TYR A 308 49.11 3.94 8.47
N GLU A 309 48.48 5.09 8.71
CA GLU A 309 47.60 5.66 7.70
C GLU A 309 48.36 6.12 6.46
N GLU A 310 49.65 6.45 6.59
CA GLU A 310 50.44 6.79 5.42
C GLU A 310 50.60 5.59 4.50
N GLU A 311 50.58 4.38 5.05
CA GLU A 311 50.57 3.18 4.22
C GLU A 311 49.19 2.96 3.62
N LEU A 312 48.14 3.08 4.44
CA LEU A 312 46.79 2.78 3.98
C LEU A 312 46.28 3.81 2.97
N ALA A 313 46.73 5.07 3.10
CA ALA A 313 46.27 6.11 2.18
C ALA A 313 46.75 5.87 0.75
N LYS A 314 47.75 5.01 0.55
CA LYS A 314 48.18 4.65 -0.79
C LYS A 314 47.11 3.87 -1.56
N ASP A 315 46.10 3.36 -0.87
CA ASP A 315 45.12 2.46 -1.47
C ASP A 315 44.00 3.28 -2.11
N PRO A 316 43.75 3.11 -3.41
CA PRO A 316 42.71 3.94 -4.06
C PRO A 316 41.34 3.82 -3.40
N ARG A 317 41.05 2.71 -2.71
CA ARG A 317 39.77 2.60 -2.01
C ARG A 317 39.72 3.53 -0.81
N ILE A 318 40.86 3.76 -0.15
CA ILE A 318 40.89 4.69 0.98
C ILE A 318 40.80 6.13 0.48
N ALA A 319 41.46 6.43 -0.64
CA ALA A 319 41.36 7.77 -1.22
C ALA A 319 39.91 8.08 -1.60
N ALA A 320 39.19 7.09 -2.12
CA ALA A 320 37.78 7.29 -2.41
C ALA A 320 36.98 7.51 -1.13
N THR A 321 37.24 6.68 -0.12
CA THR A 321 36.59 6.86 1.18
C THR A 321 36.75 8.28 1.68
N MET A 322 37.98 8.79 1.66
CA MET A 322 38.25 10.13 2.17
C MET A 322 37.73 11.22 1.24
N GLU A 323 37.56 10.92 -0.06
CA GLU A 323 36.88 11.87 -0.93
C GLU A 323 35.42 12.03 -0.51
N ASN A 324 34.74 10.93 -0.21
CA ASN A 324 33.38 11.01 0.29
C ASN A 324 33.34 11.65 1.67
N ALA A 325 34.34 11.38 2.50
CA ALA A 325 34.36 11.94 3.86
C ALA A 325 34.55 13.45 3.82
N GLN A 326 35.38 13.95 2.89
CA GLN A 326 35.53 15.40 2.74
C GLN A 326 34.20 16.04 2.35
N LYS A 327 33.35 15.31 1.62
CA LYS A 327 32.07 15.87 1.18
C LYS A 327 31.03 15.85 2.29
N GLY A 328 31.13 14.89 3.21
CA GLY A 328 30.22 14.80 4.33
C GLY A 328 30.67 15.63 5.51
N GLU A 329 30.27 15.20 6.71
CA GLU A 329 30.56 15.92 7.93
C GLU A 329 30.81 14.94 9.06
N ILE A 330 31.71 15.31 9.97
CA ILE A 330 31.89 14.51 11.17
C ILE A 330 30.61 14.56 12.00
N MET A 331 30.18 13.39 12.47
CA MET A 331 28.98 13.33 13.27
C MET A 331 29.17 14.07 14.59
N PRO A 332 28.12 14.70 15.11
CA PRO A 332 28.18 15.16 16.50
C PRO A 332 28.29 13.98 17.44
N ASN A 333 28.86 14.22 18.62
CA ASN A 333 28.88 13.22 19.67
C ASN A 333 27.94 13.56 20.81
N ILE A 334 27.05 14.53 20.63
CA ILE A 334 26.19 15.03 21.70
C ILE A 334 25.19 13.95 22.09
N PRO A 335 24.71 13.95 23.34
CA PRO A 335 23.81 12.88 23.78
C PRO A 335 22.56 12.75 22.94
N GLN A 336 22.12 13.83 22.30
CA GLN A 336 20.88 13.84 21.52
C GLN A 336 20.99 13.04 20.23
N MET A 337 22.16 12.49 19.91
CA MET A 337 22.34 11.82 18.62
C MET A 337 21.52 10.54 18.53
N SER A 338 21.43 9.77 19.62
CA SER A 338 20.64 8.55 19.58
C SER A 338 19.18 8.84 19.29
N ALA A 339 18.65 9.93 19.86
CA ALA A 339 17.27 10.32 19.56
C ALA A 339 17.12 10.79 18.13
N PHE A 340 18.13 11.49 17.60
CA PHE A 340 18.12 11.85 16.19
C PHE A 340 18.09 10.62 15.31
N TRP A 341 18.93 9.63 15.62
CA TRP A 341 19.03 8.45 14.78
C TRP A 341 17.74 7.63 14.81
N TYR A 342 17.15 7.47 16.00
CA TYR A 342 15.88 6.74 16.09
C TYR A 342 14.80 7.41 15.26
N ALA A 343 14.70 8.73 15.36
CA ALA A 343 13.65 9.46 14.64
C ALA A 343 13.79 9.29 13.14
N VAL A 344 15.02 9.43 12.62
CA VAL A 344 15.22 9.32 11.18
C VAL A 344 15.03 7.88 10.72
N ARG A 345 15.45 6.91 11.54
CA ARG A 345 15.22 5.51 11.17
C ARG A 345 13.74 5.23 10.99
N THR A 346 12.92 5.64 11.96
CA THR A 346 11.48 5.46 11.84
C THR A 346 10.94 6.16 10.61
N ALA A 347 11.38 7.40 10.36
CA ALA A 347 10.89 8.16 9.22
C ALA A 347 11.21 7.47 7.90
N VAL A 348 12.44 6.99 7.75
CA VAL A 348 12.83 6.32 6.50
C VAL A 348 12.03 5.04 6.31
N ILE A 349 11.97 4.21 7.33
CA ILE A 349 11.26 2.94 7.21
C ILE A 349 9.78 3.17 6.94
N ASN A 350 9.20 4.21 7.55
CA ASN A 350 7.75 4.43 7.41
C ASN A 350 7.41 4.98 6.03
N ALA A 351 8.26 5.84 5.48
CA ALA A 351 8.00 6.38 4.14
C ALA A 351 8.30 5.34 3.06
N ALA A 352 9.35 4.54 3.26
CA ALA A 352 9.68 3.51 2.28
C ALA A 352 8.59 2.45 2.19
N SER A 353 7.88 2.20 3.30
CA SER A 353 6.82 1.21 3.34
C SER A 353 5.46 1.74 2.91
N GLY A 354 5.34 3.06 2.74
CA GLY A 354 4.06 3.67 2.45
C GLY A 354 3.18 3.90 3.66
N ARG A 355 3.56 3.41 4.83
CA ARG A 355 2.74 3.60 6.03
C ARG A 355 2.59 5.09 6.36
N GLN A 356 3.59 5.90 6.01
CA GLN A 356 3.51 7.34 6.14
C GLN A 356 4.02 7.98 4.86
N THR A 357 3.47 9.15 4.55
CA THR A 357 4.03 9.96 3.48
C THR A 357 5.38 10.53 3.91
N VAL A 358 6.14 11.03 2.94
CA VAL A 358 7.44 11.62 3.24
C VAL A 358 7.26 12.82 4.17
N ASP A 359 6.31 13.70 3.84
CA ASP A 359 6.08 14.89 4.65
C ASP A 359 5.70 14.50 6.07
N ALA A 360 4.78 13.54 6.22
CA ALA A 360 4.33 13.13 7.54
C ALA A 360 5.45 12.43 8.31
N ALA A 361 6.23 11.59 7.62
CA ALA A 361 7.33 10.90 8.28
C ALA A 361 8.37 11.88 8.80
N LEU A 362 8.77 12.84 7.96
CA LEU A 362 9.81 13.77 8.36
C LEU A 362 9.30 14.81 9.35
N ALA A 363 8.00 15.14 9.29
CA ALA A 363 7.43 16.07 10.27
C ALA A 363 7.51 15.48 11.68
N ALA A 364 7.18 14.20 11.82
CA ALA A 364 7.29 13.56 13.12
C ALA A 364 8.76 13.37 13.52
N ALA A 365 9.61 13.06 12.54
CA ALA A 365 11.03 12.89 12.84
C ALA A 365 11.63 14.19 13.37
N GLN A 366 11.20 15.33 12.85
CA GLN A 366 11.73 16.61 13.32
C GLN A 366 11.42 16.81 14.80
N THR A 367 10.15 16.66 15.18
CA THR A 367 9.78 16.87 16.58
C THR A 367 10.38 15.80 17.48
N ASN A 368 10.54 14.57 16.98
CA ASN A 368 11.12 13.52 17.80
C ASN A 368 12.61 13.76 18.05
N ALA A 369 13.35 14.18 17.01
CA ALA A 369 14.77 14.44 17.18
C ALA A 369 15.03 15.63 18.10
N ALA A 370 14.06 16.52 18.22
CA ALA A 370 14.24 17.67 19.07
C ALA A 370 13.62 17.51 20.44
N ARG A 371 12.87 16.45 20.65
CA ARG A 371 12.20 16.26 21.92
C ARG A 371 13.16 16.04 23.07
N ARG A 372 12.95 16.78 24.12
CA ARG A 372 13.77 16.67 25.30
C ARG A 372 13.41 15.43 26.12
N LYS A 373 14.36 14.52 26.30
CA LYS A 373 14.10 13.31 27.08
C LYS A 373 13.88 13.69 28.54
N PRO A 374 12.69 13.44 29.10
CA PRO A 374 12.46 13.79 30.51
C PRO A 374 13.45 13.08 31.41
N SER A 375 13.91 13.79 32.44
CA SER A 375 14.90 13.25 33.35
C SER A 375 14.29 12.15 34.22
N TRP A 376 15.16 11.44 34.94
CA TRP A 376 14.67 10.49 35.92
C TRP A 376 13.78 11.17 36.94
N ARG A 377 14.17 12.37 37.39
CA ARG A 377 13.39 13.05 38.42
C ARG A 377 12.06 13.55 37.89
N GLU A 378 12.02 14.01 36.64
CA GLU A 378 10.74 14.41 36.05
C GLU A 378 9.79 13.23 35.99
N ARG A 379 10.29 12.07 35.53
CA ARG A 379 9.47 10.87 35.51
C ARG A 379 9.02 10.49 36.91
N GLU A 380 9.91 10.58 37.88
CA GLU A 380 9.59 10.22 39.25
C GLU A 380 8.57 11.14 39.86
N ASN A 381 8.67 12.42 39.56
CA ASN A 381 7.75 13.44 40.00
C ASN A 381 6.32 13.07 39.50
N ASN A 382 6.23 12.71 38.24
CA ASN A 382 5.01 12.39 37.59
C ASN A 382 4.43 11.14 38.21
N ARG A 383 5.25 10.12 38.35
CA ARG A 383 4.80 8.87 38.96
C ARG A 383 4.22 9.11 40.35
N ARG A 384 4.89 9.93 41.16
CA ARG A 384 4.43 10.16 42.52
C ARG A 384 3.14 10.97 42.54
N ARG A 385 2.99 11.95 41.66
CA ARG A 385 1.77 12.74 41.62
C ARG A 385 0.56 11.85 41.36
N GLU A 386 0.67 10.94 40.40
CA GLU A 386 -0.45 10.05 40.10
C GLU A 386 -0.65 9.02 41.20
N ARG A 387 0.45 8.52 41.78
CA ARG A 387 0.33 7.64 42.94
C ARG A 387 -0.45 8.32 44.06
N ARG A 388 -0.12 9.59 44.33
CA ARG A 388 -0.80 10.32 45.39
C ARG A 388 -2.26 10.59 45.03
N ARG A 389 -2.53 10.94 43.78
CA ARG A 389 -3.91 11.18 43.37
C ARG A 389 -4.78 9.95 43.59
N ARG A 390 -4.26 8.78 43.24
CA ARG A 390 -5.03 7.55 43.45
C ARG A 390 -5.20 7.25 44.93
N ALA A 391 -4.17 7.54 45.74
CA ALA A 391 -4.22 7.22 47.16
C ALA A 391 -5.21 8.13 47.90
N VAL A 392 -5.34 9.39 47.49
CA VAL A 392 -6.34 10.26 48.08
C VAL A 392 -7.75 9.75 47.76
N ALA A 393 -7.98 9.40 46.49
CA ALA A 393 -9.29 8.89 46.09
C ALA A 393 -9.63 7.60 46.83
N ALA A 394 -8.67 6.68 46.91
CA ALA A 394 -8.93 5.40 47.58
C ALA A 394 -9.27 5.60 49.04
N LYS A 395 -8.67 6.59 49.69
CA LYS A 395 -8.99 6.85 51.10
C LYS A 395 -10.40 7.38 51.26
N ILE A 396 -10.85 8.22 50.33
CA ILE A 396 -12.20 8.76 50.40
C ILE A 396 -13.24 7.65 50.26
N TYR A 397 -13.03 6.76 49.29
CA TYR A 397 -14.00 5.69 49.07
C TYR A 397 -13.96 4.66 50.19
N THR A 398 -12.78 4.41 50.77
CA THR A 398 -12.72 3.58 51.97
C THR A 398 -13.60 4.15 53.07
N GLY A 399 -13.45 5.45 53.34
CA GLY A 399 -14.27 6.08 54.36
C GLY A 399 -15.75 6.08 54.03
N LEU A 400 -16.10 6.24 52.76
CA LEU A 400 -17.51 6.19 52.36
C LEU A 400 -18.08 4.79 52.55
N ARG A 401 -17.33 3.76 52.10
CA ARG A 401 -17.82 2.40 52.24
C ARG A 401 -17.93 1.99 53.71
N ALA A 402 -17.03 2.49 54.55
CA ALA A 402 -16.99 2.04 55.94
C ALA A 402 -17.98 2.78 56.82
N GLN A 403 -18.35 4.00 56.49
CA GLN A 403 -19.24 4.80 57.33
C GLN A 403 -20.50 5.27 56.63
N GLY A 404 -20.66 5.01 55.33
CA GLY A 404 -21.78 5.58 54.61
C GLY A 404 -23.10 4.89 54.93
N ASP A 405 -23.08 3.58 55.12
CA ASP A 405 -24.30 2.78 55.23
C ASP A 405 -25.21 3.05 54.03
N TYR A 406 -24.62 2.93 52.84
CA TYR A 406 -25.26 3.35 51.59
C TYR A 406 -26.18 2.29 51.00
N ASN A 407 -26.36 1.15 51.66
CA ASN A 407 -27.11 0.05 51.08
C ASN A 407 -26.55 -0.31 49.70
N LEU A 408 -25.32 -0.78 49.74
CA LEU A 408 -24.59 -1.23 48.57
C LEU A 408 -24.61 -2.74 48.47
N PRO A 409 -24.43 -3.28 47.26
CA PRO A 409 -24.30 -4.74 47.12
C PRO A 409 -23.00 -5.22 47.77
N LYS A 410 -22.91 -6.54 47.90
CA LYS A 410 -21.72 -7.13 48.51
C LYS A 410 -20.46 -6.71 47.78
N HIS A 411 -20.49 -6.71 46.45
CA HIS A 411 -19.39 -6.25 45.62
C HIS A 411 -19.88 -5.17 44.67
N CYS A 412 -19.16 -4.04 44.64
CA CYS A 412 -19.46 -2.96 43.71
C CYS A 412 -18.21 -2.13 43.53
N ASP A 413 -18.19 -1.35 42.45
CA ASP A 413 -17.02 -0.51 42.20
C ASP A 413 -17.23 0.88 42.79
N ASN A 414 -16.18 1.70 42.70
CA ASN A 414 -16.21 3.03 43.31
C ASN A 414 -17.26 3.91 42.66
N ASN A 415 -17.54 3.71 41.37
CA ASN A 415 -18.58 4.49 40.71
C ASN A 415 -19.92 4.33 41.39
N GLU A 416 -20.23 3.11 41.87
CA GLU A 416 -21.48 2.88 42.59
C GLU A 416 -21.45 3.57 43.95
N VAL A 417 -20.30 3.60 44.61
CA VAL A 417 -20.18 4.35 45.85
C VAL A 417 -20.35 5.84 45.57
N LEU A 418 -19.70 6.34 44.51
CA LEU A 418 -19.89 7.73 44.11
C LEU A 418 -21.37 8.02 43.86
N LYS A 419 -22.07 7.11 43.17
CA LYS A 419 -23.48 7.32 42.88
C LYS A 419 -24.28 7.47 44.16
N ALA A 420 -24.05 6.58 45.13
CA ALA A 420 -24.75 6.69 46.41
C ALA A 420 -24.45 8.01 47.10
N LEU A 421 -23.18 8.43 47.07
CA LEU A 421 -22.82 9.73 47.62
C LEU A 421 -23.62 10.85 46.95
N CYS A 422 -23.80 10.76 45.64
CA CYS A 422 -24.45 11.84 44.89
C CYS A 422 -25.92 11.98 45.32
N VAL A 423 -26.65 10.86 45.39
CA VAL A 423 -28.06 10.96 45.76
C VAL A 423 -28.20 11.40 47.21
N GLU A 424 -27.28 11.00 48.08
CA GLU A 424 -27.30 11.51 49.45
C GLU A 424 -27.26 13.03 49.45
N ALA A 425 -26.47 13.62 48.56
CA ALA A 425 -26.35 15.07 48.45
C ALA A 425 -27.43 15.69 47.57
N GLY A 426 -28.45 14.92 47.18
CA GLY A 426 -29.55 15.46 46.42
C GLY A 426 -29.36 15.47 44.91
N TRP A 427 -28.52 14.59 44.38
CA TRP A 427 -28.28 14.50 42.95
C TRP A 427 -28.99 13.29 42.36
N VAL A 428 -29.13 13.31 41.04
CA VAL A 428 -29.60 12.17 40.27
C VAL A 428 -28.51 11.77 39.29
N VAL A 429 -28.21 10.48 39.22
CA VAL A 429 -27.15 9.96 38.36
C VAL A 429 -27.75 8.86 37.50
N GLU A 430 -27.75 9.06 36.18
CA GLU A 430 -28.25 8.06 35.26
C GLU A 430 -27.23 6.94 35.10
N GLU A 431 -27.60 5.93 34.32
CA GLU A 431 -26.76 4.74 34.22
C GLU A 431 -25.38 5.07 33.64
N ASP A 432 -25.31 6.00 32.70
CA ASP A 432 -24.05 6.35 32.06
C ASP A 432 -23.29 7.45 32.80
N GLY A 433 -23.75 7.85 33.97
CA GLY A 433 -23.07 8.89 34.73
C GLY A 433 -23.63 10.28 34.55
N THR A 434 -24.62 10.46 33.69
CA THR A 434 -25.30 11.75 33.58
C THR A 434 -25.83 12.18 34.93
N THR A 435 -25.37 13.31 35.43
CA THR A 435 -25.65 13.73 36.80
C THR A 435 -26.23 15.14 36.81
N TYR A 436 -27.35 15.30 37.50
CA TYR A 436 -28.02 16.59 37.61
C TYR A 436 -28.73 16.65 38.96
N ARG A 437 -29.17 17.87 39.31
CA ARG A 437 -29.92 18.07 40.54
C ARG A 437 -31.41 17.89 40.31
N MET B 1 7.06 -6.64 4.00
CA MET B 1 7.10 -7.10 2.62
C MET B 1 5.85 -7.89 2.26
N LYS B 2 5.60 -7.98 0.97
CA LYS B 2 4.49 -8.75 0.54
C LYS B 2 4.90 -9.70 -0.53
N ILE B 3 4.25 -10.82 -0.52
CA ILE B 3 4.47 -11.82 -1.50
C ILE B 3 3.69 -11.38 -2.73
N GLU B 4 4.30 -11.58 -3.87
CA GLU B 4 3.68 -11.18 -5.14
C GLU B 4 3.83 -12.30 -6.17
N GLU B 5 2.84 -12.38 -7.05
CA GLU B 5 2.77 -13.47 -8.02
C GLU B 5 4.02 -13.51 -8.90
N GLY B 6 4.49 -14.72 -9.18
CA GLY B 6 5.61 -14.93 -10.07
C GLY B 6 6.98 -14.91 -9.42
N LYS B 7 7.06 -14.59 -8.13
CA LYS B 7 8.30 -14.56 -7.40
C LYS B 7 8.15 -15.37 -6.11
N LEU B 8 9.25 -15.96 -5.65
CA LEU B 8 9.27 -16.70 -4.40
C LEU B 8 10.29 -16.08 -3.47
N VAL B 9 9.90 -15.87 -2.21
CA VAL B 9 10.77 -15.37 -1.16
C VAL B 9 10.74 -16.38 -0.02
N ILE B 10 11.93 -16.73 0.48
CA ILE B 10 12.07 -17.78 1.48
C ILE B 10 12.78 -17.22 2.70
N TRP B 11 12.28 -17.56 3.88
CA TRP B 11 12.92 -17.24 5.15
C TRP B 11 13.48 -18.52 5.76
N ILE B 12 14.77 -18.50 6.08
CA ILE B 12 15.43 -19.60 6.75
C ILE B 12 16.42 -19.02 7.76
N ASN B 13 16.66 -19.75 8.84
CA ASN B 13 17.49 -19.23 9.91
C ASN B 13 18.95 -19.10 9.45
N GLY B 14 19.65 -18.16 10.09
CA GLY B 14 20.99 -17.78 9.68
C GLY B 14 22.08 -18.80 9.97
N ASP B 15 21.78 -19.85 10.73
CA ASP B 15 22.75 -20.90 10.95
C ASP B 15 22.60 -22.06 9.97
N LYS B 16 21.63 -21.99 9.07
CA LYS B 16 21.40 -23.02 8.07
C LYS B 16 22.08 -22.64 6.75
N GLY B 17 22.08 -23.59 5.82
CA GLY B 17 22.77 -23.40 4.56
C GLY B 17 22.01 -22.57 3.55
N TYR B 18 21.84 -21.28 3.86
CA TYR B 18 21.00 -20.44 3.01
C TYR B 18 21.65 -20.15 1.66
N ASN B 19 22.98 -20.19 1.57
CA ASN B 19 23.63 -20.02 0.29
C ASN B 19 23.36 -21.21 -0.63
N GLY B 20 23.48 -22.43 -0.08
CA GLY B 20 23.15 -23.61 -0.86
C GLY B 20 21.69 -23.62 -1.28
N LEU B 21 20.80 -23.12 -0.41
CA LEU B 21 19.38 -23.08 -0.75
C LEU B 21 19.11 -22.07 -1.86
N ALA B 22 19.81 -20.94 -1.84
CA ALA B 22 19.68 -19.99 -2.95
C ALA B 22 20.17 -20.61 -4.25
N GLU B 23 21.18 -21.49 -4.17
CA GLU B 23 21.61 -22.22 -5.36
C GLU B 23 20.47 -23.05 -5.93
N VAL B 24 19.66 -23.66 -5.06
CA VAL B 24 18.49 -24.38 -5.52
C VAL B 24 17.49 -23.42 -6.14
N GLY B 25 17.32 -22.24 -5.54
CA GLY B 25 16.45 -21.24 -6.12
C GLY B 25 16.92 -20.78 -7.49
N LYS B 26 18.24 -20.78 -7.73
CA LYS B 26 18.76 -20.36 -9.02
C LYS B 26 18.46 -21.37 -10.11
N LYS B 27 18.55 -22.67 -9.77
CA LYS B 27 18.13 -23.69 -10.74
C LYS B 27 16.65 -23.57 -11.05
N PHE B 28 15.82 -23.35 -10.02
CA PHE B 28 14.40 -23.16 -10.23
C PHE B 28 14.14 -22.03 -11.22
N GLU B 29 14.87 -20.93 -11.09
CA GLU B 29 14.68 -19.80 -12.01
C GLU B 29 15.14 -20.16 -13.41
N LYS B 30 16.23 -20.94 -13.52
CA LYS B 30 16.71 -21.34 -14.84
C LYS B 30 15.66 -22.12 -15.61
N ASP B 31 14.96 -23.02 -14.93
CA ASP B 31 14.03 -23.92 -15.60
C ASP B 31 12.62 -23.36 -15.72
N THR B 32 12.18 -22.54 -14.77
CA THR B 32 10.81 -22.02 -14.77
C THR B 32 10.72 -20.52 -15.02
N GLY B 33 11.80 -19.77 -14.84
CA GLY B 33 11.76 -18.34 -14.96
C GLY B 33 11.31 -17.60 -13.71
N ILE B 34 11.05 -18.32 -12.62
CA ILE B 34 10.56 -17.71 -11.38
C ILE B 34 11.76 -17.36 -10.51
N LYS B 35 11.85 -16.08 -10.12
CA LYS B 35 12.91 -15.65 -9.23
C LYS B 35 12.67 -16.17 -7.82
N VAL B 36 13.74 -16.56 -7.14
CA VAL B 36 13.67 -17.08 -5.78
C VAL B 36 14.69 -16.33 -4.94
N THR B 37 14.20 -15.63 -3.91
CA THR B 37 15.06 -14.89 -2.99
C THR B 37 15.05 -15.59 -1.63
N VAL B 38 16.23 -15.88 -1.10
CA VAL B 38 16.40 -16.52 0.20
C VAL B 38 16.97 -15.48 1.16
N GLU B 39 16.24 -15.21 2.23
CA GLU B 39 16.67 -14.27 3.26
C GLU B 39 16.69 -14.97 4.61
N HIS B 40 17.58 -14.52 5.48
CA HIS B 40 17.77 -15.13 6.80
C HIS B 40 17.68 -14.07 7.89
N PRO B 41 16.53 -13.40 8.02
CA PRO B 41 16.39 -12.36 9.03
C PRO B 41 16.49 -12.93 10.44
N ASP B 42 16.75 -12.03 11.39
CA ASP B 42 16.82 -12.41 12.80
C ASP B 42 15.43 -12.62 13.37
N LYS B 43 15.34 -13.53 14.35
CA LYS B 43 14.09 -13.77 15.06
C LYS B 43 12.93 -14.03 14.10
N LEU B 44 13.22 -14.72 12.99
CA LEU B 44 12.20 -14.95 11.99
C LEU B 44 11.03 -15.75 12.55
N GLU B 45 11.29 -16.69 13.45
CA GLU B 45 10.21 -17.47 14.05
C GLU B 45 9.27 -16.59 14.87
N GLU B 46 9.71 -15.42 15.30
CA GLU B 46 8.84 -14.45 15.97
C GLU B 46 8.27 -13.41 15.02
N LYS B 47 9.02 -13.02 13.98
CA LYS B 47 8.52 -12.04 13.03
C LYS B 47 7.41 -12.61 12.17
N PHE B 48 7.51 -13.89 11.79
CA PHE B 48 6.54 -14.47 10.86
C PHE B 48 5.11 -14.40 11.39
N PRO B 49 4.81 -14.80 12.63
CA PRO B 49 3.44 -14.69 13.13
C PRO B 49 2.95 -13.24 13.23
N GLN B 50 3.86 -12.27 13.26
CA GLN B 50 3.42 -10.88 13.37
C GLN B 50 3.02 -10.31 12.02
N VAL B 51 3.71 -10.70 10.95
CA VAL B 51 3.42 -10.15 9.63
C VAL B 51 2.42 -10.99 8.85
N ALA B 52 2.42 -12.31 9.04
CA ALA B 52 1.56 -13.18 8.24
C ALA B 52 0.09 -13.01 8.59
N ALA B 53 -0.23 -12.66 9.84
CA ALA B 53 -1.63 -12.43 10.20
C ALA B 53 -2.26 -11.37 9.32
N THR B 54 -1.48 -10.39 8.88
CA THR B 54 -1.96 -9.30 8.05
C THR B 54 -1.83 -9.59 6.55
N GLY B 55 -1.28 -10.74 6.18
CA GLY B 55 -1.08 -11.11 4.80
C GLY B 55 0.34 -10.93 4.30
N ASP B 56 1.22 -10.34 5.10
CA ASP B 56 2.60 -10.12 4.68
C ASP B 56 3.44 -11.36 4.95
N GLY B 57 4.76 -11.19 5.01
CA GLY B 57 5.65 -12.31 5.24
C GLY B 57 6.10 -12.98 3.97
N PRO B 58 6.99 -13.96 4.08
CA PRO B 58 7.53 -14.62 2.90
C PRO B 58 6.56 -15.66 2.33
N ASP B 59 6.94 -16.19 1.16
CA ASP B 59 6.17 -17.28 0.57
C ASP B 59 6.37 -18.57 1.36
N ILE B 60 7.62 -18.88 1.71
CA ILE B 60 7.97 -20.09 2.45
C ILE B 60 8.75 -19.68 3.68
N ILE B 61 8.53 -20.40 4.78
CA ILE B 61 9.25 -20.17 6.03
C ILE B 61 9.84 -21.50 6.50
N PHE B 62 11.15 -21.51 6.77
CA PHE B 62 11.85 -22.67 7.29
C PHE B 62 12.05 -22.51 8.80
N TRP B 63 11.62 -23.50 9.56
CA TRP B 63 11.94 -23.58 10.98
C TRP B 63 11.72 -25.01 11.45
N ALA B 64 12.24 -25.32 12.62
CA ALA B 64 11.92 -26.59 13.25
C ALA B 64 10.42 -26.71 13.43
N HIS B 65 9.93 -27.96 13.41
CA HIS B 65 8.50 -28.19 13.38
C HIS B 65 7.78 -27.68 14.63
N ASP B 66 8.50 -27.44 15.73
CA ASP B 66 7.81 -27.14 16.99
C ASP B 66 7.06 -25.82 16.95
N ARG B 67 7.43 -24.91 16.05
CA ARG B 67 6.73 -23.63 15.94
C ARG B 67 5.46 -23.72 15.09
N PHE B 68 5.32 -24.76 14.28
CA PHE B 68 4.34 -24.71 13.19
C PHE B 68 2.92 -24.91 13.68
N GLY B 69 2.72 -25.69 14.73
CA GLY B 69 1.37 -25.83 15.28
C GLY B 69 0.76 -24.49 15.62
N GLY B 70 1.55 -23.59 16.23
CA GLY B 70 1.04 -22.28 16.56
C GLY B 70 0.74 -21.42 15.35
N TYR B 71 1.55 -21.55 14.30
CA TYR B 71 1.25 -20.86 13.05
C TYR B 71 -0.06 -21.36 12.46
N ALA B 72 -0.27 -22.69 12.48
CA ALA B 72 -1.49 -23.26 11.93
C ALA B 72 -2.71 -22.83 12.73
N GLN B 73 -2.62 -22.89 14.06
CA GLN B 73 -3.74 -22.45 14.90
C GLN B 73 -4.15 -21.03 14.57
N SER B 74 -3.20 -20.17 14.23
CA SER B 74 -3.47 -18.79 13.85
C SER B 74 -3.82 -18.63 12.39
N GLY B 75 -3.88 -19.73 11.62
CA GLY B 75 -4.26 -19.66 10.23
C GLY B 75 -3.22 -19.06 9.31
N LEU B 76 -1.94 -19.19 9.64
CA LEU B 76 -0.86 -18.59 8.87
C LEU B 76 -0.30 -19.51 7.80
N LEU B 77 -0.73 -20.77 7.74
CA LEU B 77 -0.10 -21.77 6.91
C LEU B 77 -1.14 -22.42 5.99
N ALA B 78 -0.75 -22.63 4.74
CA ALA B 78 -1.58 -23.38 3.81
C ALA B 78 -1.41 -24.87 4.07
N GLU B 79 -2.51 -25.62 3.92
CA GLU B 79 -2.42 -27.07 4.07
C GLU B 79 -1.58 -27.66 2.95
N ILE B 80 -0.71 -28.58 3.31
CA ILE B 80 0.13 -29.28 2.34
C ILE B 80 -0.58 -30.56 1.91
N THR B 81 -0.69 -30.77 0.60
CA THR B 81 -1.40 -31.92 0.05
C THR B 81 -0.53 -32.58 -1.01
N PRO B 82 0.59 -33.19 -0.61
CA PRO B 82 1.40 -33.93 -1.58
C PRO B 82 0.70 -35.21 -2.00
N ALA B 83 0.98 -35.65 -3.21
CA ALA B 83 0.47 -36.93 -3.66
C ALA B 83 1.05 -38.05 -2.80
N ALA B 84 0.36 -39.19 -2.78
CA ALA B 84 0.87 -40.34 -2.06
C ALA B 84 2.30 -40.65 -2.50
N ALA B 85 2.53 -40.65 -3.82
CA ALA B 85 3.85 -40.95 -4.35
C ALA B 85 4.93 -40.09 -3.71
N PHE B 86 4.63 -38.82 -3.45
CA PHE B 86 5.66 -37.98 -2.85
C PHE B 86 5.78 -38.23 -1.35
N GLN B 87 4.66 -38.42 -0.65
CA GLN B 87 4.75 -38.74 0.76
C GLN B 87 5.61 -39.98 0.99
N ASP B 88 5.51 -40.96 0.08
CA ASP B 88 6.31 -42.17 0.19
C ASP B 88 7.81 -41.89 0.18
N LYS B 89 8.23 -40.71 -0.29
CA LYS B 89 9.64 -40.40 -0.41
C LYS B 89 10.28 -40.00 0.92
N LEU B 90 9.47 -39.63 1.91
CA LEU B 90 9.97 -39.21 3.20
C LEU B 90 9.60 -40.22 4.28
N TYR B 91 10.43 -40.29 5.32
CA TYR B 91 10.17 -41.19 6.42
C TYR B 91 8.84 -40.83 7.08
N PRO B 92 7.97 -41.81 7.34
CA PRO B 92 6.68 -41.49 7.98
C PRO B 92 6.81 -40.60 9.21
N PHE B 93 7.80 -40.85 10.08
CA PHE B 93 7.86 -40.11 11.34
C PHE B 93 8.18 -38.63 11.11
N THR B 94 8.85 -38.29 10.01
CA THR B 94 9.05 -36.88 9.70
C THR B 94 7.73 -36.22 9.33
N TRP B 95 6.83 -36.95 8.67
CA TRP B 95 5.51 -36.42 8.38
C TRP B 95 4.70 -36.22 9.65
N ASP B 96 4.81 -37.15 10.60
CA ASP B 96 4.12 -36.99 11.88
C ASP B 96 4.50 -35.66 12.53
N ALA B 97 5.76 -35.26 12.40
CA ALA B 97 6.22 -34.03 13.03
C ALA B 97 5.49 -32.81 12.49
N VAL B 98 5.03 -32.85 11.24
CA VAL B 98 4.39 -31.70 10.61
C VAL B 98 2.89 -31.91 10.46
N ARG B 99 2.30 -32.88 11.15
CA ARG B 99 0.86 -33.06 11.16
C ARG B 99 0.28 -32.40 12.41
N TYR B 100 -0.72 -31.54 12.20
CA TYR B 100 -1.37 -30.82 13.28
C TYR B 100 -2.87 -30.87 13.07
N ASN B 101 -3.59 -31.45 14.04
CA ASN B 101 -5.03 -31.62 13.95
C ASN B 101 -5.43 -32.35 12.66
N GLY B 102 -4.66 -33.38 12.31
CA GLY B 102 -4.97 -34.26 11.21
C GLY B 102 -4.54 -33.77 9.84
N LYS B 103 -3.92 -32.60 9.74
CA LYS B 103 -3.54 -32.01 8.46
C LYS B 103 -2.04 -31.77 8.42
N LEU B 104 -1.44 -32.03 7.27
CA LEU B 104 -0.03 -31.72 7.07
C LEU B 104 0.12 -30.22 6.82
N ILE B 105 0.98 -29.57 7.60
CA ILE B 105 1.11 -28.13 7.61
C ILE B 105 2.48 -27.66 7.15
N ALA B 106 3.34 -28.59 6.72
CA ALA B 106 4.66 -28.20 6.25
C ALA B 106 5.34 -29.41 5.61
N TYR B 107 6.38 -29.13 4.83
CA TYR B 107 7.23 -30.18 4.29
C TYR B 107 8.39 -30.42 5.24
N PRO B 108 8.57 -31.63 5.77
CA PRO B 108 9.76 -31.89 6.58
C PRO B 108 11.00 -32.00 5.72
N ILE B 109 12.11 -31.46 6.22
CA ILE B 109 13.36 -31.38 5.49
C ILE B 109 14.43 -32.28 6.11
N ALA B 110 14.68 -32.14 7.40
CA ALA B 110 15.76 -32.88 8.03
C ALA B 110 15.53 -32.96 9.52
N VAL B 111 16.11 -34.00 10.14
CA VAL B 111 16.01 -34.22 11.58
C VAL B 111 17.29 -33.71 12.24
N GLU B 112 17.14 -32.89 13.27
CA GLU B 112 18.26 -32.30 13.98
C GLU B 112 18.24 -32.76 15.43
N ALA B 113 19.43 -33.11 15.93
CA ALA B 113 19.62 -33.39 17.35
C ALA B 113 20.99 -32.89 17.75
N LEU B 114 21.08 -32.38 18.99
CA LEU B 114 22.36 -31.94 19.52
C LEU B 114 23.25 -33.14 19.82
N SER B 115 24.55 -32.94 19.63
CA SER B 115 25.56 -33.93 19.98
C SER B 115 26.67 -33.25 20.78
N LEU B 116 27.49 -34.06 21.42
CA LEU B 116 28.72 -33.58 22.03
C LEU B 116 29.79 -33.50 20.95
N ILE B 117 30.35 -32.31 20.77
CA ILE B 117 31.45 -32.07 19.83
C ILE B 117 32.71 -31.82 20.64
N TYR B 118 33.79 -32.52 20.30
CA TYR B 118 34.99 -32.47 21.12
C TYR B 118 36.24 -32.37 20.25
N ASN B 119 37.26 -31.72 20.81
CA ASN B 119 38.55 -31.53 20.15
C ASN B 119 39.44 -32.73 20.44
N LYS B 120 39.70 -33.55 19.42
CA LYS B 120 40.43 -34.79 19.63
C LYS B 120 41.87 -34.55 20.08
N ASP B 121 42.48 -33.44 19.65
CA ASP B 121 43.86 -33.18 20.04
C ASP B 121 43.95 -32.74 21.50
N LEU B 122 43.01 -31.89 21.94
CA LEU B 122 42.95 -31.48 23.33
C LEU B 122 42.39 -32.56 24.25
N LEU B 123 41.62 -33.50 23.71
CA LEU B 123 40.82 -34.43 24.51
C LEU B 123 40.57 -35.68 23.69
N PRO B 124 41.53 -36.60 23.66
CA PRO B 124 41.35 -37.80 22.84
C PRO B 124 40.19 -38.67 23.30
N ASN B 125 39.96 -38.73 24.62
CA ASN B 125 38.89 -39.54 25.18
C ASN B 125 37.84 -38.62 25.81
N PRO B 126 36.75 -38.31 25.11
CA PRO B 126 35.78 -37.38 25.68
C PRO B 126 35.10 -37.96 26.87
N PRO B 127 34.60 -37.14 27.80
CA PRO B 127 33.96 -37.66 29.01
C PRO B 127 32.63 -38.31 28.71
N LYS B 128 32.33 -39.39 29.44
CA LYS B 128 31.07 -40.10 29.31
C LYS B 128 30.00 -39.56 30.24
N THR B 129 30.37 -38.77 31.25
CA THR B 129 29.43 -38.27 32.25
C THR B 129 29.57 -36.76 32.37
N TRP B 130 28.46 -36.11 32.71
CA TRP B 130 28.53 -34.70 33.08
C TRP B 130 29.34 -34.51 34.35
N GLU B 131 29.30 -35.48 35.26
CA GLU B 131 29.87 -35.31 36.59
C GLU B 131 31.38 -35.09 36.54
N GLU B 132 32.07 -35.67 35.56
CA GLU B 132 33.53 -35.60 35.51
C GLU B 132 34.04 -34.34 34.81
N ILE B 133 33.15 -33.49 34.31
CA ILE B 133 33.54 -32.31 33.54
C ILE B 133 34.22 -31.27 34.44
N PRO B 134 33.76 -31.06 35.68
CA PRO B 134 34.47 -30.11 36.55
C PRO B 134 35.96 -30.41 36.69
N ALA B 135 36.31 -31.66 37.02
CA ALA B 135 37.71 -32.02 37.17
C ALA B 135 38.45 -31.92 35.84
N LEU B 136 37.80 -32.30 34.75
CA LEU B 136 38.42 -32.13 33.43
C LEU B 136 38.73 -30.67 33.15
N ASP B 137 37.86 -29.76 33.60
CA ASP B 137 38.10 -28.34 33.39
C ASP B 137 39.29 -27.86 34.21
N LYS B 138 39.35 -28.23 35.48
CA LYS B 138 40.50 -27.86 36.31
C LYS B 138 41.81 -28.23 35.63
N GLU B 139 41.87 -29.42 35.04
CA GLU B 139 43.08 -29.86 34.37
C GLU B 139 43.37 -29.02 33.12
N LEU B 140 42.34 -28.74 32.32
CA LEU B 140 42.55 -27.98 31.10
C LEU B 140 42.82 -26.50 31.40
N LYS B 141 42.26 -25.98 32.48
CA LYS B 141 42.54 -24.58 32.84
C LYS B 141 44.01 -24.39 33.17
N ALA B 142 44.66 -25.38 33.78
CA ALA B 142 46.08 -25.30 34.04
C ALA B 142 46.87 -25.13 32.74
N LYS B 143 46.37 -25.70 31.64
CA LYS B 143 47.03 -25.62 30.34
C LYS B 143 46.58 -24.42 29.53
N GLY B 144 45.74 -23.54 30.10
CA GLY B 144 45.27 -22.37 29.38
C GLY B 144 44.01 -22.58 28.57
N LYS B 145 43.29 -23.67 28.79
CA LYS B 145 42.09 -23.98 28.03
C LYS B 145 40.92 -24.19 29.00
N SER B 146 39.78 -24.59 28.44
CA SER B 146 38.59 -24.88 29.23
C SER B 146 37.93 -26.14 28.71
N ALA B 147 37.11 -26.75 29.57
CA ALA B 147 36.52 -28.04 29.22
C ALA B 147 35.38 -27.89 28.21
N LEU B 148 34.39 -27.07 28.55
CA LEU B 148 33.14 -27.06 27.80
C LEU B 148 32.59 -25.65 27.67
N MET B 149 32.10 -25.32 26.48
CA MET B 149 31.42 -24.06 26.24
C MET B 149 30.28 -24.29 25.25
N PHE B 150 29.08 -23.87 25.62
CA PHE B 150 27.94 -23.96 24.72
C PHE B 150 26.97 -22.82 25.04
N ASN B 151 26.02 -22.62 24.12
CA ASN B 151 25.10 -21.49 24.19
C ASN B 151 24.20 -21.62 25.40
N LEU B 152 24.34 -20.72 26.37
CA LEU B 152 23.50 -20.69 27.55
C LEU B 152 22.35 -19.71 27.46
N GLN B 153 22.19 -19.03 26.33
CA GLN B 153 21.12 -18.07 26.14
C GLN B 153 19.87 -18.67 25.52
N GLU B 154 19.97 -19.85 24.92
CA GLU B 154 18.81 -20.52 24.32
C GLU B 154 18.57 -21.86 25.01
N PRO B 155 17.40 -22.06 25.60
CA PRO B 155 17.18 -23.28 26.40
C PRO B 155 17.29 -24.58 25.61
N TYR B 156 17.23 -24.52 24.28
CA TYR B 156 17.44 -25.70 23.45
C TYR B 156 18.71 -26.44 23.83
N PHE B 157 19.79 -25.69 24.11
CA PHE B 157 21.09 -26.29 24.36
C PHE B 157 21.23 -26.85 25.77
N THR B 158 20.45 -26.35 26.73
CA THR B 158 20.50 -26.86 28.10
C THR B 158 19.43 -27.90 28.36
N TRP B 159 18.40 -27.98 27.53
CA TRP B 159 17.33 -28.95 27.75
C TRP B 159 17.81 -30.39 27.87
N PRO B 160 18.79 -30.86 27.08
CA PRO B 160 19.24 -32.26 27.24
C PRO B 160 19.62 -32.59 28.68
N LEU B 161 20.29 -31.67 29.36
CA LEU B 161 20.67 -31.91 30.75
C LEU B 161 19.48 -31.82 31.69
N ILE B 162 18.59 -30.85 31.45
CA ILE B 162 17.41 -30.70 32.30
C ILE B 162 16.53 -31.95 32.21
N ALA B 163 16.38 -32.51 31.01
CA ALA B 163 15.52 -33.66 30.82
C ALA B 163 16.17 -34.98 31.23
N ALA B 164 17.50 -34.99 31.40
CA ALA B 164 18.21 -36.24 31.64
C ALA B 164 17.63 -37.01 32.82
N ASP B 165 17.47 -36.35 33.96
CA ASP B 165 17.03 -37.00 35.18
C ASP B 165 15.52 -36.92 35.40
N GLY B 166 14.76 -36.45 34.41
CA GLY B 166 13.30 -36.54 34.54
C GLY B 166 12.53 -35.28 34.22
N GLY B 167 13.20 -34.20 33.85
CA GLY B 167 12.49 -33.02 33.41
C GLY B 167 11.79 -33.27 32.08
N TYR B 168 10.62 -32.66 31.91
CA TYR B 168 9.89 -32.77 30.66
C TYR B 168 9.10 -31.49 30.42
N ALA B 169 8.70 -31.32 29.16
CA ALA B 169 7.92 -30.14 28.77
C ALA B 169 6.44 -30.36 29.08
N PHE B 170 5.74 -31.07 28.21
CA PHE B 170 4.35 -31.43 28.40
C PHE B 170 4.22 -32.95 28.41
N LYS B 171 3.52 -33.48 29.40
CA LYS B 171 3.38 -34.93 29.52
C LYS B 171 2.47 -35.46 28.43
N TYR B 172 2.88 -36.58 27.84
CA TYR B 172 2.11 -37.25 26.79
C TYR B 172 1.44 -38.47 27.37
N ALA B 173 0.10 -38.49 27.32
CA ALA B 173 -0.67 -39.62 27.82
C ALA B 173 -1.91 -39.80 26.96
N ALA B 174 -2.31 -41.06 26.79
CA ALA B 174 -3.53 -41.41 26.06
C ALA B 174 -3.59 -40.73 24.70
N GLY B 175 -2.42 -40.59 24.06
CA GLY B 175 -2.36 -40.11 22.69
C GLY B 175 -2.44 -38.61 22.52
N LYS B 176 -2.08 -37.82 23.54
CA LYS B 176 -2.15 -36.38 23.43
C LYS B 176 -1.24 -35.75 24.48
N TYR B 177 -0.89 -34.49 24.26
CA TYR B 177 -0.12 -33.72 25.22
C TYR B 177 -1.05 -32.97 26.15
N ASP B 178 -0.73 -33.00 27.44
CA ASP B 178 -1.51 -32.30 28.46
C ASP B 178 -0.92 -30.91 28.63
N ILE B 179 -1.66 -29.89 28.15
CA ILE B 179 -1.15 -28.52 28.15
C ILE B 179 -0.89 -28.03 29.57
N LYS B 180 -1.58 -28.59 30.56
CA LYS B 180 -1.48 -28.14 31.94
C LYS B 180 -0.57 -29.01 32.79
N ASP B 181 0.03 -30.05 32.22
CA ASP B 181 0.95 -30.94 32.93
C ASP B 181 2.35 -30.67 32.40
N VAL B 182 3.06 -29.77 33.08
CA VAL B 182 4.40 -29.36 32.68
C VAL B 182 5.40 -29.92 33.68
N GLY B 183 6.53 -30.41 33.17
CA GLY B 183 7.50 -31.08 34.01
C GLY B 183 8.82 -30.35 34.15
N VAL B 184 8.78 -29.02 34.14
CA VAL B 184 9.99 -28.21 34.26
C VAL B 184 10.35 -27.89 35.70
N ASP B 185 9.53 -28.31 36.66
CA ASP B 185 9.75 -27.98 38.06
C ASP B 185 9.82 -29.22 38.94
N ASN B 186 10.12 -30.39 38.38
CA ASN B 186 10.24 -31.59 39.18
C ASN B 186 11.70 -31.84 39.55
N ALA B 187 11.91 -32.83 40.42
CA ALA B 187 13.24 -33.09 40.95
C ALA B 187 14.26 -33.30 39.83
N GLY B 188 13.88 -34.03 38.78
CA GLY B 188 14.80 -34.25 37.68
C GLY B 188 15.26 -32.95 37.03
N ALA B 189 14.31 -32.07 36.72
CA ALA B 189 14.66 -30.79 36.12
C ALA B 189 15.50 -29.95 37.08
N LYS B 190 15.14 -29.95 38.36
CA LYS B 190 15.89 -29.16 39.34
C LYS B 190 17.33 -29.65 39.46
N ALA B 191 17.53 -30.97 39.43
CA ALA B 191 18.88 -31.51 39.55
C ALA B 191 19.73 -31.16 38.33
N GLY B 192 19.12 -31.19 37.14
CA GLY B 192 19.86 -30.86 35.94
C GLY B 192 20.29 -29.41 35.90
N LEU B 193 19.36 -28.50 36.18
CA LEU B 193 19.70 -27.08 36.16
C LEU B 193 20.64 -26.71 37.29
N THR B 194 20.52 -27.38 38.45
CA THR B 194 21.44 -27.11 39.55
C THR B 194 22.87 -27.45 39.17
N PHE B 195 23.08 -28.61 38.53
CA PHE B 195 24.42 -28.96 38.10
C PHE B 195 24.98 -27.92 37.15
N LEU B 196 24.16 -27.42 36.22
CA LEU B 196 24.62 -26.40 35.29
C LEU B 196 24.96 -25.10 36.02
N VAL B 197 24.11 -24.70 36.97
CA VAL B 197 24.39 -23.49 37.74
C VAL B 197 25.66 -23.67 38.56
N ASP B 198 25.84 -24.84 39.17
CA ASP B 198 27.06 -25.10 39.93
C ASP B 198 28.29 -25.06 39.04
N LEU B 199 28.15 -25.46 37.77
CA LEU B 199 29.25 -25.31 36.83
C LEU B 199 29.68 -23.84 36.72
N ILE B 200 28.69 -22.94 36.70
CA ILE B 200 29.00 -21.52 36.61
C ILE B 200 29.51 -20.99 37.94
N LYS B 201 28.89 -21.42 39.05
CA LYS B 201 29.34 -20.99 40.37
C LYS B 201 30.79 -21.36 40.61
N ASN B 202 31.20 -22.54 40.16
CA ASN B 202 32.58 -22.98 40.27
C ASN B 202 33.43 -22.53 39.09
N LYS B 203 32.90 -21.64 38.25
CA LYS B 203 33.68 -20.95 37.23
C LYS B 203 34.16 -21.89 36.12
N HIS B 204 33.45 -22.99 35.91
CA HIS B 204 33.72 -23.87 34.77
C HIS B 204 32.96 -23.44 33.52
N MET B 205 32.02 -22.50 33.65
CA MET B 205 31.34 -21.88 32.53
C MET B 205 30.95 -20.46 32.92
N ASN B 206 30.69 -19.63 31.91
CA ASN B 206 30.26 -18.25 32.10
C ASN B 206 28.79 -18.13 31.73
N ALA B 207 28.00 -17.50 32.61
CA ALA B 207 26.56 -17.41 32.39
C ALA B 207 26.20 -16.62 31.13
N ASP B 208 27.10 -15.75 30.65
CA ASP B 208 26.81 -14.92 29.49
C ASP B 208 27.25 -15.57 28.18
N THR B 209 27.80 -16.77 28.22
CA THR B 209 28.19 -17.47 27.00
C THR B 209 26.98 -17.66 26.09
N ASP B 210 27.14 -17.30 24.82
CA ASP B 210 26.08 -17.43 23.83
C ASP B 210 26.59 -18.26 22.65
N TYR B 211 25.80 -18.27 21.57
CA TYR B 211 26.14 -19.14 20.44
C TYR B 211 27.49 -18.76 19.83
N SER B 212 27.67 -17.48 19.50
CA SER B 212 28.90 -17.09 18.81
C SER B 212 30.12 -17.21 19.71
N ILE B 213 29.97 -16.96 21.02
CA ILE B 213 31.11 -17.06 21.92
C ILE B 213 31.58 -18.51 22.02
N ALA B 214 30.65 -19.45 22.20
CA ALA B 214 31.03 -20.85 22.26
C ALA B 214 31.58 -21.35 20.93
N GLU B 215 30.96 -20.93 19.82
CA GLU B 215 31.45 -21.36 18.51
C GLU B 215 32.86 -20.85 18.25
N ALA B 216 33.12 -19.58 18.57
CA ALA B 216 34.45 -19.02 18.39
C ALA B 216 35.48 -19.77 19.24
N ALA B 217 35.13 -20.02 20.50
CA ALA B 217 36.10 -20.63 21.42
C ALA B 217 36.44 -22.06 21.00
N PHE B 218 35.44 -22.83 20.55
CA PHE B 218 35.74 -24.18 20.10
C PHE B 218 36.51 -24.17 18.78
N ASN B 219 36.10 -23.31 17.85
CA ASN B 219 36.71 -23.31 16.52
C ASN B 219 38.09 -22.67 16.51
N LYS B 220 38.45 -21.92 17.55
CA LYS B 220 39.81 -21.41 17.71
C LYS B 220 40.66 -22.30 18.61
N GLY B 221 40.11 -23.42 19.08
CA GLY B 221 40.88 -24.35 19.89
C GLY B 221 41.08 -23.92 21.32
N GLU B 222 40.20 -23.08 21.86
CA GLU B 222 40.34 -22.61 23.23
C GLU B 222 39.54 -23.44 24.23
N THR B 223 38.49 -24.12 23.79
CA THR B 223 37.71 -25.02 24.63
C THR B 223 37.68 -26.40 23.98
N ALA B 224 37.66 -27.43 24.82
CA ALA B 224 37.80 -28.80 24.33
C ALA B 224 36.47 -29.41 23.85
N MET B 225 35.34 -28.84 24.24
CA MET B 225 34.05 -29.41 23.90
C MET B 225 33.02 -28.31 23.71
N THR B 226 32.05 -28.60 22.85
CA THR B 226 30.86 -27.77 22.73
C THR B 226 29.67 -28.69 22.46
N ILE B 227 28.48 -28.13 22.57
CA ILE B 227 27.23 -28.82 22.24
C ILE B 227 26.58 -28.07 21.10
N ASN B 228 26.27 -28.77 20.01
CA ASN B 228 25.70 -28.11 18.85
C ASN B 228 25.14 -29.15 17.90
N GLY B 229 24.48 -28.66 16.85
CA GLY B 229 23.86 -29.51 15.86
C GLY B 229 24.65 -29.59 14.57
N PRO B 230 24.16 -30.38 13.62
CA PRO B 230 24.94 -30.61 12.38
C PRO B 230 25.27 -29.35 11.61
N TRP B 231 24.42 -28.32 11.66
CA TRP B 231 24.71 -27.09 10.92
C TRP B 231 26.06 -26.52 11.27
N ALA B 232 26.57 -26.81 12.47
CA ALA B 232 27.81 -26.20 12.94
C ALA B 232 29.05 -26.87 12.38
N TRP B 233 28.93 -28.08 11.84
CA TRP B 233 30.13 -28.83 11.44
C TRP B 233 30.92 -28.10 10.36
N SER B 234 30.25 -27.39 9.46
CA SER B 234 30.95 -26.76 8.34
C SER B 234 31.98 -25.76 8.81
N ASN B 235 31.63 -24.94 9.81
CA ASN B 235 32.58 -23.94 10.30
C ASN B 235 33.75 -24.58 11.03
N ILE B 236 33.55 -25.76 11.63
CA ILE B 236 34.66 -26.46 12.24
C ILE B 236 35.58 -27.04 11.17
N ASP B 237 35.01 -27.56 10.09
CA ASP B 237 35.80 -28.07 8.99
C ASP B 237 36.78 -27.01 8.48
N THR B 238 36.31 -25.77 8.34
CA THR B 238 37.18 -24.70 7.85
C THR B 238 38.25 -24.32 8.86
N SER B 239 38.04 -24.64 10.14
CA SER B 239 39.04 -24.37 11.17
C SER B 239 40.09 -25.49 11.20
N ALA B 240 41.13 -25.26 11.99
CA ALA B 240 42.23 -26.21 12.13
C ALA B 240 41.98 -27.26 13.22
N VAL B 241 40.74 -27.46 13.61
CA VAL B 241 40.41 -28.32 14.74
C VAL B 241 40.09 -29.72 14.26
N ASN B 242 40.68 -30.71 14.93
CA ASN B 242 40.38 -32.12 14.69
C ASN B 242 39.28 -32.52 15.67
N TYR B 243 38.04 -32.59 15.19
CA TYR B 243 36.89 -32.73 16.06
C TYR B 243 36.21 -34.08 15.87
N GLY B 244 35.52 -34.51 16.94
CA GLY B 244 34.67 -35.68 16.87
C GLY B 244 33.27 -35.32 17.34
N VAL B 245 32.29 -36.06 16.85
CA VAL B 245 30.90 -35.92 17.25
C VAL B 245 30.46 -37.23 17.89
N THR B 246 29.88 -37.15 19.08
CA THR B 246 29.60 -38.36 19.85
C THR B 246 28.38 -38.15 20.72
N VAL B 247 28.03 -39.18 21.49
CA VAL B 247 26.87 -39.14 22.36
C VAL B 247 27.10 -38.13 23.48
N LEU B 248 26.05 -37.42 23.86
CA LEU B 248 26.15 -36.48 24.96
C LEU B 248 26.45 -37.22 26.26
N PRO B 249 27.07 -36.55 27.22
CA PRO B 249 27.37 -37.22 28.49
C PRO B 249 26.10 -37.61 29.23
N THR B 250 26.23 -38.60 30.11
CA THR B 250 25.13 -38.95 30.99
C THR B 250 25.14 -38.05 32.22
N PHE B 251 23.97 -37.95 32.86
CA PHE B 251 23.84 -37.22 34.11
C PHE B 251 23.08 -38.12 35.09
N LYS B 252 23.66 -38.33 36.26
CA LYS B 252 23.09 -39.23 37.26
C LYS B 252 22.82 -40.61 36.66
N GLY B 253 23.73 -41.03 35.77
CA GLY B 253 23.62 -42.32 35.13
C GLY B 253 22.67 -42.41 33.96
N GLN B 254 21.93 -41.34 33.66
CA GLN B 254 20.95 -41.40 32.59
C GLN B 254 21.41 -40.60 31.39
N PRO B 255 21.00 -41.00 30.18
CA PRO B 255 21.41 -40.26 28.98
C PRO B 255 20.79 -38.86 28.94
N SER B 256 21.56 -37.92 28.41
CA SER B 256 21.00 -36.63 28.07
C SER B 256 19.96 -36.81 26.97
N LYS B 257 18.86 -36.08 27.05
CA LYS B 257 17.68 -36.30 26.22
C LYS B 257 17.39 -35.03 25.43
N PRO B 258 18.05 -34.82 24.29
CA PRO B 258 17.80 -33.62 23.50
C PRO B 258 16.40 -33.63 22.93
N PHE B 259 15.81 -32.44 22.86
CA PHE B 259 14.60 -32.25 22.06
C PHE B 259 14.97 -32.29 20.59
N VAL B 260 14.34 -33.18 19.84
CA VAL B 260 14.67 -33.40 18.44
C VAL B 260 13.78 -32.53 17.58
N GLY B 261 14.39 -31.78 16.67
CA GLY B 261 13.67 -30.90 15.78
C GLY B 261 13.67 -31.43 14.36
N VAL B 262 12.62 -31.12 13.62
CA VAL B 262 12.53 -31.43 12.20
C VAL B 262 12.48 -30.10 11.47
N LEU B 263 13.58 -29.73 10.82
CA LEU B 263 13.56 -28.56 9.96
C LEU B 263 12.46 -28.73 8.93
N SER B 264 11.51 -27.80 8.91
CA SER B 264 10.33 -27.91 8.07
C SER B 264 10.13 -26.61 7.31
N ALA B 265 9.44 -26.71 6.17
CA ALA B 265 9.17 -25.58 5.30
C ALA B 265 7.67 -25.42 5.19
N GLY B 266 7.14 -24.32 5.72
CA GLY B 266 5.74 -24.00 5.63
C GLY B 266 5.48 -23.00 4.51
N ILE B 267 4.27 -23.05 3.96
CA ILE B 267 3.86 -22.16 2.88
C ILE B 267 2.88 -21.15 3.45
N ASN B 268 3.19 -19.86 3.28
CA ASN B 268 2.34 -18.80 3.78
C ASN B 268 0.94 -18.90 3.20
N ALA B 269 -0.07 -18.95 4.07
CA ALA B 269 -1.45 -19.04 3.61
C ALA B 269 -1.83 -17.84 2.75
N ALA B 270 -1.10 -16.74 2.85
CA ALA B 270 -1.39 -15.54 2.07
C ALA B 270 -0.65 -15.49 0.74
N SER B 271 0.21 -16.48 0.46
CA SER B 271 1.01 -16.43 -0.75
C SER B 271 0.15 -16.68 -1.98
N PRO B 272 0.40 -15.97 -3.09
CA PRO B 272 -0.25 -16.30 -4.36
C PRO B 272 0.55 -17.28 -5.21
N ASN B 273 1.59 -17.88 -4.64
CA ASN B 273 2.50 -18.78 -5.33
C ASN B 273 2.53 -20.14 -4.64
N LYS B 274 1.37 -20.58 -4.14
CA LYS B 274 1.32 -21.85 -3.42
C LYS B 274 1.72 -23.01 -4.32
N GLU B 275 1.28 -22.99 -5.58
CA GLU B 275 1.64 -24.07 -6.49
C GLU B 275 3.12 -24.01 -6.87
N LEU B 276 3.64 -22.80 -7.13
CA LEU B 276 5.07 -22.65 -7.37
C LEU B 276 5.87 -23.09 -6.15
N ALA B 277 5.44 -22.71 -4.95
CA ALA B 277 6.12 -23.13 -3.74
C ALA B 277 6.11 -24.65 -3.61
N LYS B 278 4.98 -25.28 -3.93
CA LYS B 278 4.90 -26.73 -3.90
C LYS B 278 5.85 -27.35 -4.91
N GLU B 279 5.88 -26.81 -6.13
CA GLU B 279 6.79 -27.34 -7.14
C GLU B 279 8.24 -27.17 -6.74
N PHE B 280 8.60 -26.00 -6.20
CA PHE B 280 9.98 -25.78 -5.77
C PHE B 280 10.37 -26.75 -4.68
N LEU B 281 9.52 -26.91 -3.67
CA LEU B 281 9.87 -27.75 -2.52
C LEU B 281 9.90 -29.22 -2.90
N GLU B 282 8.85 -29.70 -3.58
CA GLU B 282 8.75 -31.13 -3.87
C GLU B 282 9.74 -31.55 -4.94
N ASN B 283 9.94 -30.73 -5.97
CA ASN B 283 10.66 -31.15 -7.16
C ASN B 283 12.04 -30.53 -7.31
N TYR B 284 12.43 -29.59 -6.46
CA TYR B 284 13.76 -29.03 -6.53
C TYR B 284 14.53 -29.15 -5.23
N LEU B 285 13.95 -28.75 -4.10
CA LEU B 285 14.63 -28.90 -2.83
C LEU B 285 14.66 -30.36 -2.39
N LEU B 286 13.49 -30.97 -2.23
CA LEU B 286 13.41 -32.32 -1.71
C LEU B 286 13.79 -33.35 -2.77
N THR B 287 14.95 -33.15 -3.38
CA THR B 287 15.59 -34.09 -4.27
C THR B 287 17.00 -34.38 -3.75
N ASP B 288 17.64 -35.40 -4.33
CA ASP B 288 19.02 -35.68 -3.95
C ASP B 288 19.92 -34.50 -4.25
N GLU B 289 19.78 -33.91 -5.43
CA GLU B 289 20.65 -32.81 -5.83
C GLU B 289 20.35 -31.54 -5.05
N GLY B 290 19.07 -31.30 -4.74
CA GLY B 290 18.72 -30.09 -4.01
C GLY B 290 19.18 -30.11 -2.57
N LEU B 291 18.91 -31.21 -1.86
CA LEU B 291 19.38 -31.33 -0.49
C LEU B 291 20.90 -31.38 -0.42
N GLU B 292 21.54 -31.97 -1.43
CA GLU B 292 23.00 -31.96 -1.47
C GLU B 292 23.53 -30.54 -1.52
N ALA B 293 22.95 -29.71 -2.40
CA ALA B 293 23.37 -28.31 -2.50
C ALA B 293 23.27 -27.61 -1.15
N VAL B 294 22.17 -27.84 -0.43
CA VAL B 294 22.02 -27.24 0.90
C VAL B 294 22.97 -27.89 1.89
N ASN B 295 23.03 -29.23 1.88
CA ASN B 295 23.86 -29.95 2.85
C ASN B 295 25.33 -29.57 2.71
N LYS B 296 25.82 -29.41 1.47
CA LYS B 296 27.21 -29.03 1.26
C LYS B 296 27.53 -27.65 1.82
N ASP B 297 26.53 -26.78 1.96
CA ASP B 297 26.73 -25.46 2.54
C ASP B 297 26.80 -25.55 4.07
N LYS B 298 25.73 -26.05 4.68
CA LYS B 298 25.71 -26.34 6.11
C LYS B 298 24.98 -27.67 6.28
N PRO B 299 25.59 -28.65 6.95
CA PRO B 299 24.96 -29.98 7.05
C PRO B 299 23.56 -29.88 7.66
N LEU B 300 22.63 -30.63 7.08
CA LEU B 300 21.23 -30.59 7.47
C LEU B 300 20.90 -31.53 8.62
N GLY B 301 21.75 -32.52 8.88
CA GLY B 301 21.39 -33.60 9.77
C GLY B 301 20.88 -34.79 8.97
N ALA B 302 19.95 -35.56 9.55
CA ALA B 302 19.38 -36.73 8.88
C ALA B 302 18.17 -36.28 8.07
N VAL B 303 18.33 -36.24 6.74
CA VAL B 303 17.31 -35.63 5.90
C VAL B 303 16.08 -36.53 5.83
N ALA B 304 14.91 -35.90 5.67
CA ALA B 304 13.65 -36.63 5.57
C ALA B 304 13.55 -37.44 4.30
N LEU B 305 14.35 -37.12 3.29
CA LEU B 305 14.29 -37.81 2.00
C LEU B 305 15.05 -39.12 2.10
N LYS B 306 14.33 -40.24 1.98
CA LYS B 306 14.94 -41.55 2.17
C LYS B 306 16.13 -41.75 1.23
N SER B 307 15.96 -41.41 -0.05
CA SER B 307 17.00 -41.73 -1.03
C SER B 307 18.33 -41.06 -0.68
N TYR B 308 18.29 -39.78 -0.29
CA TYR B 308 19.53 -39.09 0.06
C TYR B 308 20.02 -39.44 1.46
N GLU B 309 19.12 -39.75 2.38
CA GLU B 309 19.51 -40.09 3.72
C GLU B 309 20.31 -41.37 3.75
N GLU B 310 20.11 -42.21 2.77
CA GLU B 310 20.87 -43.44 2.66
C GLU B 310 22.35 -43.15 2.45
N GLU B 311 22.67 -42.14 1.71
CA GLU B 311 24.02 -41.69 1.59
C GLU B 311 24.51 -41.00 2.86
N LEU B 312 23.75 -40.04 3.42
CA LEU B 312 24.19 -39.27 4.57
C LEU B 312 24.37 -40.14 5.81
N ALA B 313 23.53 -41.18 5.97
CA ALA B 313 23.63 -42.02 7.15
C ALA B 313 24.96 -42.77 7.23
N LYS B 314 25.71 -42.82 6.12
CA LYS B 314 27.03 -43.44 6.15
C LYS B 314 28.02 -42.62 6.95
N ASP B 315 27.73 -41.35 7.18
CA ASP B 315 28.66 -40.45 7.86
C ASP B 315 28.57 -40.68 9.37
N PRO B 316 29.66 -41.09 10.03
CA PRO B 316 29.58 -41.36 11.48
C PRO B 316 29.15 -40.15 12.29
N ARG B 317 29.29 -38.94 11.77
CA ARG B 317 28.73 -37.78 12.45
C ARG B 317 27.21 -37.84 12.46
N ILE B 318 26.60 -38.37 11.40
CA ILE B 318 25.15 -38.50 11.35
C ILE B 318 24.70 -39.64 12.26
N ALA B 319 25.47 -40.73 12.30
CA ALA B 319 25.12 -41.84 13.19
C ALA B 319 25.14 -41.40 14.65
N ALA B 320 26.09 -40.53 15.01
CA ALA B 320 26.11 -40.01 16.37
C ALA B 320 24.95 -39.07 16.62
N THR B 321 24.62 -38.23 15.64
CA THR B 321 23.45 -37.36 15.75
C THR B 321 22.20 -38.18 16.05
N MET B 322 21.99 -39.25 15.30
CA MET B 322 20.80 -40.08 15.47
C MET B 322 20.87 -40.97 16.70
N GLU B 323 22.07 -41.30 17.18
CA GLU B 323 22.17 -41.94 18.49
C GLU B 323 21.64 -41.01 19.57
N ASN B 324 22.04 -39.73 19.53
CA ASN B 324 21.51 -38.76 20.47
C ASN B 324 20.01 -38.57 20.26
N ALA B 325 19.55 -38.57 19.01
CA ALA B 325 18.14 -38.35 18.74
C ALA B 325 17.28 -39.51 19.25
N GLN B 326 17.79 -40.74 19.20
CA GLN B 326 17.04 -41.85 19.76
C GLN B 326 16.87 -41.70 21.26
N LYS B 327 17.85 -41.11 21.94
CA LYS B 327 17.77 -40.91 23.37
C LYS B 327 16.88 -39.74 23.76
N GLY B 328 16.69 -38.79 22.85
CA GLY B 328 15.80 -37.66 23.07
C GLY B 328 14.37 -37.98 22.67
N GLU B 329 13.63 -36.92 22.36
CA GLU B 329 12.24 -37.04 21.96
C GLU B 329 11.93 -36.00 20.91
N ILE B 330 11.01 -36.34 20.01
CA ILE B 330 10.55 -35.35 19.03
C ILE B 330 9.77 -34.26 19.76
N MET B 331 10.06 -33.02 19.41
CA MET B 331 9.37 -31.90 20.03
C MET B 331 7.89 -31.95 19.69
N PRO B 332 7.01 -31.58 20.62
CA PRO B 332 5.62 -31.31 20.22
C PRO B 332 5.58 -30.12 19.27
N ASN B 333 4.51 -30.05 18.47
CA ASN B 333 4.28 -28.90 17.62
C ASN B 333 3.10 -28.06 18.08
N ILE B 334 2.61 -28.31 19.30
CA ILE B 334 1.39 -27.66 19.79
C ILE B 334 1.65 -26.17 19.97
N PRO B 335 0.63 -25.32 19.80
CA PRO B 335 0.84 -23.86 19.89
C PRO B 335 1.49 -23.42 21.20
N GLN B 336 1.37 -24.21 22.27
CA GLN B 336 1.91 -23.80 23.56
C GLN B 336 3.43 -23.92 23.63
N MET B 337 4.07 -24.52 22.63
CA MET B 337 5.51 -24.70 22.68
C MET B 337 6.24 -23.36 22.79
N SER B 338 5.71 -22.32 22.15
CA SER B 338 6.32 -21.00 22.26
C SER B 338 6.36 -20.53 23.71
N ALA B 339 5.26 -20.72 24.44
CA ALA B 339 5.22 -20.30 25.84
C ALA B 339 6.17 -21.15 26.69
N PHE B 340 6.24 -22.45 26.40
CA PHE B 340 7.19 -23.31 27.10
C PHE B 340 8.62 -22.81 26.91
N TRP B 341 8.99 -22.50 25.67
CA TRP B 341 10.38 -22.12 25.39
C TRP B 341 10.75 -20.80 26.04
N TYR B 342 9.86 -19.80 25.99
CA TYR B 342 10.14 -18.53 26.65
C TYR B 342 10.34 -18.73 28.16
N ALA B 343 9.47 -19.54 28.78
CA ALA B 343 9.54 -19.72 30.22
C ALA B 343 10.83 -20.43 30.64
N VAL B 344 11.24 -21.45 29.90
CA VAL B 344 12.46 -22.16 30.26
C VAL B 344 13.68 -21.30 29.95
N ARG B 345 13.62 -20.50 28.88
CA ARG B 345 14.71 -19.56 28.62
C ARG B 345 14.90 -18.62 29.80
N THR B 346 13.81 -18.04 30.29
CA THR B 346 13.90 -17.12 31.41
C THR B 346 14.46 -17.82 32.65
N ALA B 347 14.01 -19.05 32.91
CA ALA B 347 14.47 -19.78 34.09
C ALA B 347 15.97 -20.04 34.01
N VAL B 348 16.45 -20.49 32.85
CA VAL B 348 17.87 -20.82 32.72
C VAL B 348 18.73 -19.57 32.88
N ILE B 349 18.34 -18.48 32.22
CA ILE B 349 19.15 -17.26 32.29
C ILE B 349 19.13 -16.68 33.69
N ASN B 350 17.97 -16.74 34.37
CA ASN B 350 17.87 -16.12 35.69
C ASN B 350 18.63 -16.94 36.74
N ALA B 351 18.59 -18.26 36.64
CA ALA B 351 19.33 -19.09 37.58
C ALA B 351 20.83 -19.05 37.30
N ALA B 352 21.21 -18.99 36.01
CA ALA B 352 22.61 -18.88 35.66
C ALA B 352 23.22 -17.59 36.21
N SER B 353 22.45 -16.50 36.18
CA SER B 353 22.94 -15.19 36.58
C SER B 353 22.88 -14.94 38.09
N GLY B 354 22.20 -15.80 38.82
CA GLY B 354 22.10 -15.60 40.23
C GLY B 354 20.96 -14.71 40.62
N ARG B 355 20.24 -14.24 39.63
CA ARG B 355 19.09 -13.37 39.84
C ARG B 355 18.02 -14.11 40.65
N GLN B 356 17.82 -15.39 40.36
CA GLN B 356 16.93 -16.20 41.10
C GLN B 356 17.62 -17.49 41.43
N THR B 357 17.09 -18.21 42.40
CA THR B 357 17.54 -19.57 42.68
C THR B 357 16.97 -20.51 41.62
N VAL B 358 17.52 -21.73 41.60
CA VAL B 358 17.01 -22.74 40.67
C VAL B 358 15.56 -23.08 41.00
N ASP B 359 15.26 -23.23 42.30
CA ASP B 359 13.89 -23.55 42.71
C ASP B 359 12.93 -22.45 42.30
N ALA B 360 13.30 -21.19 42.54
CA ALA B 360 12.42 -20.07 42.20
C ALA B 360 12.30 -19.89 40.69
N ALA B 361 13.41 -20.06 39.97
CA ALA B 361 13.37 -19.90 38.52
C ALA B 361 12.46 -20.94 37.87
N LEU B 362 12.59 -22.20 38.30
CA LEU B 362 11.80 -23.26 37.69
C LEU B 362 10.35 -23.26 38.16
N ALA B 363 10.09 -22.84 39.39
CA ALA B 363 8.71 -22.68 39.84
C ALA B 363 7.97 -21.67 38.98
N ALA B 364 8.59 -20.53 38.69
CA ALA B 364 7.97 -19.55 37.80
C ALA B 364 7.86 -20.08 36.38
N ALA B 365 8.85 -20.84 35.93
CA ALA B 365 8.80 -21.42 34.59
C ALA B 365 7.63 -22.39 34.45
N GLN B 366 7.34 -23.14 35.52
CA GLN B 366 6.23 -24.08 35.46
C GLN B 366 4.91 -23.36 35.24
N THR B 367 4.62 -22.36 36.07
CA THR B 367 3.35 -21.65 35.95
C THR B 367 3.26 -20.91 34.63
N ASN B 368 4.38 -20.35 34.16
CA ASN B 368 4.34 -19.57 32.92
C ASN B 368 4.10 -20.46 31.70
N ALA B 369 4.78 -21.61 31.62
CA ALA B 369 4.58 -22.51 30.49
C ALA B 369 3.19 -23.12 30.47
N ALA B 370 2.48 -23.11 31.61
CA ALA B 370 1.11 -23.58 31.68
C ALA B 370 0.09 -22.46 31.51
N ARG B 371 0.53 -21.21 31.56
CA ARG B 371 -0.38 -20.08 31.53
C ARG B 371 -1.14 -20.00 30.21
N ARG B 372 -2.45 -19.81 30.30
CA ARG B 372 -3.28 -19.64 29.12
C ARG B 372 -3.20 -18.18 28.64
N LYS B 373 -2.90 -18.00 27.37
CA LYS B 373 -2.85 -16.67 26.81
C LYS B 373 -4.26 -16.13 26.59
N PRO B 374 -4.61 -14.98 27.16
CA PRO B 374 -5.96 -14.44 26.93
C PRO B 374 -6.20 -14.17 25.45
N SER B 375 -7.42 -14.43 25.01
CA SER B 375 -7.79 -14.23 23.63
C SER B 375 -7.82 -12.74 23.30
N TRP B 376 -7.92 -12.44 21.99
CA TRP B 376 -8.14 -11.05 21.60
C TRP B 376 -9.42 -10.51 22.21
N ARG B 377 -10.48 -11.32 22.20
CA ARG B 377 -11.77 -10.85 22.71
C ARG B 377 -11.71 -10.57 24.20
N GLU B 378 -10.97 -11.40 24.96
CA GLU B 378 -10.83 -11.13 26.39
C GLU B 378 -10.13 -9.80 26.63
N ARG B 379 -8.99 -9.58 25.96
CA ARG B 379 -8.31 -8.30 26.08
C ARG B 379 -9.24 -7.14 25.74
N GLU B 380 -10.02 -7.27 24.67
CA GLU B 380 -10.90 -6.19 24.24
C GLU B 380 -12.03 -5.97 25.23
N ASN B 381 -12.59 -7.04 25.79
CA ASN B 381 -13.61 -6.91 26.83
C ASN B 381 -13.06 -6.13 28.01
N ASN B 382 -11.85 -6.44 28.47
CA ASN B 382 -11.24 -5.72 29.57
C ASN B 382 -10.98 -4.27 29.20
N ARG B 383 -10.45 -4.02 28.00
CA ARG B 383 -10.20 -2.65 27.58
C ARG B 383 -11.48 -1.83 27.55
N ARG B 384 -12.56 -2.41 27.00
CA ARG B 384 -13.82 -1.69 26.95
C ARG B 384 -14.38 -1.44 28.34
N ARG B 385 -14.29 -2.44 29.23
CA ARG B 385 -14.81 -2.28 30.57
C ARG B 385 -14.18 -1.08 31.27
N GLU B 386 -12.85 -0.95 31.18
CA GLU B 386 -12.19 0.17 31.82
C GLU B 386 -12.47 1.48 31.09
N ARG B 387 -12.61 1.44 29.77
CA ARG B 387 -13.07 2.62 29.04
C ARG B 387 -14.41 3.09 29.58
N ARG B 388 -15.35 2.16 29.77
CA ARG B 388 -16.67 2.52 30.27
C ARG B 388 -16.60 3.05 31.69
N ARG B 389 -15.81 2.42 32.56
CA ARG B 389 -15.71 2.87 33.94
C ARG B 389 -15.21 4.31 34.02
N ARG B 390 -14.23 4.66 33.18
CA ARG B 390 -13.72 6.03 33.18
C ARG B 390 -14.76 6.99 32.63
N ALA B 391 -15.50 6.58 31.60
CA ALA B 391 -16.48 7.47 30.98
C ALA B 391 -17.63 7.77 31.94
N VAL B 392 -18.06 6.77 32.72
CA VAL B 392 -19.11 7.01 33.70
C VAL B 392 -18.65 8.02 34.75
N ALA B 393 -17.46 7.80 35.30
CA ALA B 393 -16.92 8.71 36.30
C ALA B 393 -16.78 10.12 35.74
N ALA B 394 -16.24 10.23 34.52
CA ALA B 394 -16.03 11.55 33.93
C ALA B 394 -17.33 12.31 33.77
N LYS B 395 -18.40 11.61 33.38
CA LYS B 395 -19.70 12.28 33.22
C LYS B 395 -20.24 12.75 34.56
N ILE B 396 -20.02 11.97 35.62
CA ILE B 396 -20.48 12.37 36.94
C ILE B 396 -19.78 13.66 37.36
N TYR B 397 -18.47 13.74 37.15
CA TYR B 397 -17.73 14.92 37.57
C TYR B 397 -18.04 16.12 36.70
N THR B 398 -18.37 15.90 35.43
CA THR B 398 -18.82 17.01 34.59
C THR B 398 -20.10 17.61 35.16
N GLY B 399 -21.06 16.77 35.53
CA GLY B 399 -22.31 17.28 36.09
C GLY B 399 -22.11 17.97 37.43
N LEU B 400 -21.22 17.43 38.27
CA LEU B 400 -20.93 18.08 39.55
C LEU B 400 -20.29 19.44 39.33
N ARG B 401 -19.36 19.54 38.38
CA ARG B 401 -18.73 20.82 38.09
C ARG B 401 -19.73 21.81 37.51
N ALA B 402 -20.63 21.34 36.63
CA ALA B 402 -21.52 22.24 35.91
C ALA B 402 -22.67 22.74 36.77
N GLN B 403 -23.11 21.95 37.76
CA GLN B 403 -24.27 22.30 38.56
C GLN B 403 -24.01 22.37 40.06
N GLY B 404 -22.86 21.90 40.53
CA GLY B 404 -22.63 21.87 41.96
C GLY B 404 -22.57 23.24 42.60
N ASP B 405 -22.06 24.24 41.89
CA ASP B 405 -21.82 25.56 42.46
C ASP B 405 -20.94 25.45 43.70
N TYR B 406 -20.05 24.46 43.70
CA TYR B 406 -19.06 24.33 44.75
C TYR B 406 -18.05 25.47 44.65
N ASN B 407 -17.53 25.88 45.81
CA ASN B 407 -16.50 26.92 45.85
C ASN B 407 -15.18 26.26 45.50
N LEU B 408 -14.94 26.13 44.20
CA LEU B 408 -13.78 25.44 43.66
C LEU B 408 -12.80 26.42 43.06
N PRO B 409 -11.50 26.12 43.13
CA PRO B 409 -10.51 26.96 42.45
C PRO B 409 -10.74 26.95 40.95
N LYS B 410 -10.12 27.92 40.26
CA LYS B 410 -10.21 27.97 38.81
C LYS B 410 -9.78 26.64 38.20
N HIS B 411 -8.67 26.09 38.66
CA HIS B 411 -8.17 24.79 38.24
C HIS B 411 -8.09 23.87 39.44
N CYS B 412 -8.73 22.70 39.33
CA CYS B 412 -8.67 21.68 40.38
C CYS B 412 -8.95 20.33 39.73
N ASP B 413 -8.48 19.27 40.40
CA ASP B 413 -8.74 17.94 39.89
C ASP B 413 -10.07 17.43 40.42
N ASN B 414 -10.48 16.26 39.92
CA ASN B 414 -11.76 15.69 40.33
C ASN B 414 -11.75 15.26 41.79
N ASN B 415 -10.59 14.98 42.37
CA ASN B 415 -10.52 14.73 43.80
C ASN B 415 -11.06 15.92 44.59
N GLU B 416 -10.74 17.14 44.15
CA GLU B 416 -11.24 18.32 44.85
C GLU B 416 -12.74 18.48 44.65
N VAL B 417 -13.28 18.05 43.50
CA VAL B 417 -14.73 18.03 43.33
C VAL B 417 -15.36 16.97 44.22
N LEU B 418 -14.74 15.78 44.30
CA LEU B 418 -15.23 14.74 45.19
C LEU B 418 -15.27 15.25 46.63
N LYS B 419 -14.23 15.95 47.07
CA LYS B 419 -14.20 16.48 48.43
C LYS B 419 -15.39 17.40 48.69
N ALA B 420 -15.67 18.32 47.75
CA ALA B 420 -16.78 19.24 47.93
C ALA B 420 -18.12 18.49 47.97
N LEU B 421 -18.27 17.47 47.12
CA LEU B 421 -19.46 16.63 47.21
C LEU B 421 -19.57 16.00 48.59
N CYS B 422 -18.44 15.61 49.17
CA CYS B 422 -18.47 14.96 50.48
C CYS B 422 -18.95 15.92 51.56
N VAL B 423 -18.41 17.15 51.58
CA VAL B 423 -18.83 18.11 52.61
C VAL B 423 -20.30 18.42 52.47
N GLU B 424 -20.80 18.52 51.23
CA GLU B 424 -22.22 18.78 51.03
C GLU B 424 -23.08 17.69 51.66
N ALA B 425 -22.66 16.44 51.53
CA ALA B 425 -23.40 15.30 52.06
C ALA B 425 -23.17 15.09 53.56
N GLY B 426 -22.48 16.00 54.23
CA GLY B 426 -22.25 15.90 55.66
C GLY B 426 -20.95 15.23 56.07
N TRP B 427 -19.98 15.12 55.17
CA TRP B 427 -18.72 14.46 55.45
C TRP B 427 -17.61 15.48 55.69
N VAL B 428 -16.55 15.01 56.36
CA VAL B 428 -15.31 15.75 56.51
C VAL B 428 -14.20 14.96 55.84
N VAL B 429 -13.46 15.61 54.96
CA VAL B 429 -12.36 14.97 54.23
C VAL B 429 -11.09 15.73 54.55
N GLU B 430 -10.11 15.02 55.11
CA GLU B 430 -8.82 15.62 55.42
C GLU B 430 -7.97 15.70 54.15
N GLU B 431 -6.76 16.25 54.29
CA GLU B 431 -5.92 16.49 53.13
C GLU B 431 -5.59 15.20 52.40
N ASP B 432 -5.27 14.14 53.15
CA ASP B 432 -4.88 12.87 52.54
C ASP B 432 -6.08 12.01 52.13
N GLY B 433 -7.29 12.53 52.21
CA GLY B 433 -8.47 11.78 51.83
C GLY B 433 -9.17 11.05 52.95
N THR B 434 -8.63 11.10 54.17
CA THR B 434 -9.31 10.49 55.31
C THR B 434 -10.68 11.12 55.47
N THR B 435 -11.72 10.29 55.47
CA THR B 435 -13.09 10.76 55.34
C THR B 435 -13.97 10.16 56.44
N TYR B 436 -14.79 11.01 57.05
CA TYR B 436 -15.65 10.59 58.14
C TYR B 436 -16.81 11.57 58.29
N ARG B 437 -17.85 11.14 58.98
CA ARG B 437 -19.02 11.99 59.21
C ARG B 437 -18.83 12.84 60.48
N LYS E 2 -3.25 2.08 3.61
CA LYS E 2 -3.29 0.83 4.36
C LYS E 2 -4.16 0.95 5.60
N ILE E 3 -4.76 -0.18 5.97
CA ILE E 3 -5.55 -0.26 7.18
C ILE E 3 -4.63 -0.20 8.40
N GLU E 4 -5.22 0.14 9.54
CA GLU E 4 -4.50 0.15 10.80
C GLU E 4 -5.32 -0.60 11.85
N GLU E 5 -4.61 -1.18 12.82
CA GLU E 5 -5.27 -1.93 13.88
C GLU E 5 -5.98 -0.99 14.84
N GLY E 6 -7.20 -1.35 15.22
CA GLY E 6 -8.00 -0.53 16.10
C GLY E 6 -8.91 0.45 15.40
N LYS E 7 -8.96 0.46 14.08
CA LYS E 7 -9.88 1.30 13.31
C LYS E 7 -10.45 0.45 12.16
N LEU E 8 -11.58 0.85 11.60
CA LEU E 8 -12.26 0.13 10.53
C LEU E 8 -12.50 1.04 9.34
N VAL E 9 -12.08 0.60 8.16
CA VAL E 9 -12.35 1.29 6.90
C VAL E 9 -13.27 0.40 6.07
N ILE E 10 -14.39 0.97 5.62
CA ILE E 10 -15.40 0.24 4.87
C ILE E 10 -15.58 0.87 3.50
N TRP E 11 -15.67 0.04 2.48
CA TRP E 11 -15.94 0.48 1.11
C TRP E 11 -17.33 0.03 0.70
N ILE E 12 -18.11 0.97 0.16
CA ILE E 12 -19.44 0.67 -0.37
C ILE E 12 -19.67 1.58 -1.57
N ASN E 13 -20.39 1.09 -2.55
CA ASN E 13 -20.65 1.83 -3.76
C ASN E 13 -21.47 3.13 -3.57
N GLY E 14 -21.23 4.05 -4.48
CA GLY E 14 -21.84 5.36 -4.52
C GLY E 14 -23.34 5.37 -4.62
N ASP E 15 -23.94 4.37 -5.23
CA ASP E 15 -25.40 4.37 -5.27
C ASP E 15 -26.12 3.93 -3.98
N LYS E 16 -25.41 3.34 -3.03
CA LYS E 16 -26.01 2.80 -1.83
C LYS E 16 -25.93 3.83 -0.70
N GLY E 17 -26.52 3.49 0.44
CA GLY E 17 -26.66 4.42 1.55
C GLY E 17 -25.42 4.56 2.41
N TYR E 18 -24.34 5.10 1.84
CA TYR E 18 -23.08 5.14 2.57
C TYR E 18 -23.16 6.09 3.77
N ASN E 19 -24.03 7.10 3.72
CA ASN E 19 -24.17 7.99 4.87
C ASN E 19 -24.92 7.31 6.00
N GLY E 20 -25.92 6.50 5.67
CA GLY E 20 -26.58 5.71 6.71
C GLY E 20 -25.65 4.69 7.34
N LEU E 21 -24.77 4.09 6.53
CA LEU E 21 -23.81 3.13 7.07
C LEU E 21 -22.86 3.81 8.05
N ALA E 22 -22.42 5.03 7.74
CA ALA E 22 -21.54 5.75 8.65
C ALA E 22 -22.22 6.00 9.99
N GLU E 23 -23.54 6.24 9.99
CA GLU E 23 -24.26 6.37 11.24
C GLU E 23 -24.12 5.11 12.10
N VAL E 24 -24.16 3.95 11.46
CA VAL E 24 -23.90 2.71 12.19
C VAL E 24 -22.48 2.71 12.74
N GLY E 25 -21.52 3.17 11.94
CA GLY E 25 -20.16 3.26 12.43
C GLY E 25 -20.00 4.21 13.60
N LYS E 26 -20.80 5.28 13.64
CA LYS E 26 -20.74 6.20 14.76
C LYS E 26 -21.24 5.55 16.04
N LYS E 27 -22.27 4.71 15.94
CA LYS E 27 -22.75 3.99 17.12
C LYS E 27 -21.72 2.97 17.59
N PHE E 28 -21.06 2.29 16.65
CA PHE E 28 -19.97 1.38 17.00
C PHE E 28 -18.86 2.11 17.75
N GLU E 29 -18.46 3.28 17.25
CA GLU E 29 -17.42 4.05 17.92
C GLU E 29 -17.87 4.48 19.31
N LYS E 30 -19.13 4.92 19.43
CA LYS E 30 -19.66 5.30 20.73
C LYS E 30 -19.52 4.16 21.74
N ASP E 31 -19.85 2.95 21.34
CA ASP E 31 -19.88 1.82 22.26
C ASP E 31 -18.49 1.25 22.53
N THR E 32 -17.63 1.23 21.50
CA THR E 32 -16.35 0.55 21.61
C THR E 32 -15.15 1.48 21.61
N GLY E 33 -15.30 2.71 21.11
CA GLY E 33 -14.17 3.58 20.91
C GLY E 33 -13.44 3.36 19.60
N ILE E 34 -13.88 2.40 18.79
CA ILE E 34 -13.25 2.11 17.51
C ILE E 34 -13.87 3.01 16.44
N LYS E 35 -13.02 3.78 15.75
CA LYS E 35 -13.50 4.66 14.69
C LYS E 35 -13.77 3.85 13.43
N VAL E 36 -14.83 4.23 12.72
CA VAL E 36 -15.25 3.57 11.49
C VAL E 36 -15.34 4.62 10.39
N THR E 37 -14.66 4.37 9.27
CA THR E 37 -14.62 5.29 8.14
C THR E 37 -15.23 4.62 6.92
N VAL E 38 -16.29 5.22 6.40
CA VAL E 38 -17.01 4.70 5.23
C VAL E 38 -16.59 5.50 4.01
N GLU E 39 -16.05 4.81 3.00
CA GLU E 39 -15.65 5.42 1.74
C GLU E 39 -16.39 4.74 0.59
N HIS E 40 -16.45 5.43 -0.54
CA HIS E 40 -17.16 4.92 -1.73
C HIS E 40 -16.38 5.29 -2.99
N PRO E 41 -15.16 4.77 -3.14
CA PRO E 41 -14.39 5.04 -4.36
C PRO E 41 -15.13 4.54 -5.60
N ASP E 42 -14.96 5.28 -6.70
CA ASP E 42 -15.52 4.86 -7.97
C ASP E 42 -14.83 3.58 -8.44
N LYS E 43 -15.62 2.68 -9.02
CA LYS E 43 -15.10 1.42 -9.56
C LYS E 43 -14.46 0.57 -8.46
N LEU E 44 -14.93 0.70 -7.23
CA LEU E 44 -14.33 -0.05 -6.13
C LEU E 44 -14.29 -1.55 -6.42
N GLU E 45 -15.26 -2.05 -7.19
CA GLU E 45 -15.29 -3.46 -7.55
C GLU E 45 -14.02 -3.88 -8.28
N GLU E 46 -13.39 -2.97 -9.02
CA GLU E 46 -12.12 -3.25 -9.68
C GLU E 46 -10.93 -2.74 -8.88
N LYS E 47 -11.11 -1.71 -8.05
CA LYS E 47 -10.01 -1.22 -7.24
C LYS E 47 -9.64 -2.24 -6.16
N PHE E 48 -10.63 -2.83 -5.50
CA PHE E 48 -10.39 -3.72 -4.38
C PHE E 48 -9.37 -4.80 -4.73
N PRO E 49 -9.60 -5.59 -5.79
CA PRO E 49 -8.60 -6.61 -6.14
C PRO E 49 -7.23 -6.04 -6.41
N GLN E 50 -7.15 -4.79 -6.90
CA GLN E 50 -5.86 -4.18 -7.18
C GLN E 50 -5.16 -3.73 -5.88
N VAL E 51 -5.88 -3.01 -5.02
CA VAL E 51 -5.28 -2.51 -3.79
C VAL E 51 -5.08 -3.64 -2.79
N ALA E 52 -5.95 -4.66 -2.82
CA ALA E 52 -5.80 -5.78 -1.89
C ALA E 52 -4.53 -6.56 -2.17
N ALA E 53 -4.15 -6.68 -3.45
CA ALA E 53 -2.94 -7.41 -3.80
C ALA E 53 -1.68 -6.72 -3.29
N THR E 54 -1.77 -5.44 -2.94
CA THR E 54 -0.63 -4.70 -2.39
C THR E 54 -0.73 -4.53 -0.89
N GLY E 55 -1.65 -5.24 -0.23
CA GLY E 55 -1.87 -5.08 1.20
C GLY E 55 -2.75 -3.92 1.57
N ASP E 56 -3.07 -3.03 0.64
CA ASP E 56 -3.95 -1.90 0.92
C ASP E 56 -5.40 -2.34 0.79
N GLY E 57 -6.32 -1.39 0.86
CA GLY E 57 -7.73 -1.69 0.78
C GLY E 57 -8.40 -1.64 2.12
N PRO E 58 -9.73 -1.69 2.13
CA PRO E 58 -10.48 -1.51 3.38
C PRO E 58 -10.53 -2.79 4.19
N ASP E 59 -11.05 -2.65 5.41
CA ASP E 59 -11.31 -3.82 6.25
C ASP E 59 -12.54 -4.58 5.77
N ILE E 60 -13.54 -3.85 5.28
CA ILE E 60 -14.79 -4.42 4.81
C ILE E 60 -15.09 -3.84 3.44
N ILE E 61 -15.59 -4.68 2.52
CA ILE E 61 -15.96 -4.24 1.19
C ILE E 61 -17.37 -4.72 0.88
N PHE E 62 -18.21 -3.80 0.42
CA PHE E 62 -19.60 -4.10 0.07
C PHE E 62 -19.73 -4.19 -1.44
N TRP E 63 -20.43 -5.21 -1.91
CA TRP E 63 -20.79 -5.32 -3.32
C TRP E 63 -21.81 -6.44 -3.45
N ALA E 64 -22.43 -6.52 -4.62
CA ALA E 64 -23.25 -7.68 -4.94
C ALA E 64 -22.38 -8.93 -4.90
N HIS E 65 -23.00 -10.04 -4.49
CA HIS E 65 -22.26 -11.27 -4.25
C HIS E 65 -21.52 -11.77 -5.49
N ASP E 66 -21.89 -11.32 -6.69
CA ASP E 66 -21.37 -11.95 -7.89
C ASP E 66 -19.85 -11.75 -8.04
N ARG E 67 -19.30 -10.69 -7.48
CA ARG E 67 -17.85 -10.47 -7.56
C ARG E 67 -17.06 -11.25 -6.53
N PHE E 68 -17.72 -11.75 -5.47
CA PHE E 68 -16.98 -12.23 -4.31
C PHE E 68 -16.27 -13.55 -4.57
N GLY E 69 -16.79 -14.38 -5.48
CA GLY E 69 -16.09 -15.61 -5.82
C GLY E 69 -14.70 -15.36 -6.37
N GLY E 70 -14.57 -14.38 -7.25
CA GLY E 70 -13.27 -14.02 -7.78
C GLY E 70 -12.34 -13.46 -6.71
N TYR E 71 -12.89 -12.66 -5.80
CA TYR E 71 -12.09 -12.15 -4.69
C TYR E 71 -11.55 -13.30 -3.83
N ALA E 72 -12.39 -14.29 -3.54
CA ALA E 72 -11.96 -15.40 -2.70
C ALA E 72 -10.98 -16.31 -3.45
N GLN E 73 -11.25 -16.57 -4.74
CA GLN E 73 -10.32 -17.36 -5.54
C GLN E 73 -8.92 -16.76 -5.51
N SER E 74 -8.83 -15.43 -5.49
CA SER E 74 -7.55 -14.75 -5.40
C SER E 74 -7.04 -14.62 -3.97
N GLY E 75 -7.74 -15.20 -3.00
CA GLY E 75 -7.29 -15.17 -1.62
C GLY E 75 -7.41 -13.83 -0.95
N LEU E 76 -8.40 -13.02 -1.34
CA LEU E 76 -8.53 -11.66 -0.82
C LEU E 76 -9.53 -11.55 0.32
N LEU E 77 -10.27 -12.61 0.63
CA LEU E 77 -11.32 -12.54 1.64
C LEU E 77 -11.06 -13.53 2.77
N ALA E 78 -11.45 -13.13 3.98
CA ALA E 78 -11.40 -14.02 5.13
C ALA E 78 -12.68 -14.85 5.18
N GLU E 79 -12.54 -16.10 5.61
CA GLU E 79 -13.71 -16.95 5.76
C GLU E 79 -14.63 -16.39 6.84
N ILE E 80 -15.93 -16.39 6.56
CA ILE E 80 -16.94 -15.95 7.51
C ILE E 80 -17.43 -17.19 8.27
N THR E 81 -17.40 -17.11 9.60
CA THR E 81 -17.74 -18.25 10.47
C THR E 81 -18.73 -17.81 11.53
N PRO E 82 -19.97 -17.52 11.14
CA PRO E 82 -20.96 -17.10 12.13
C PRO E 82 -21.46 -18.28 12.94
N ALA E 83 -21.73 -18.02 14.22
CA ALA E 83 -22.34 -19.04 15.07
C ALA E 83 -23.65 -19.51 14.45
N ALA E 84 -24.15 -20.66 14.90
CA ALA E 84 -25.38 -21.18 14.32
C ALA E 84 -26.56 -20.26 14.59
N ALA E 85 -26.61 -19.67 15.79
CA ALA E 85 -27.75 -18.82 16.14
C ALA E 85 -27.81 -17.57 15.27
N PHE E 86 -26.66 -16.98 14.95
CA PHE E 86 -26.67 -15.83 14.06
C PHE E 86 -27.07 -16.24 12.65
N GLN E 87 -26.54 -17.36 12.17
CA GLN E 87 -26.84 -17.80 10.80
C GLN E 87 -28.33 -18.01 10.61
N ASP E 88 -29.01 -18.53 11.63
CA ASP E 88 -30.45 -18.76 11.52
C ASP E 88 -31.24 -17.47 11.39
N LYS E 89 -30.65 -16.33 11.71
CA LYS E 89 -31.34 -15.05 11.65
C LYS E 89 -31.45 -14.51 10.22
N LEU E 90 -30.72 -15.08 9.27
CA LEU E 90 -30.77 -14.67 7.88
C LEU E 90 -31.38 -15.77 7.04
N TYR E 91 -32.04 -15.36 5.95
CA TYR E 91 -32.67 -16.35 5.08
C TYR E 91 -31.61 -17.28 4.50
N PRO E 92 -31.84 -18.59 4.51
CA PRO E 92 -30.81 -19.52 4.01
C PRO E 92 -30.34 -19.21 2.61
N PHE E 93 -31.22 -18.76 1.72
CA PHE E 93 -30.80 -18.55 0.34
C PHE E 93 -29.83 -17.38 0.21
N THR E 94 -29.87 -16.43 1.15
CA THR E 94 -28.89 -15.34 1.10
C THR E 94 -27.50 -15.84 1.47
N TRP E 95 -27.41 -16.77 2.43
CA TRP E 95 -26.13 -17.41 2.71
C TRP E 95 -25.64 -18.19 1.49
N ASP E 96 -26.55 -18.88 0.80
CA ASP E 96 -26.18 -19.58 -0.42
C ASP E 96 -25.46 -18.66 -1.39
N ALA E 97 -25.90 -17.40 -1.49
CA ALA E 97 -25.31 -16.47 -2.44
C ALA E 97 -23.85 -16.18 -2.12
N VAL E 98 -23.45 -16.28 -0.86
CA VAL E 98 -22.10 -15.94 -0.44
C VAL E 98 -21.31 -17.17 -0.02
N ARG E 99 -21.75 -18.36 -0.42
CA ARG E 99 -20.99 -19.59 -0.21
C ARG E 99 -20.23 -19.92 -1.48
N TYR E 100 -18.92 -20.12 -1.34
CA TYR E 100 -18.06 -20.42 -2.49
C TYR E 100 -17.13 -21.56 -2.10
N ASN E 101 -17.16 -22.63 -2.89
CA ASN E 101 -16.34 -23.81 -2.61
C ASN E 101 -16.55 -24.30 -1.18
N GLY E 102 -17.82 -24.30 -0.75
CA GLY E 102 -18.19 -24.81 0.56
C GLY E 102 -17.95 -23.86 1.73
N LYS E 103 -17.36 -22.69 1.50
CA LYS E 103 -17.02 -21.76 2.56
C LYS E 103 -17.81 -20.47 2.39
N LEU E 104 -18.27 -19.91 3.50
CA LEU E 104 -18.92 -18.60 3.50
C LEU E 104 -17.84 -17.53 3.41
N ILE E 105 -17.98 -16.63 2.43
CA ILE E 105 -16.95 -15.64 2.14
C ILE E 105 -17.46 -14.21 2.31
N ALA E 106 -18.63 -14.03 2.90
CA ALA E 106 -19.18 -12.69 3.12
C ALA E 106 -20.47 -12.81 3.93
N TYR E 107 -20.91 -11.66 4.45
CA TYR E 107 -22.19 -11.57 5.13
C TYR E 107 -23.23 -11.05 4.14
N PRO E 108 -24.33 -11.74 3.92
CA PRO E 108 -25.38 -11.19 3.06
C PRO E 108 -26.15 -10.10 3.78
N ILE E 109 -26.48 -9.03 3.05
CA ILE E 109 -27.16 -7.87 3.61
C ILE E 109 -28.56 -7.70 3.02
N ALA E 110 -28.66 -7.69 1.70
CA ALA E 110 -29.93 -7.34 1.07
C ALA E 110 -30.03 -7.96 -0.31
N VAL E 111 -31.27 -8.22 -0.73
CA VAL E 111 -31.57 -8.79 -2.04
C VAL E 111 -32.04 -7.66 -2.96
N GLU E 112 -31.38 -7.55 -4.12
CA GLU E 112 -31.66 -6.48 -5.08
C GLU E 112 -32.20 -7.08 -6.38
N ALA E 113 -33.22 -6.44 -6.94
CA ALA E 113 -33.70 -6.78 -8.27
C ALA E 113 -34.22 -5.53 -8.96
N LEU E 114 -33.93 -5.42 -10.25
CA LEU E 114 -34.46 -4.31 -11.05
C LEU E 114 -35.96 -4.43 -11.19
N SER E 115 -36.64 -3.28 -11.21
CA SER E 115 -38.07 -3.22 -11.46
C SER E 115 -38.34 -2.14 -12.49
N LEU E 116 -39.54 -2.16 -13.05
CA LEU E 116 -40.00 -1.07 -13.89
C LEU E 116 -40.51 0.06 -12.99
N ILE E 117 -39.94 1.25 -13.14
CA ILE E 117 -40.35 2.43 -12.41
C ILE E 117 -41.01 3.38 -13.39
N TYR E 118 -42.23 3.84 -13.06
CA TYR E 118 -43.02 4.57 -14.03
C TYR E 118 -43.68 5.79 -13.40
N ASN E 119 -43.80 6.84 -14.21
CA ASN E 119 -44.41 8.11 -13.79
C ASN E 119 -45.92 7.97 -13.89
N LYS E 120 -46.60 7.89 -12.74
CA LYS E 120 -48.04 7.64 -12.74
C LYS E 120 -48.81 8.74 -13.45
N ASP E 121 -48.34 9.98 -13.40
CA ASP E 121 -49.09 11.08 -13.98
C ASP E 121 -48.94 11.13 -15.50
N LEU E 122 -47.75 10.77 -16.02
CA LEU E 122 -47.58 10.62 -17.46
C LEU E 122 -48.16 9.32 -17.98
N LEU E 123 -48.32 8.32 -17.12
CA LEU E 123 -48.56 6.94 -17.56
C LEU E 123 -49.36 6.21 -16.50
N PRO E 124 -50.67 6.46 -16.42
CA PRO E 124 -51.48 5.78 -15.39
C PRO E 124 -51.47 4.26 -15.52
N ASN E 125 -51.34 3.73 -16.74
CA ASN E 125 -51.32 2.29 -16.97
C ASN E 125 -50.02 1.90 -17.64
N PRO E 126 -49.02 1.46 -16.88
CA PRO E 126 -47.71 1.14 -17.49
C PRO E 126 -47.83 0.00 -18.47
N PRO E 127 -46.86 -0.14 -19.37
CA PRO E 127 -46.93 -1.21 -20.38
C PRO E 127 -46.56 -2.56 -19.80
N LYS E 128 -47.35 -3.58 -20.15
CA LYS E 128 -47.05 -4.94 -19.75
C LYS E 128 -46.10 -5.64 -20.71
N THR E 129 -45.86 -5.07 -21.90
CA THR E 129 -44.99 -5.68 -22.89
C THR E 129 -43.96 -4.68 -23.37
N TRP E 130 -42.78 -5.20 -23.75
CA TRP E 130 -41.78 -4.37 -24.42
C TRP E 130 -42.28 -3.93 -25.79
N GLU E 131 -43.02 -4.80 -26.47
CA GLU E 131 -43.43 -4.53 -27.85
C GLU E 131 -44.31 -3.30 -27.98
N GLU E 132 -44.97 -2.87 -26.91
CA GLU E 132 -45.87 -1.72 -26.96
C GLU E 132 -45.18 -0.41 -26.63
N ILE E 133 -43.88 -0.44 -26.32
CA ILE E 133 -43.15 0.76 -25.90
C ILE E 133 -42.96 1.70 -27.08
N PRO E 134 -42.61 1.21 -28.27
CA PRO E 134 -42.51 2.11 -29.44
C PRO E 134 -43.73 3.01 -29.62
N ALA E 135 -44.93 2.42 -29.67
CA ALA E 135 -46.14 3.23 -29.78
C ALA E 135 -46.28 4.18 -28.60
N LEU E 136 -45.98 3.69 -27.39
CA LEU E 136 -45.98 4.57 -26.22
C LEU E 136 -45.05 5.76 -26.44
N ASP E 137 -43.86 5.51 -26.98
CA ASP E 137 -42.89 6.59 -27.19
C ASP E 137 -43.41 7.59 -28.23
N LYS E 138 -44.01 7.09 -29.31
CA LYS E 138 -44.58 7.99 -30.32
C LYS E 138 -45.58 8.95 -29.69
N GLU E 139 -46.50 8.43 -28.89
CA GLU E 139 -47.50 9.28 -28.26
C GLU E 139 -46.87 10.27 -27.27
N LEU E 140 -45.87 9.81 -26.52
CA LEU E 140 -45.24 10.70 -25.54
C LEU E 140 -44.37 11.74 -26.22
N LYS E 141 -43.70 11.37 -27.31
CA LYS E 141 -42.87 12.33 -28.04
C LYS E 141 -43.70 13.50 -28.57
N ALA E 142 -44.96 13.24 -28.92
CA ALA E 142 -45.86 14.32 -29.33
C ALA E 142 -46.19 15.27 -28.19
N LYS E 143 -45.91 14.87 -26.94
CA LYS E 143 -46.07 15.70 -25.77
C LYS E 143 -44.73 16.21 -25.23
N GLY E 144 -43.65 16.02 -26.00
CA GLY E 144 -42.34 16.46 -25.58
C GLY E 144 -41.64 15.53 -24.61
N LYS E 145 -42.26 14.41 -24.25
CA LYS E 145 -41.66 13.44 -23.35
C LYS E 145 -41.15 12.23 -24.13
N SER E 146 -40.59 11.27 -23.40
CA SER E 146 -40.17 10.00 -23.96
C SER E 146 -40.76 8.87 -23.13
N ALA E 147 -40.71 7.67 -23.69
CA ALA E 147 -41.31 6.52 -23.02
C ALA E 147 -40.37 5.93 -21.97
N LEU E 148 -39.11 5.67 -22.33
CA LEU E 148 -38.25 4.85 -21.48
C LEU E 148 -36.81 5.28 -21.61
N MET E 149 -36.12 5.39 -20.46
CA MET E 149 -34.70 5.66 -20.40
C MET E 149 -34.10 4.90 -19.23
N PHE E 150 -33.06 4.12 -19.51
CA PHE E 150 -32.32 3.44 -18.45
C PHE E 150 -30.86 3.30 -18.90
N ASN E 151 -30.01 2.93 -17.94
CA ASN E 151 -28.58 2.83 -18.21
C ASN E 151 -28.31 1.78 -19.28
N LEU E 152 -27.76 2.21 -20.40
CA LEU E 152 -27.34 1.32 -21.48
C LEU E 152 -25.85 1.03 -21.44
N GLN E 153 -25.12 1.60 -20.49
CA GLN E 153 -23.67 1.40 -20.39
C GLN E 153 -23.29 0.28 -19.43
N GLU E 154 -24.22 -0.20 -18.60
CA GLU E 154 -23.96 -1.32 -17.71
C GLU E 154 -24.87 -2.48 -18.11
N PRO E 155 -24.32 -3.60 -18.56
CA PRO E 155 -25.17 -4.72 -19.01
C PRO E 155 -26.16 -5.21 -17.97
N TYR E 156 -25.96 -4.84 -16.70
CA TYR E 156 -26.89 -5.24 -15.64
C TYR E 156 -28.33 -4.83 -15.98
N PHE E 157 -28.50 -3.67 -16.60
CA PHE E 157 -29.83 -3.13 -16.86
C PHE E 157 -30.46 -3.68 -18.14
N THR E 158 -29.63 -4.05 -19.13
CA THR E 158 -30.13 -4.66 -20.34
C THR E 158 -30.33 -6.16 -20.20
N TRP E 159 -29.69 -6.79 -19.21
CA TRP E 159 -29.77 -8.24 -19.08
C TRP E 159 -31.19 -8.76 -18.93
N PRO E 160 -32.11 -8.10 -18.21
CA PRO E 160 -33.46 -8.66 -18.09
C PRO E 160 -34.13 -8.91 -19.42
N LEU E 161 -33.90 -8.02 -20.40
CA LEU E 161 -34.48 -8.19 -21.73
C LEU E 161 -33.73 -9.25 -22.53
N ILE E 162 -32.41 -9.33 -22.36
CA ILE E 162 -31.64 -10.34 -23.08
C ILE E 162 -32.03 -11.74 -22.64
N ALA E 163 -32.18 -11.96 -21.34
CA ALA E 163 -32.52 -13.27 -20.81
C ALA E 163 -33.99 -13.62 -20.99
N ALA E 164 -34.82 -12.67 -21.42
CA ALA E 164 -36.26 -12.92 -21.52
C ALA E 164 -36.55 -14.12 -22.41
N ASP E 165 -36.06 -14.12 -23.65
CA ASP E 165 -36.38 -15.16 -24.61
C ASP E 165 -35.40 -16.32 -24.59
N GLY E 166 -34.39 -16.32 -23.72
CA GLY E 166 -33.54 -17.49 -23.60
C GLY E 166 -32.06 -17.23 -23.39
N GLY E 167 -31.65 -15.98 -23.34
CA GLY E 167 -30.26 -15.67 -23.06
C GLY E 167 -29.89 -16.06 -21.64
N TYR E 168 -28.70 -16.59 -21.47
CA TYR E 168 -28.20 -16.95 -20.15
C TYR E 168 -26.70 -16.78 -20.12
N ALA E 169 -26.16 -16.67 -18.92
CA ALA E 169 -24.74 -16.49 -18.82
C ALA E 169 -24.03 -17.81 -18.87
N PHE E 170 -24.18 -18.62 -17.84
CA PHE E 170 -23.52 -19.90 -17.80
C PHE E 170 -24.53 -20.97 -17.51
N LYS E 171 -24.50 -22.03 -18.29
CA LYS E 171 -25.49 -23.09 -18.11
C LYS E 171 -25.24 -23.81 -16.80
N TYR E 172 -26.31 -23.99 -16.03
CA TYR E 172 -26.25 -24.74 -14.78
C TYR E 172 -26.60 -26.19 -15.06
N ALA E 173 -25.67 -27.09 -14.79
CA ALA E 173 -25.88 -28.51 -15.00
C ALA E 173 -25.01 -29.30 -14.04
N ALA E 174 -25.57 -30.38 -13.49
CA ALA E 174 -24.86 -31.21 -12.53
C ALA E 174 -24.48 -30.42 -11.28
N GLY E 175 -25.37 -29.54 -10.86
CA GLY E 175 -25.13 -28.75 -9.66
C GLY E 175 -23.97 -27.79 -9.77
N LYS E 176 -23.63 -27.36 -10.98
CA LYS E 176 -22.48 -26.50 -11.19
C LYS E 176 -22.66 -25.71 -12.46
N TYR E 177 -22.12 -24.49 -12.47
CA TYR E 177 -22.12 -23.66 -13.68
C TYR E 177 -20.99 -24.10 -14.59
N ASP E 178 -21.30 -24.24 -15.88
CA ASP E 178 -20.33 -24.65 -16.88
C ASP E 178 -19.69 -23.41 -17.49
N ILE E 179 -18.38 -23.25 -17.28
CA ILE E 179 -17.69 -22.04 -17.72
C ILE E 179 -17.71 -21.92 -19.24
N LYS E 180 -17.61 -23.05 -19.94
CA LYS E 180 -17.51 -23.05 -21.39
C LYS E 180 -18.87 -23.06 -22.09
N ASP E 181 -19.96 -22.95 -21.35
CA ASP E 181 -21.31 -23.00 -21.90
C ASP E 181 -21.99 -21.66 -21.66
N VAL E 182 -21.57 -20.64 -22.41
CA VAL E 182 -22.15 -19.30 -22.33
C VAL E 182 -23.37 -19.24 -23.23
N GLY E 183 -24.37 -18.47 -22.82
CA GLY E 183 -25.60 -18.38 -23.60
C GLY E 183 -25.98 -16.99 -24.04
N VAL E 184 -25.00 -16.16 -24.40
CA VAL E 184 -25.27 -14.78 -24.78
C VAL E 184 -25.35 -14.67 -26.31
N ASP E 185 -25.30 -15.81 -27.00
CA ASP E 185 -25.31 -15.82 -28.45
C ASP E 185 -26.44 -16.65 -29.04
N ASN E 186 -27.35 -17.17 -28.22
CA ASN E 186 -28.43 -18.00 -28.74
C ASN E 186 -29.54 -17.13 -29.31
N ALA E 187 -30.59 -17.79 -29.83
CA ALA E 187 -31.67 -17.06 -30.50
C ALA E 187 -32.38 -16.11 -29.55
N GLY E 188 -32.50 -16.48 -28.28
CA GLY E 188 -33.19 -15.61 -27.33
C GLY E 188 -32.39 -14.36 -26.99
N ALA E 189 -31.10 -14.52 -26.74
CA ALA E 189 -30.24 -13.35 -26.54
C ALA E 189 -30.28 -12.45 -27.76
N LYS E 190 -30.14 -13.03 -28.95
CA LYS E 190 -30.15 -12.23 -30.18
C LYS E 190 -31.43 -11.42 -30.31
N ALA E 191 -32.58 -12.04 -30.04
CA ALA E 191 -33.85 -11.32 -30.19
C ALA E 191 -33.97 -10.19 -29.18
N GLY E 192 -33.51 -10.41 -27.94
CA GLY E 192 -33.61 -9.37 -26.94
C GLY E 192 -32.75 -8.17 -27.25
N LEU E 193 -31.48 -8.40 -27.60
CA LEU E 193 -30.61 -7.29 -27.96
C LEU E 193 -31.06 -6.64 -29.26
N THR E 194 -31.50 -7.43 -30.23
CA THR E 194 -31.98 -6.86 -31.48
C THR E 194 -33.18 -5.94 -31.26
N PHE E 195 -34.03 -6.27 -30.29
CA PHE E 195 -35.13 -5.36 -29.96
C PHE E 195 -34.59 -4.05 -29.40
N LEU E 196 -33.66 -4.14 -28.45
CA LEU E 196 -33.07 -2.95 -27.86
C LEU E 196 -32.41 -2.08 -28.92
N VAL E 197 -31.61 -2.69 -29.79
CA VAL E 197 -30.94 -1.95 -30.85
C VAL E 197 -31.97 -1.32 -31.78
N ASP E 198 -33.04 -2.05 -32.10
CA ASP E 198 -34.06 -1.51 -32.99
C ASP E 198 -34.82 -0.36 -32.33
N LEU E 199 -34.98 -0.40 -31.01
CA LEU E 199 -35.48 0.78 -30.31
C LEU E 199 -34.61 1.98 -30.59
N ILE E 200 -33.29 1.80 -30.58
CA ILE E 200 -32.37 2.90 -30.86
C ILE E 200 -32.47 3.33 -32.31
N LYS E 201 -32.45 2.35 -33.23
CA LYS E 201 -32.55 2.67 -34.65
C LYS E 201 -33.80 3.50 -34.95
N ASN E 202 -34.92 3.17 -34.30
CA ASN E 202 -36.17 3.87 -34.51
C ASN E 202 -36.30 5.12 -33.64
N LYS E 203 -35.23 5.53 -32.97
CA LYS E 203 -35.18 6.77 -32.21
C LYS E 203 -36.13 6.75 -31.01
N HIS E 204 -36.35 5.57 -30.44
CA HIS E 204 -37.07 5.46 -29.17
C HIS E 204 -36.13 5.44 -27.97
N MET E 205 -34.83 5.22 -28.21
CA MET E 205 -33.82 5.34 -27.17
C MET E 205 -32.52 5.80 -27.82
N ASN E 206 -31.62 6.35 -26.99
CA ASN E 206 -30.32 6.82 -27.45
C ASN E 206 -29.22 5.98 -26.81
N ALA E 207 -28.21 5.65 -27.63
CA ALA E 207 -27.20 4.69 -27.20
C ALA E 207 -26.28 5.23 -26.11
N ASP E 208 -26.19 6.55 -25.94
CA ASP E 208 -25.30 7.10 -24.93
C ASP E 208 -25.96 7.25 -23.56
N THR E 209 -27.24 6.93 -23.45
CA THR E 209 -27.93 7.05 -22.16
C THR E 209 -27.23 6.18 -21.12
N ASP E 210 -26.78 6.80 -20.03
CA ASP E 210 -26.17 6.06 -18.93
C ASP E 210 -26.97 6.27 -17.65
N TYR E 211 -26.38 5.98 -16.49
CA TYR E 211 -27.14 6.01 -15.25
C TYR E 211 -27.63 7.42 -14.93
N SER E 212 -26.73 8.40 -14.96
CA SER E 212 -27.10 9.76 -14.54
C SER E 212 -28.06 10.42 -15.52
N ILE E 213 -27.89 10.16 -16.82
CA ILE E 213 -28.79 10.75 -17.82
C ILE E 213 -30.20 10.19 -17.63
N ALA E 214 -30.32 8.87 -17.48
CA ALA E 214 -31.62 8.26 -17.29
C ALA E 214 -32.24 8.68 -15.96
N GLU E 215 -31.45 8.70 -14.88
CA GLU E 215 -31.98 9.06 -13.58
C GLU E 215 -32.49 10.51 -13.58
N ALA E 216 -31.75 11.42 -14.22
CA ALA E 216 -32.16 12.81 -14.23
C ALA E 216 -33.43 13.02 -15.05
N ALA E 217 -33.50 12.37 -16.22
CA ALA E 217 -34.69 12.51 -17.05
C ALA E 217 -35.94 12.06 -16.32
N PHE E 218 -35.89 10.88 -15.69
CA PHE E 218 -37.08 10.39 -14.99
C PHE E 218 -37.43 11.27 -13.81
N ASN E 219 -36.44 11.63 -13.00
CA ASN E 219 -36.72 12.42 -11.81
C ASN E 219 -37.15 13.85 -12.14
N LYS E 220 -37.01 14.28 -13.39
CA LYS E 220 -37.50 15.58 -13.83
C LYS E 220 -38.78 15.48 -14.65
N GLY E 221 -39.37 14.28 -14.74
CA GLY E 221 -40.60 14.12 -15.50
C GLY E 221 -40.45 14.18 -17.00
N GLU E 222 -39.25 13.94 -17.52
CA GLU E 222 -39.02 14.00 -18.96
C GLU E 222 -39.24 12.65 -19.65
N THR E 223 -39.06 11.55 -18.93
CA THR E 223 -39.28 10.22 -19.48
C THR E 223 -40.28 9.46 -18.61
N ALA E 224 -41.16 8.69 -19.25
CA ALA E 224 -42.27 8.08 -18.54
C ALA E 224 -41.83 6.90 -17.69
N MET E 225 -40.73 6.25 -18.03
CA MET E 225 -40.30 5.06 -17.31
C MET E 225 -38.78 5.00 -17.25
N THR E 226 -38.29 4.28 -16.26
CA THR E 226 -36.90 3.87 -16.19
C THR E 226 -36.85 2.48 -15.56
N ILE E 227 -35.65 1.90 -15.57
CA ILE E 227 -35.42 0.58 -14.99
C ILE E 227 -34.29 0.72 -13.98
N ASN E 228 -34.57 0.43 -12.72
CA ASN E 228 -33.59 0.63 -11.67
C ASN E 228 -33.95 -0.23 -10.47
N GLY E 229 -33.06 -0.22 -9.48
CA GLY E 229 -33.25 -0.99 -8.27
C GLY E 229 -33.73 -0.12 -7.12
N PRO E 230 -33.91 -0.73 -5.95
CA PRO E 230 -34.48 0.02 -4.81
C PRO E 230 -33.60 1.16 -4.32
N TRP E 231 -32.30 1.15 -4.63
CA TRP E 231 -31.45 2.26 -4.21
C TRP E 231 -31.88 3.57 -4.85
N ALA E 232 -32.55 3.51 -5.99
CA ALA E 232 -32.93 4.71 -6.73
C ALA E 232 -34.19 5.38 -6.17
N TRP E 233 -34.92 4.71 -5.28
CA TRP E 233 -36.20 5.25 -4.82
C TRP E 233 -36.03 6.55 -4.05
N SER E 234 -34.94 6.69 -3.28
CA SER E 234 -34.78 7.87 -2.44
C SER E 234 -34.76 9.14 -3.27
N ASN E 235 -34.03 9.13 -4.39
CA ASN E 235 -33.92 10.33 -5.22
C ASN E 235 -35.26 10.67 -5.88
N ILE E 236 -36.06 9.66 -6.21
CA ILE E 236 -37.37 9.93 -6.80
C ILE E 236 -38.32 10.51 -5.74
N ASP E 237 -38.25 10.00 -4.51
CA ASP E 237 -39.05 10.56 -3.43
C ASP E 237 -38.81 12.06 -3.30
N THR E 238 -37.54 12.47 -3.36
CA THR E 238 -37.20 13.88 -3.25
C THR E 238 -37.70 14.69 -4.44
N SER E 239 -37.89 14.05 -5.60
CA SER E 239 -38.41 14.73 -6.76
C SER E 239 -39.94 14.86 -6.66
N ALA E 240 -40.53 15.56 -7.62
CA ALA E 240 -41.97 15.76 -7.66
C ALA E 240 -42.71 14.64 -8.36
N VAL E 241 -41.99 13.60 -8.78
CA VAL E 241 -42.60 12.51 -9.50
C VAL E 241 -43.39 11.56 -8.62
N ASN E 242 -44.59 11.28 -9.08
CA ASN E 242 -45.45 10.34 -8.45
C ASN E 242 -45.21 9.10 -9.25
N TYR E 243 -44.57 8.13 -8.61
CA TYR E 243 -44.18 6.94 -9.30
C TYR E 243 -44.69 5.65 -8.78
N GLY E 244 -44.54 4.65 -9.61
CA GLY E 244 -44.85 3.30 -9.19
C GLY E 244 -43.71 2.37 -9.51
N VAL E 245 -43.71 1.21 -8.84
CA VAL E 245 -42.73 0.17 -9.05
C VAL E 245 -43.47 -1.12 -9.36
N THR E 246 -43.16 -1.74 -10.49
CA THR E 246 -43.98 -2.85 -10.96
C THR E 246 -43.14 -3.84 -11.75
N VAL E 247 -43.79 -4.90 -12.21
CA VAL E 247 -43.10 -5.97 -12.93
C VAL E 247 -42.52 -5.43 -14.22
N LEU E 248 -41.33 -5.88 -14.57
CA LEU E 248 -40.75 -5.52 -15.84
C LEU E 248 -41.67 -5.96 -16.98
N PRO E 249 -41.63 -5.26 -18.11
CA PRO E 249 -42.46 -5.66 -19.25
C PRO E 249 -42.02 -7.01 -19.78
N THR E 250 -42.98 -7.76 -20.32
CA THR E 250 -42.68 -9.02 -20.96
C THR E 250 -42.07 -8.78 -22.34
N PHE E 251 -41.37 -9.80 -22.83
CA PHE E 251 -40.82 -9.77 -24.18
C PHE E 251 -41.10 -11.09 -24.87
N LYS E 252 -41.71 -11.02 -26.05
CA LYS E 252 -42.18 -12.21 -26.76
C LYS E 252 -43.04 -13.07 -25.82
N GLY E 253 -43.85 -12.40 -25.02
CA GLY E 253 -44.73 -13.06 -24.08
C GLY E 253 -44.06 -13.68 -22.86
N GLN E 254 -42.75 -13.50 -22.71
CA GLN E 254 -42.08 -14.09 -21.57
C GLN E 254 -41.60 -13.00 -20.61
N PRO E 255 -41.58 -13.28 -19.31
CA PRO E 255 -41.17 -12.26 -18.35
C PRO E 255 -39.73 -11.82 -18.58
N SER E 256 -39.46 -10.56 -18.26
CA SER E 256 -38.08 -10.12 -18.13
C SER E 256 -37.46 -10.81 -16.93
N LYS E 257 -36.21 -11.27 -17.08
CA LYS E 257 -35.54 -12.08 -16.07
C LYS E 257 -34.31 -11.33 -15.58
N PRO E 258 -34.47 -10.44 -14.60
CA PRO E 258 -33.31 -9.71 -14.08
C PRO E 258 -32.38 -10.65 -13.32
N PHE E 259 -31.09 -10.34 -13.39
CA PHE E 259 -30.11 -11.02 -12.56
C PHE E 259 -30.21 -10.46 -11.14
N VAL E 260 -30.46 -11.34 -10.17
CA VAL E 260 -30.71 -10.93 -8.80
C VAL E 260 -29.39 -10.91 -8.03
N GLY E 261 -29.12 -9.81 -7.36
CA GLY E 261 -27.89 -9.62 -6.60
C GLY E 261 -28.16 -9.49 -5.12
N VAL E 262 -27.29 -10.09 -4.31
CA VAL E 262 -27.34 -9.98 -2.86
C VAL E 262 -26.21 -9.04 -2.44
N LEU E 263 -26.56 -7.86 -1.94
CA LEU E 263 -25.55 -6.95 -1.44
C LEU E 263 -24.88 -7.59 -0.23
N SER E 264 -23.54 -7.67 -0.27
CA SER E 264 -22.80 -8.47 0.69
C SER E 264 -21.63 -7.67 1.23
N ALA E 265 -21.11 -8.10 2.37
CA ALA E 265 -19.98 -7.45 3.04
C ALA E 265 -18.90 -8.51 3.29
N GLY E 266 -17.77 -8.38 2.59
CA GLY E 266 -16.64 -9.24 2.82
C GLY E 266 -15.63 -8.59 3.74
N ILE E 267 -14.80 -9.42 4.36
CA ILE E 267 -13.74 -8.96 5.25
C ILE E 267 -12.41 -9.20 4.56
N ASN E 268 -11.63 -8.14 4.42
CA ASN E 268 -10.32 -8.23 3.79
C ASN E 268 -9.43 -9.23 4.54
N ALA E 269 -8.89 -10.20 3.80
CA ALA E 269 -8.00 -11.17 4.42
C ALA E 269 -6.76 -10.50 5.01
N ALA E 270 -6.40 -9.31 4.54
CA ALA E 270 -5.25 -8.57 5.05
C ALA E 270 -5.60 -7.69 6.24
N SER E 271 -6.86 -7.63 6.63
CA SER E 271 -7.26 -6.74 7.71
C SER E 271 -6.65 -7.19 9.03
N PRO E 272 -6.01 -6.29 9.78
CA PRO E 272 -5.65 -6.59 11.16
C PRO E 272 -6.79 -6.41 12.15
N ASN E 273 -8.02 -6.24 11.66
CA ASN E 273 -9.19 -5.94 12.48
C ASN E 273 -10.30 -6.95 12.24
N LYS E 274 -9.96 -8.20 11.94
CA LYS E 274 -10.96 -9.17 11.54
C LYS E 274 -12.03 -9.36 12.62
N GLU E 275 -11.62 -9.41 13.89
CA GLU E 275 -12.58 -9.60 14.97
C GLU E 275 -13.52 -8.41 15.09
N LEU E 276 -12.99 -7.19 14.94
CA LEU E 276 -13.85 -6.01 15.01
C LEU E 276 -14.79 -5.94 13.81
N ALA E 277 -14.31 -6.35 12.63
CA ALA E 277 -15.19 -6.38 11.46
C ALA E 277 -16.32 -7.36 11.66
N LYS E 278 -16.03 -8.55 12.19
CA LYS E 278 -17.09 -9.51 12.50
C LYS E 278 -18.10 -8.91 13.47
N GLU E 279 -17.61 -8.28 14.54
CA GLU E 279 -18.52 -7.73 15.53
C GLU E 279 -19.38 -6.61 14.93
N PHE E 280 -18.76 -5.72 14.15
CA PHE E 280 -19.53 -4.64 13.54
C PHE E 280 -20.65 -5.19 12.66
N LEU E 281 -20.31 -6.12 11.77
CA LEU E 281 -21.29 -6.63 10.82
C LEU E 281 -22.38 -7.44 11.52
N GLU E 282 -21.98 -8.34 12.41
CA GLU E 282 -22.95 -9.23 13.04
C GLU E 282 -23.81 -8.52 14.09
N ASN E 283 -23.19 -7.64 14.89
CA ASN E 283 -23.86 -7.09 16.06
C ASN E 283 -24.35 -5.66 15.86
N TYR E 284 -23.92 -4.97 14.82
CA TYR E 284 -24.37 -3.60 14.59
C TYR E 284 -25.08 -3.41 13.27
N LEU E 285 -24.50 -3.83 12.15
CA LEU E 285 -25.15 -3.62 10.86
C LEU E 285 -26.33 -4.57 10.68
N LEU E 286 -26.11 -5.87 10.93
CA LEU E 286 -27.15 -6.87 10.70
C LEU E 286 -28.07 -6.98 11.93
N THR E 287 -28.63 -5.83 12.29
CA THR E 287 -29.67 -5.70 13.28
C THR E 287 -30.81 -4.89 12.69
N ASP E 288 -31.96 -4.88 13.38
CA ASP E 288 -33.08 -4.08 12.90
C ASP E 288 -32.70 -2.62 12.81
N GLU E 289 -32.00 -2.09 13.83
CA GLU E 289 -31.63 -0.68 13.84
C GLU E 289 -30.56 -0.38 12.79
N GLY E 290 -29.57 -1.26 12.65
CA GLY E 290 -28.50 -1.01 11.70
C GLY E 290 -29.01 -0.96 10.28
N LEU E 291 -29.76 -1.97 9.87
CA LEU E 291 -30.30 -1.99 8.51
C LEU E 291 -31.25 -0.83 8.28
N GLU E 292 -32.07 -0.49 9.28
CA GLU E 292 -32.94 0.67 9.17
C GLU E 292 -32.16 1.93 8.84
N ALA E 293 -31.04 2.14 9.53
CA ALA E 293 -30.26 3.34 9.33
C ALA E 293 -29.73 3.43 7.90
N VAL E 294 -29.29 2.28 7.34
CA VAL E 294 -28.83 2.28 5.96
C VAL E 294 -30.01 2.41 5.01
N ASN E 295 -31.11 1.72 5.29
CA ASN E 295 -32.26 1.74 4.40
C ASN E 295 -32.84 3.15 4.25
N LYS E 296 -32.91 3.89 5.36
CA LYS E 296 -33.47 5.24 5.31
C LYS E 296 -32.66 6.17 4.42
N ASP E 297 -31.38 5.88 4.21
CA ASP E 297 -30.55 6.69 3.32
C ASP E 297 -30.83 6.33 1.87
N LYS E 298 -30.57 5.08 1.49
CA LYS E 298 -30.95 4.54 0.20
C LYS E 298 -31.56 3.17 0.49
N PRO E 299 -32.75 2.89 -0.04
CA PRO E 299 -33.40 1.60 0.28
C PRO E 299 -32.52 0.43 -0.11
N LEU E 300 -32.47 -0.56 0.77
CA LEU E 300 -31.62 -1.72 0.53
C LEU E 300 -32.29 -2.74 -0.37
N GLY E 301 -33.61 -2.81 -0.36
CA GLY E 301 -34.33 -3.89 -1.01
C GLY E 301 -34.87 -4.85 0.02
N ALA E 302 -34.92 -6.14 -0.30
CA ALA E 302 -35.36 -7.17 0.64
C ALA E 302 -34.16 -7.62 1.45
N VAL E 303 -34.12 -7.24 2.73
CA VAL E 303 -32.96 -7.48 3.57
C VAL E 303 -32.88 -8.95 3.94
N ALA E 304 -31.65 -9.41 4.21
CA ALA E 304 -31.43 -10.81 4.57
C ALA E 304 -31.88 -11.13 5.99
N LEU E 305 -31.90 -10.12 6.86
CA LEU E 305 -32.32 -10.34 8.24
C LEU E 305 -33.84 -10.52 8.29
N LYS E 306 -34.28 -11.68 8.80
CA LYS E 306 -35.70 -12.02 8.73
C LYS E 306 -36.55 -11.04 9.54
N SER E 307 -36.07 -10.64 10.73
CA SER E 307 -36.86 -9.77 11.60
C SER E 307 -37.23 -8.48 10.89
N TYR E 308 -36.25 -7.83 10.26
CA TYR E 308 -36.50 -6.55 9.60
C TYR E 308 -37.18 -6.72 8.25
N GLU E 309 -36.89 -7.80 7.53
CA GLU E 309 -37.55 -8.02 6.24
C GLU E 309 -39.05 -8.19 6.42
N GLU E 310 -39.49 -8.73 7.55
CA GLU E 310 -40.92 -8.86 7.81
C GLU E 310 -41.61 -7.50 7.76
N GLU E 311 -40.92 -6.43 8.15
CA GLU E 311 -41.50 -5.10 8.08
C GLU E 311 -41.39 -4.51 6.68
N LEU E 312 -40.22 -4.63 6.05
CA LEU E 312 -40.06 -4.11 4.70
C LEU E 312 -40.94 -4.83 3.69
N ALA E 313 -41.34 -6.08 3.97
CA ALA E 313 -42.18 -6.83 3.06
C ALA E 313 -43.53 -6.14 2.82
N LYS E 314 -43.97 -5.30 3.75
CA LYS E 314 -45.26 -4.61 3.62
C LYS E 314 -45.21 -3.48 2.61
N ASP E 315 -44.02 -3.09 2.15
CA ASP E 315 -43.88 -2.04 1.15
C ASP E 315 -44.19 -2.60 -0.23
N PRO E 316 -45.22 -2.11 -0.92
CA PRO E 316 -45.54 -2.66 -2.24
C PRO E 316 -44.39 -2.55 -3.23
N ARG E 317 -43.53 -1.54 -3.06
CA ARG E 317 -42.32 -1.47 -3.89
C ARG E 317 -41.42 -2.68 -3.65
N ILE E 318 -41.42 -3.21 -2.43
CA ILE E 318 -40.61 -4.38 -2.13
C ILE E 318 -41.25 -5.64 -2.70
N ALA E 319 -42.56 -5.78 -2.52
CA ALA E 319 -43.27 -6.87 -3.18
C ALA E 319 -42.99 -6.88 -4.68
N ALA E 320 -43.06 -5.72 -5.31
CA ALA E 320 -42.74 -5.62 -6.74
C ALA E 320 -41.29 -6.03 -7.00
N THR E 321 -40.37 -5.53 -6.18
CA THR E 321 -38.97 -5.95 -6.28
C THR E 321 -38.87 -7.47 -6.20
N MET E 322 -39.53 -8.08 -5.22
CA MET E 322 -39.45 -9.52 -5.03
C MET E 322 -40.22 -10.27 -6.11
N GLU E 323 -41.31 -9.69 -6.63
CA GLU E 323 -42.01 -10.32 -7.75
C GLU E 323 -41.11 -10.39 -8.97
N ASN E 324 -40.40 -9.31 -9.27
CA ASN E 324 -39.40 -9.34 -10.33
C ASN E 324 -38.28 -10.31 -9.98
N ALA E 325 -37.82 -10.28 -8.72
CA ALA E 325 -36.76 -11.19 -8.30
C ALA E 325 -37.15 -12.64 -8.56
N GLN E 326 -38.40 -13.01 -8.27
CA GLN E 326 -38.83 -14.38 -8.47
C GLN E 326 -38.73 -14.80 -9.94
N LYS E 327 -38.97 -13.86 -10.87
CA LYS E 327 -38.91 -14.18 -12.28
C LYS E 327 -37.49 -14.21 -12.83
N GLY E 328 -36.56 -13.56 -12.15
CA GLY E 328 -35.16 -13.59 -12.53
C GLY E 328 -34.45 -14.78 -11.94
N GLU E 329 -33.12 -14.64 -11.81
CA GLU E 329 -32.30 -15.68 -11.23
C GLU E 329 -31.20 -15.06 -10.38
N ILE E 330 -30.85 -15.74 -9.29
CA ILE E 330 -29.71 -15.33 -8.49
C ILE E 330 -28.46 -15.41 -9.35
N MET E 331 -27.60 -14.40 -9.23
CA MET E 331 -26.37 -14.39 -9.99
C MET E 331 -25.42 -15.49 -9.51
N PRO E 332 -24.66 -16.09 -10.40
CA PRO E 332 -23.52 -16.90 -9.95
C PRO E 332 -22.52 -16.01 -9.22
N ASN E 333 -21.74 -16.61 -8.34
CA ASN E 333 -20.65 -15.90 -7.67
C ASN E 333 -19.30 -16.38 -8.12
N ILE E 334 -19.23 -17.16 -9.20
CA ILE E 334 -17.99 -17.77 -9.67
C ILE E 334 -17.03 -16.69 -10.16
N PRO E 335 -15.72 -16.96 -10.18
CA PRO E 335 -14.77 -15.93 -10.63
C PRO E 335 -15.01 -15.45 -12.05
N GLN E 336 -15.43 -16.36 -12.94
CA GLN E 336 -15.63 -16.02 -14.35
C GLN E 336 -16.74 -14.99 -14.57
N MET E 337 -17.43 -14.56 -13.51
CA MET E 337 -18.50 -13.59 -13.68
C MET E 337 -17.98 -12.26 -14.21
N SER E 338 -16.81 -11.84 -13.73
CA SER E 338 -16.24 -10.56 -14.18
C SER E 338 -16.07 -10.55 -15.69
N ALA E 339 -15.52 -11.64 -16.25
CA ALA E 339 -15.31 -11.71 -17.69
C ALA E 339 -16.64 -11.77 -18.44
N PHE E 340 -17.65 -12.42 -17.86
CA PHE E 340 -18.97 -12.41 -18.50
C PHE E 340 -19.52 -11.00 -18.60
N TRP E 341 -19.44 -10.24 -17.51
CA TRP E 341 -19.93 -8.86 -17.52
C TRP E 341 -19.14 -8.01 -18.51
N TYR E 342 -17.80 -8.14 -18.50
CA TYR E 342 -16.98 -7.42 -19.47
C TYR E 342 -17.43 -7.71 -20.90
N ALA E 343 -17.69 -8.99 -21.21
CA ALA E 343 -18.06 -9.37 -22.56
C ALA E 343 -19.42 -8.81 -22.93
N VAL E 344 -20.41 -8.98 -22.05
CA VAL E 344 -21.75 -8.48 -22.34
C VAL E 344 -21.74 -6.96 -22.43
N ARG E 345 -20.97 -6.30 -21.57
CA ARG E 345 -20.83 -4.86 -21.64
C ARG E 345 -20.41 -4.41 -23.04
N THR E 346 -19.26 -4.94 -23.50
CA THR E 346 -18.76 -4.57 -24.83
C THR E 346 -19.81 -4.86 -25.91
N ALA E 347 -20.47 -6.01 -25.83
CA ALA E 347 -21.43 -6.38 -26.86
C ALA E 347 -22.59 -5.39 -26.92
N VAL E 348 -23.10 -4.96 -25.76
CA VAL E 348 -24.26 -4.08 -25.75
C VAL E 348 -23.89 -2.70 -26.30
N ILE E 349 -22.74 -2.17 -25.91
CA ILE E 349 -22.35 -0.83 -26.35
C ILE E 349 -22.05 -0.82 -27.84
N ASN E 350 -21.28 -1.80 -28.32
CA ASN E 350 -20.89 -1.81 -29.73
C ASN E 350 -22.11 -2.01 -30.63
N ALA E 351 -23.08 -2.81 -30.17
CA ALA E 351 -24.30 -2.98 -30.95
C ALA E 351 -25.20 -1.75 -30.85
N ALA E 352 -25.32 -1.19 -29.65
CA ALA E 352 -26.11 0.03 -29.47
C ALA E 352 -25.53 1.17 -30.30
N SER E 353 -24.21 1.25 -30.38
CA SER E 353 -23.55 2.32 -31.11
C SER E 353 -23.52 2.09 -32.61
N GLY E 354 -23.91 0.91 -33.09
CA GLY E 354 -23.80 0.57 -34.48
C GLY E 354 -22.43 0.10 -34.92
N ARG E 355 -21.45 0.08 -34.00
CA ARG E 355 -20.10 -0.30 -34.38
C ARG E 355 -20.05 -1.72 -34.93
N GLN E 356 -20.76 -2.65 -34.31
CA GLN E 356 -20.90 -4.00 -34.81
C GLN E 356 -22.38 -4.36 -34.91
N THR E 357 -22.68 -5.35 -35.73
CA THR E 357 -24.03 -5.90 -35.74
C THR E 357 -24.29 -6.63 -34.42
N VAL E 358 -25.55 -7.00 -34.21
CA VAL E 358 -25.90 -7.74 -33.00
C VAL E 358 -25.26 -9.12 -33.04
N ASP E 359 -25.36 -9.81 -34.17
CA ASP E 359 -24.80 -11.16 -34.28
C ASP E 359 -23.28 -11.14 -34.07
N ALA E 360 -22.59 -10.18 -34.67
CA ALA E 360 -21.14 -10.11 -34.53
C ALA E 360 -20.73 -9.70 -33.12
N ALA E 361 -21.52 -8.81 -32.49
CA ALA E 361 -21.20 -8.38 -31.13
C ALA E 361 -21.35 -9.53 -30.14
N LEU E 362 -22.48 -10.24 -30.20
CA LEU E 362 -22.69 -11.37 -29.30
C LEU E 362 -21.77 -12.53 -29.63
N ALA E 363 -21.37 -12.66 -30.90
CA ALA E 363 -20.46 -13.74 -31.29
C ALA E 363 -19.14 -13.63 -30.53
N ALA E 364 -18.58 -12.41 -30.48
CA ALA E 364 -17.34 -12.20 -29.74
C ALA E 364 -17.57 -12.34 -28.24
N ALA E 365 -18.71 -11.87 -27.75
CA ALA E 365 -18.99 -11.94 -26.32
C ALA E 365 -18.98 -13.39 -25.82
N GLN E 366 -19.57 -14.29 -26.59
CA GLN E 366 -19.55 -15.71 -26.21
C GLN E 366 -18.12 -16.21 -26.10
N THR E 367 -17.32 -16.00 -27.15
CA THR E 367 -15.91 -16.38 -27.10
C THR E 367 -15.18 -15.62 -26.00
N ASN E 368 -15.59 -14.38 -25.71
CA ASN E 368 -14.93 -13.58 -24.70
C ASN E 368 -15.33 -13.98 -23.29
N ALA E 369 -16.56 -14.42 -23.09
CA ALA E 369 -17.02 -14.76 -21.75
C ALA E 369 -16.38 -16.04 -21.23
N ALA E 370 -16.01 -16.95 -22.12
CA ALA E 370 -15.47 -18.24 -21.74
C ALA E 370 -13.94 -18.27 -21.76
N ARG E 371 -13.29 -17.13 -21.97
CA ARG E 371 -11.84 -17.07 -22.05
C ARG E 371 -11.23 -16.76 -20.69
N ARG E 372 -10.17 -17.49 -20.35
CA ARG E 372 -9.46 -17.21 -19.12
C ARG E 372 -8.68 -15.91 -19.25
N LYS E 373 -8.73 -15.10 -18.22
CA LYS E 373 -7.95 -13.86 -18.22
C LYS E 373 -6.48 -14.19 -18.02
N PRO E 374 -5.59 -13.69 -18.86
CA PRO E 374 -4.16 -13.89 -18.62
C PRO E 374 -3.72 -13.08 -17.41
N SER E 375 -2.88 -13.70 -16.60
CA SER E 375 -2.33 -12.99 -15.46
C SER E 375 -1.26 -12.04 -15.97
N TRP E 376 -0.94 -11.03 -15.18
CA TRP E 376 0.08 -10.07 -15.54
C TRP E 376 1.44 -10.79 -15.73
N ARG E 377 1.75 -11.76 -14.86
CA ARG E 377 2.95 -12.55 -14.95
C ARG E 377 3.03 -13.13 -16.36
N GLU E 378 1.87 -13.35 -16.95
CA GLU E 378 1.84 -13.73 -18.35
C GLU E 378 1.75 -12.54 -19.29
N ARG E 379 0.99 -11.51 -18.93
CA ARG E 379 0.88 -10.34 -19.80
C ARG E 379 2.23 -9.68 -20.02
N GLU E 380 3.04 -9.57 -18.97
CA GLU E 380 4.37 -8.98 -19.13
C GLU E 380 5.29 -9.92 -19.90
N ASN E 381 5.16 -11.23 -19.68
CA ASN E 381 5.95 -12.19 -20.43
C ASN E 381 5.79 -11.96 -21.93
N ASN E 382 4.55 -11.88 -22.39
CA ASN E 382 4.31 -11.72 -23.83
C ASN E 382 4.84 -10.38 -24.31
N ARG E 383 4.75 -9.34 -23.48
CA ARG E 383 5.36 -8.06 -23.84
C ARG E 383 6.84 -8.24 -24.16
N ARG E 384 7.57 -8.91 -23.26
CA ARG E 384 9.00 -9.13 -23.43
C ARG E 384 9.39 -9.85 -24.71
N ARG E 385 8.67 -10.90 -25.05
CA ARG E 385 8.99 -11.60 -26.28
C ARG E 385 8.82 -10.68 -27.47
N GLU E 386 7.76 -9.89 -27.50
CA GLU E 386 7.56 -8.96 -28.57
C GLU E 386 8.65 -7.89 -28.52
N ARG E 387 8.98 -7.43 -27.30
CA ARG E 387 10.07 -6.48 -27.11
C ARG E 387 11.42 -7.11 -27.43
N ARG E 388 11.53 -8.44 -27.32
CA ARG E 388 12.78 -9.13 -27.66
C ARG E 388 12.88 -9.40 -29.16
N ARG E 389 11.91 -10.14 -29.71
CA ARG E 389 11.87 -10.45 -31.12
C ARG E 389 12.17 -9.21 -31.96
N ARG E 390 11.58 -8.10 -31.55
CA ARG E 390 11.81 -6.85 -32.22
C ARG E 390 13.28 -6.54 -32.11
N ALA E 391 13.88 -6.85 -30.99
CA ALA E 391 15.29 -6.55 -30.80
C ALA E 391 16.24 -7.31 -31.69
N VAL E 392 16.01 -8.60 -31.78
CA VAL E 392 16.85 -9.49 -32.53
C VAL E 392 16.88 -9.02 -33.96
N ALA E 393 15.70 -8.78 -34.49
CA ALA E 393 15.63 -8.25 -35.86
C ALA E 393 16.39 -6.94 -35.98
N ALA E 394 16.38 -6.12 -34.93
CA ALA E 394 17.05 -4.83 -34.98
C ALA E 394 18.58 -4.99 -34.99
N LYS E 395 19.10 -5.93 -34.20
CA LYS E 395 20.54 -6.15 -34.19
C LYS E 395 21.04 -6.63 -35.54
N ILE E 396 20.33 -7.60 -36.14
CA ILE E 396 20.74 -8.13 -37.43
C ILE E 396 20.81 -7.02 -38.46
N TYR E 397 19.86 -6.09 -38.44
CA TYR E 397 19.93 -4.94 -39.33
C TYR E 397 21.07 -4.00 -38.94
N THR E 398 21.38 -3.91 -37.65
CA THR E 398 22.50 -3.07 -37.21
C THR E 398 23.83 -3.65 -37.66
N GLY E 399 24.04 -4.95 -37.44
CA GLY E 399 25.24 -5.59 -37.94
C GLY E 399 25.35 -5.59 -39.45
N LEU E 400 24.22 -5.47 -40.15
CA LEU E 400 24.24 -5.41 -41.61
C LEU E 400 24.65 -4.04 -42.11
N ARG E 401 23.95 -2.99 -41.65
CA ARG E 401 24.34 -1.63 -42.01
C ARG E 401 25.80 -1.38 -41.66
N ALA E 402 26.16 -1.62 -40.40
CA ALA E 402 27.51 -1.32 -39.93
C ALA E 402 28.56 -2.08 -40.73
N GLN E 403 28.29 -3.35 -41.02
CA GLN E 403 29.31 -4.28 -41.50
C GLN E 403 29.10 -4.71 -42.94
N GLY E 404 28.21 -4.06 -43.69
CA GLY E 404 27.78 -4.62 -44.95
C GLY E 404 28.27 -3.98 -46.24
N ASP E 405 28.41 -2.66 -46.26
CA ASP E 405 28.79 -1.88 -47.46
C ASP E 405 27.86 -2.28 -48.57
N TYR E 406 26.59 -1.99 -48.36
CA TYR E 406 25.54 -2.43 -49.25
C TYR E 406 25.19 -1.57 -50.43
N ASN E 407 25.94 -0.47 -50.59
CA ASN E 407 25.77 0.52 -51.66
C ASN E 407 24.42 1.08 -51.44
N LEU E 408 24.21 1.49 -50.22
CA LEU E 408 22.89 2.00 -49.86
C LEU E 408 22.98 3.42 -49.32
N PRO E 409 21.97 4.25 -49.59
CA PRO E 409 21.98 5.62 -49.08
C PRO E 409 21.83 5.64 -47.57
N LYS E 410 22.46 6.62 -46.94
CA LYS E 410 22.45 6.69 -45.49
C LYS E 410 21.04 6.93 -44.97
N HIS E 411 20.75 6.32 -43.82
CA HIS E 411 19.46 6.50 -43.14
C HIS E 411 18.31 6.01 -44.00
N CYS E 412 18.49 4.85 -44.63
CA CYS E 412 17.44 4.16 -45.35
C CYS E 412 16.73 3.17 -44.43
N ASP E 413 15.53 2.77 -44.83
CA ASP E 413 14.72 1.92 -43.98
C ASP E 413 15.22 0.47 -44.01
N ASN E 414 14.74 -0.33 -43.05
CA ASN E 414 15.19 -1.71 -42.94
C ASN E 414 14.84 -2.51 -44.20
N ASN E 415 13.67 -2.26 -44.78
CA ASN E 415 13.26 -3.02 -45.96
C ASN E 415 14.31 -2.95 -47.06
N GLU E 416 14.87 -1.76 -47.29
CA GLU E 416 15.90 -1.61 -48.31
C GLU E 416 17.20 -2.30 -47.92
N VAL E 417 17.46 -2.47 -46.62
CA VAL E 417 18.58 -3.30 -46.20
C VAL E 417 18.31 -4.76 -46.52
N LEU E 418 17.07 -5.21 -46.28
CA LEU E 418 16.70 -6.58 -46.61
C LEU E 418 16.94 -6.87 -48.08
N LYS E 419 16.56 -5.93 -48.95
CA LYS E 419 16.80 -6.12 -50.39
C LYS E 419 18.28 -6.32 -50.69
N ALA E 420 19.13 -5.49 -50.08
CA ALA E 420 20.57 -5.63 -50.31
C ALA E 420 21.08 -6.98 -49.82
N LEU E 421 20.56 -7.45 -48.68
CA LEU E 421 20.94 -8.76 -48.18
C LEU E 421 20.44 -9.86 -49.11
N CYS E 422 19.25 -9.68 -49.67
CA CYS E 422 18.70 -10.69 -50.58
C CYS E 422 19.55 -10.81 -51.83
N VAL E 423 19.80 -9.69 -52.52
CA VAL E 423 20.57 -9.73 -53.76
C VAL E 423 21.98 -10.26 -53.51
N GLU E 424 22.52 -10.05 -52.30
CA GLU E 424 23.84 -10.58 -52.00
C GLU E 424 23.84 -12.11 -51.99
N ALA E 425 22.72 -12.71 -51.60
CA ALA E 425 22.59 -14.15 -51.53
C ALA E 425 21.94 -14.75 -52.78
N GLY E 426 21.92 -14.00 -53.88
CA GLY E 426 21.43 -14.50 -55.14
C GLY E 426 19.94 -14.34 -55.38
N TRP E 427 19.28 -13.42 -54.68
CA TRP E 427 17.85 -13.21 -54.83
C TRP E 427 17.58 -11.94 -55.64
N VAL E 428 16.31 -11.79 -56.03
CA VAL E 428 15.84 -10.62 -56.75
C VAL E 428 14.55 -10.15 -56.09
N VAL E 429 14.56 -8.91 -55.59
CA VAL E 429 13.40 -8.32 -54.94
C VAL E 429 12.99 -7.10 -55.74
N GLU E 430 11.74 -7.11 -56.21
CA GLU E 430 11.17 -5.95 -56.87
C GLU E 430 10.48 -5.06 -55.84
N GLU E 431 10.10 -3.86 -56.28
CA GLU E 431 9.52 -2.88 -55.36
C GLU E 431 8.30 -3.43 -54.63
N ASP E 432 7.51 -4.27 -55.30
CA ASP E 432 6.32 -4.83 -54.68
C ASP E 432 6.65 -5.75 -53.50
N GLY E 433 7.89 -6.20 -53.39
CA GLY E 433 8.27 -7.19 -52.40
C GLY E 433 8.30 -8.61 -52.90
N THR E 434 7.88 -8.85 -54.15
CA THR E 434 7.97 -10.18 -54.73
C THR E 434 9.43 -10.60 -54.85
N THR E 435 9.75 -11.77 -54.30
CA THR E 435 11.13 -12.23 -54.21
C THR E 435 11.29 -13.55 -54.94
N TYR E 436 12.36 -13.65 -55.73
CA TYR E 436 12.69 -14.87 -56.45
C TYR E 436 14.19 -14.86 -56.73
N ARG E 437 14.70 -15.99 -57.19
CA ARG E 437 16.13 -16.13 -57.46
C ARG E 437 16.43 -16.10 -58.96
N LYS F 2 -30.53 14.46 -39.01
CA LYS F 2 -30.90 15.02 -40.30
C LYS F 2 -32.05 16.05 -40.15
N ILE F 3 -31.82 17.25 -40.69
CA ILE F 3 -32.60 18.48 -40.64
C ILE F 3 -33.66 18.70 -41.74
N GLU F 4 -34.73 19.44 -41.49
CA GLU F 4 -35.72 19.66 -42.54
C GLU F 4 -36.20 21.09 -42.68
N GLU F 5 -36.60 21.47 -43.87
CA GLU F 5 -37.01 22.84 -44.11
C GLU F 5 -38.37 23.12 -43.47
N GLY F 6 -38.50 24.31 -42.87
CA GLY F 6 -39.73 24.65 -42.19
C GLY F 6 -39.82 24.16 -40.76
N LYS F 7 -38.68 23.81 -40.16
CA LYS F 7 -38.63 23.34 -38.78
C LYS F 7 -37.27 23.71 -38.21
N LEU F 8 -37.23 23.90 -36.90
CA LEU F 8 -36.01 24.31 -36.21
C LEU F 8 -35.68 23.30 -35.12
N VAL F 9 -34.47 22.76 -35.17
CA VAL F 9 -33.93 21.89 -34.12
C VAL F 9 -32.78 22.63 -33.44
N ILE F 10 -32.83 22.72 -32.12
CA ILE F 10 -31.86 23.46 -31.33
C ILE F 10 -31.17 22.52 -30.36
N TRP F 11 -29.85 22.67 -30.23
CA TRP F 11 -29.06 21.93 -29.26
C TRP F 11 -28.55 22.89 -28.19
N ILE F 12 -28.78 22.55 -26.93
CA ILE F 12 -28.29 23.35 -25.81
C ILE F 12 -27.96 22.40 -24.66
N ASN F 13 -26.96 22.77 -23.87
CA ASN F 13 -26.45 21.89 -22.84
C ASN F 13 -27.50 21.65 -21.76
N GLY F 14 -27.39 20.50 -21.10
CA GLY F 14 -28.39 20.01 -20.17
C GLY F 14 -28.45 20.75 -18.85
N ASP F 15 -27.50 21.63 -18.56
CA ASP F 15 -27.55 22.43 -17.35
C ASP F 15 -28.21 23.80 -17.57
N LYS F 16 -28.57 24.12 -18.80
CA LYS F 16 -29.19 25.39 -19.13
C LYS F 16 -30.71 25.23 -19.16
N GLY F 17 -31.41 26.37 -19.25
CA GLY F 17 -32.86 26.36 -19.19
C GLY F 17 -33.53 25.98 -20.49
N TYR F 18 -33.44 24.71 -20.87
CA TYR F 18 -34.02 24.28 -22.14
C TYR F 18 -35.53 24.21 -22.10
N ASN F 19 -36.14 24.15 -20.91
CA ASN F 19 -37.59 24.24 -20.83
C ASN F 19 -38.07 25.67 -21.07
N GLY F 20 -37.33 26.65 -20.52
CA GLY F 20 -37.64 28.04 -20.86
C GLY F 20 -37.43 28.33 -22.33
N LEU F 21 -36.32 27.85 -22.89
CA LEU F 21 -36.09 28.02 -24.32
C LEU F 21 -37.20 27.40 -25.14
N ALA F 22 -37.66 26.20 -24.75
CA ALA F 22 -38.76 25.57 -25.46
C ALA F 22 -40.02 26.43 -25.41
N GLU F 23 -40.26 27.11 -24.28
CA GLU F 23 -41.37 28.04 -24.21
C GLU F 23 -41.26 29.11 -25.28
N VAL F 24 -40.04 29.60 -25.51
CA VAL F 24 -39.82 30.61 -26.54
C VAL F 24 -40.13 30.03 -27.92
N GLY F 25 -39.71 28.79 -28.16
CA GLY F 25 -40.03 28.15 -29.42
C GLY F 25 -41.52 27.91 -29.60
N LYS F 26 -42.23 27.65 -28.50
CA LYS F 26 -43.67 27.49 -28.60
C LYS F 26 -44.35 28.79 -29.00
N LYS F 27 -43.86 29.92 -28.48
CA LYS F 27 -44.37 31.22 -28.94
C LYS F 27 -44.06 31.41 -30.42
N PHE F 28 -42.81 31.13 -30.82
CA PHE F 28 -42.44 31.17 -32.24
C PHE F 28 -43.41 30.34 -33.08
N GLU F 29 -43.72 29.13 -32.62
CA GLU F 29 -44.63 28.27 -33.37
C GLU F 29 -46.04 28.85 -33.41
N LYS F 30 -46.51 29.41 -32.29
CA LYS F 30 -47.83 30.03 -32.29
C LYS F 30 -47.91 31.17 -33.30
N ASP F 31 -46.86 31.98 -33.38
CA ASP F 31 -46.88 33.14 -34.27
C ASP F 31 -46.66 32.76 -35.72
N THR F 32 -45.78 31.78 -35.98
CA THR F 32 -45.35 31.45 -37.33
C THR F 32 -45.82 30.10 -37.83
N GLY F 33 -46.13 29.16 -36.94
CA GLY F 33 -46.40 27.80 -37.33
C GLY F 33 -45.17 26.94 -37.54
N ILE F 34 -43.98 27.48 -37.31
CA ILE F 34 -42.74 26.73 -37.43
C ILE F 34 -42.49 26.03 -36.10
N LYS F 35 -42.35 24.70 -36.14
CA LYS F 35 -42.09 23.94 -34.94
C LYS F 35 -40.62 24.07 -34.54
N VAL F 36 -40.38 24.25 -33.25
CA VAL F 36 -39.05 24.30 -32.68
C VAL F 36 -38.89 23.15 -31.71
N THR F 37 -37.86 22.34 -31.90
CA THR F 37 -37.54 21.22 -31.01
C THR F 37 -36.23 21.54 -30.31
N VAL F 38 -36.29 21.76 -29.00
CA VAL F 38 -35.10 21.98 -28.19
C VAL F 38 -34.63 20.62 -27.69
N GLU F 39 -33.37 20.30 -27.95
CA GLU F 39 -32.76 19.08 -27.46
C GLU F 39 -31.53 19.43 -26.62
N HIS F 40 -31.21 18.58 -25.67
CA HIS F 40 -30.03 18.73 -24.82
C HIS F 40 -29.22 17.44 -24.87
N PRO F 41 -28.57 17.16 -25.99
CA PRO F 41 -27.81 15.92 -26.11
C PRO F 41 -26.60 15.91 -25.19
N ASP F 42 -26.15 14.70 -24.88
CA ASP F 42 -24.93 14.52 -24.12
C ASP F 42 -23.72 14.79 -25.00
N LYS F 43 -22.73 15.48 -24.44
CA LYS F 43 -21.50 15.81 -25.17
C LYS F 43 -21.80 16.54 -26.47
N LEU F 44 -22.76 17.45 -26.45
CA LEU F 44 -23.22 18.08 -27.68
C LEU F 44 -22.13 18.90 -28.34
N GLU F 45 -21.19 19.44 -27.58
CA GLU F 45 -20.09 20.19 -28.17
C GLU F 45 -19.15 19.30 -28.98
N GLU F 46 -19.11 18.01 -28.67
CA GLU F 46 -18.30 17.06 -29.41
C GLU F 46 -19.06 16.43 -30.56
N LYS F 47 -20.37 16.25 -30.43
CA LYS F 47 -21.18 15.65 -31.47
C LYS F 47 -21.38 16.59 -32.65
N PHE F 48 -21.46 17.90 -32.40
CA PHE F 48 -21.77 18.83 -33.49
C PHE F 48 -20.76 18.77 -34.63
N PRO F 49 -19.45 18.88 -34.39
CA PRO F 49 -18.51 18.79 -35.53
C PRO F 49 -18.55 17.45 -36.24
N GLN F 50 -18.90 16.38 -35.54
CA GLN F 50 -18.94 15.06 -36.19
C GLN F 50 -20.14 14.94 -37.11
N VAL F 51 -21.33 15.25 -36.62
CA VAL F 51 -22.54 15.11 -37.43
C VAL F 51 -22.65 16.23 -38.45
N ALA F 52 -22.08 17.41 -38.16
CA ALA F 52 -22.14 18.50 -39.11
C ALA F 52 -21.34 18.18 -40.37
N ALA F 53 -20.21 17.48 -40.23
CA ALA F 53 -19.38 17.15 -41.38
C ALA F 53 -20.10 16.23 -42.36
N THR F 54 -21.15 15.54 -41.93
CA THR F 54 -21.92 14.65 -42.80
C THR F 54 -23.23 15.28 -43.25
N GLY F 55 -23.45 16.56 -42.95
CA GLY F 55 -24.69 17.23 -43.29
C GLY F 55 -25.77 17.17 -42.24
N ASP F 56 -25.58 16.39 -41.19
CA ASP F 56 -26.56 16.27 -40.12
C ASP F 56 -26.36 17.40 -39.11
N GLY F 57 -26.83 17.22 -37.89
CA GLY F 57 -26.72 18.23 -36.87
C GLY F 57 -27.95 19.11 -36.79
N PRO F 58 -28.01 19.97 -35.77
CA PRO F 58 -29.18 20.83 -35.60
C PRO F 58 -29.08 22.10 -36.45
N ASP F 59 -30.15 22.88 -36.41
CA ASP F 59 -30.14 24.18 -37.07
C ASP F 59 -29.37 25.21 -36.25
N ILE F 60 -29.53 25.17 -34.94
CA ILE F 60 -28.86 26.09 -34.01
C ILE F 60 -28.17 25.27 -32.94
N ILE F 61 -26.98 25.69 -32.54
CA ILE F 61 -26.23 25.03 -31.48
C ILE F 61 -25.80 26.09 -30.47
N PHE F 62 -26.15 25.86 -29.20
CA PHE F 62 -25.78 26.73 -28.09
C PHE F 62 -24.55 26.15 -27.39
N TRP F 63 -23.58 27.01 -27.11
CA TRP F 63 -22.42 26.64 -26.30
C TRP F 63 -21.66 27.91 -25.98
N ALA F 64 -20.73 27.80 -25.03
CA ALA F 64 -19.82 28.91 -24.77
C ALA F 64 -18.96 29.18 -26.00
N HIS F 65 -18.61 30.45 -26.18
CA HIS F 65 -18.00 30.90 -27.43
C HIS F 65 -16.68 30.19 -27.75
N ASP F 66 -16.01 29.63 -26.76
CA ASP F 66 -14.72 29.02 -27.01
C ASP F 66 -14.64 27.97 -28.09
N ARG F 67 -15.68 27.18 -28.20
CA ARG F 67 -15.77 26.18 -29.24
C ARG F 67 -15.95 26.70 -30.65
N PHE F 68 -16.63 27.81 -30.76
CA PHE F 68 -17.00 28.37 -32.03
C PHE F 68 -15.92 28.61 -33.07
N GLY F 69 -14.74 29.01 -32.66
CA GLY F 69 -13.65 29.21 -33.58
C GLY F 69 -13.30 27.99 -34.38
N GLY F 70 -13.22 26.84 -33.71
CA GLY F 70 -12.96 25.60 -34.41
C GLY F 70 -14.09 25.20 -35.34
N TYR F 71 -15.33 25.43 -34.90
CA TYR F 71 -16.48 25.17 -35.77
C TYR F 71 -16.41 26.00 -37.03
N ALA F 72 -16.10 27.29 -36.89
CA ALA F 72 -16.01 28.16 -38.06
C ALA F 72 -14.84 27.77 -38.96
N GLN F 73 -13.71 27.41 -38.36
CA GLN F 73 -12.55 26.99 -39.14
C GLN F 73 -12.88 25.78 -40.01
N SER F 74 -13.72 24.87 -39.53
CA SER F 74 -14.13 23.72 -40.29
C SER F 74 -15.27 24.02 -41.26
N GLY F 75 -15.77 25.26 -41.27
CA GLY F 75 -16.86 25.62 -42.17
C GLY F 75 -18.22 25.16 -41.73
N LEU F 76 -18.44 25.01 -40.43
CA LEU F 76 -19.68 24.46 -39.91
C LEU F 76 -20.73 25.52 -39.57
N LEU F 77 -20.36 26.79 -39.59
CA LEU F 77 -21.25 27.86 -39.13
C LEU F 77 -21.52 28.85 -40.25
N ALA F 78 -22.74 29.39 -40.25
CA ALA F 78 -23.08 30.49 -41.14
C ALA F 78 -22.67 31.81 -40.51
N GLU F 79 -22.23 32.75 -41.36
CA GLU F 79 -21.89 34.07 -40.86
C GLU F 79 -23.13 34.76 -40.32
N ILE F 80 -23.00 35.38 -39.16
CA ILE F 80 -24.07 36.16 -38.56
C ILE F 80 -23.95 37.59 -39.05
N THR F 81 -25.06 38.15 -39.54
CA THR F 81 -25.08 39.49 -40.14
C THR F 81 -26.26 40.27 -39.58
N PRO F 82 -26.18 40.68 -38.30
CA PRO F 82 -27.27 41.45 -37.72
C PRO F 82 -27.25 42.90 -38.17
N ALA F 83 -28.44 43.47 -38.33
CA ALA F 83 -28.56 44.90 -38.63
C ALA F 83 -27.84 45.70 -37.56
N ALA F 84 -27.48 46.94 -37.86
CA ALA F 84 -26.78 47.77 -36.88
C ALA F 84 -27.65 48.00 -35.64
N ALA F 85 -28.93 48.27 -35.84
CA ALA F 85 -29.81 48.56 -34.72
C ALA F 85 -29.89 47.37 -33.76
N PHE F 86 -29.88 46.15 -34.30
CA PHE F 86 -29.90 44.99 -33.41
C PHE F 86 -28.55 44.79 -32.73
N GLN F 87 -27.46 44.92 -33.48
CA GLN F 87 -26.13 44.80 -32.89
C GLN F 87 -25.97 45.73 -31.70
N ASP F 88 -26.51 46.94 -31.80
CA ASP F 88 -26.37 47.93 -30.74
C ASP F 88 -27.11 47.53 -29.47
N LYS F 89 -28.01 46.54 -29.53
CA LYS F 89 -28.76 46.11 -28.35
C LYS F 89 -27.94 45.19 -27.44
N LEU F 90 -26.82 44.68 -27.91
CA LEU F 90 -25.96 43.80 -27.13
C LEU F 90 -24.64 44.51 -26.80
N TYR F 91 -24.06 44.14 -25.67
CA TYR F 91 -22.81 44.76 -25.27
C TYR F 91 -21.72 44.46 -26.30
N PRO F 92 -20.92 45.46 -26.69
CA PRO F 92 -19.90 45.21 -27.72
C PRO F 92 -18.96 44.08 -27.39
N PHE F 93 -18.57 43.93 -26.11
CA PHE F 93 -17.60 42.89 -25.77
C PHE F 93 -18.17 41.49 -25.95
N THR F 94 -19.48 41.32 -25.91
CA THR F 94 -20.05 40.00 -26.18
C THR F 94 -19.96 39.66 -27.67
N TRP F 95 -20.12 40.66 -28.54
CA TRP F 95 -19.89 40.42 -29.96
C TRP F 95 -18.44 40.06 -30.22
N ASP F 96 -17.51 40.73 -29.50
CA ASP F 96 -16.09 40.42 -29.66
C ASP F 96 -15.82 38.93 -29.42
N ALA F 97 -16.51 38.34 -28.45
CA ALA F 97 -16.28 36.94 -28.12
C ALA F 97 -16.69 36.00 -29.24
N VAL F 98 -17.60 36.42 -30.12
CA VAL F 98 -18.07 35.58 -31.20
C VAL F 98 -17.59 36.09 -32.56
N ARG F 99 -16.57 36.96 -32.57
CA ARG F 99 -15.95 37.38 -33.81
C ARG F 99 -14.72 36.52 -34.07
N TYR F 100 -14.66 35.94 -35.27
CA TYR F 100 -13.55 35.07 -35.65
C TYR F 100 -13.11 35.42 -37.06
N ASN F 101 -11.86 35.83 -37.21
CA ASN F 101 -11.30 36.20 -38.51
C ASN F 101 -12.11 37.31 -39.17
N GLY F 102 -12.49 38.31 -38.37
CA GLY F 102 -13.23 39.45 -38.85
C GLY F 102 -14.72 39.25 -39.00
N LYS F 103 -15.22 38.02 -38.84
CA LYS F 103 -16.61 37.71 -39.09
C LYS F 103 -17.30 37.26 -37.80
N LEU F 104 -18.54 37.70 -37.62
CA LEU F 104 -19.37 37.22 -36.53
C LEU F 104 -19.89 35.83 -36.86
N ILE F 105 -19.68 34.89 -35.95
CA ILE F 105 -20.00 33.49 -36.20
C ILE F 105 -21.06 32.96 -35.24
N ALA F 106 -21.63 33.81 -34.40
CA ALA F 106 -22.67 33.38 -33.47
C ALA F 106 -23.33 34.61 -32.86
N TYR F 107 -24.47 34.37 -32.22
CA TYR F 107 -25.16 35.39 -31.44
C TYR F 107 -24.76 35.23 -29.98
N PRO F 108 -24.21 36.25 -29.33
CA PRO F 108 -23.95 36.13 -27.89
C PRO F 108 -25.25 36.21 -27.11
N ILE F 109 -25.32 35.42 -26.03
CA ILE F 109 -26.52 35.32 -25.21
C ILE F 109 -26.28 35.82 -23.79
N ALA F 110 -25.27 35.27 -23.10
CA ALA F 110 -25.07 35.61 -21.71
C ALA F 110 -23.62 35.34 -21.32
N VAL F 111 -23.16 36.07 -20.31
CA VAL F 111 -21.80 35.97 -19.80
C VAL F 111 -21.81 35.11 -18.55
N GLU F 112 -20.98 34.08 -18.53
CA GLU F 112 -20.93 33.13 -17.42
C GLU F 112 -19.55 33.15 -16.78
N ALA F 113 -19.54 33.07 -15.45
CA ALA F 113 -18.30 32.96 -14.70
C ALA F 113 -18.58 32.22 -13.40
N LEU F 114 -17.64 31.36 -13.00
CA LEU F 114 -17.79 30.64 -11.76
C LEU F 114 -17.70 31.59 -10.57
N SER F 115 -18.36 31.20 -9.48
CA SER F 115 -18.38 31.98 -8.25
C SER F 115 -18.43 31.00 -7.09
N LEU F 116 -18.01 31.46 -5.92
CA LEU F 116 -18.17 30.66 -4.72
C LEU F 116 -19.60 30.80 -4.21
N ILE F 117 -20.27 29.67 -4.04
CA ILE F 117 -21.59 29.61 -3.41
C ILE F 117 -21.42 28.92 -2.06
N TYR F 118 -22.13 29.42 -1.05
CA TYR F 118 -21.93 28.92 0.30
C TYR F 118 -23.25 28.90 1.06
N ASN F 119 -23.31 28.04 2.07
CA ASN F 119 -24.48 27.89 2.92
C ASN F 119 -24.32 28.82 4.12
N LYS F 120 -25.16 29.87 4.18
CA LYS F 120 -25.02 30.84 5.25
C LYS F 120 -25.34 30.24 6.61
N ASP F 121 -26.36 29.39 6.69
CA ASP F 121 -26.68 28.73 7.95
C ASP F 121 -25.48 27.97 8.48
N LEU F 122 -24.85 27.16 7.64
CA LEU F 122 -23.64 26.46 8.05
C LEU F 122 -22.48 27.42 8.20
N LEU F 123 -22.38 28.41 7.32
CA LEU F 123 -21.21 29.26 7.20
C LEU F 123 -21.60 30.73 7.06
N PRO F 124 -21.93 31.40 8.16
CA PRO F 124 -22.26 32.82 8.06
C PRO F 124 -21.16 33.67 7.46
N ASN F 125 -19.89 33.34 7.68
CA ASN F 125 -18.78 34.07 7.07
C ASN F 125 -17.94 33.11 6.24
N PRO F 126 -18.03 33.19 4.91
CA PRO F 126 -17.27 32.29 4.05
C PRO F 126 -15.81 32.68 4.01
N PRO F 127 -14.95 31.76 3.60
CA PRO F 127 -13.56 32.15 3.56
C PRO F 127 -13.19 33.16 2.50
N LYS F 128 -11.99 33.70 2.65
CA LYS F 128 -11.43 34.57 1.65
C LYS F 128 -10.18 33.92 1.09
N THR F 129 -9.78 32.80 1.64
CA THR F 129 -8.59 32.20 1.11
C THR F 129 -8.84 30.74 0.85
N TRP F 130 -8.05 30.17 -0.07
CA TRP F 130 -8.13 28.76 -0.39
C TRP F 130 -7.65 28.05 0.89
N GLU F 131 -6.54 28.55 1.40
CA GLU F 131 -5.86 28.04 2.59
C GLU F 131 -6.77 27.91 3.82
N GLU F 132 -7.67 28.86 4.04
CA GLU F 132 -8.62 28.73 5.13
C GLU F 132 -9.50 27.46 5.08
N ILE F 133 -9.65 26.82 3.91
CA ILE F 133 -10.48 25.64 3.73
C ILE F 133 -10.12 24.27 4.33
N PRO F 134 -8.87 23.75 4.19
CA PRO F 134 -8.54 22.45 4.79
C PRO F 134 -8.85 22.50 6.26
N ALA F 135 -8.37 23.51 6.93
CA ALA F 135 -8.67 23.70 8.32
C ALA F 135 -10.17 23.85 8.51
N LEU F 136 -10.83 24.53 7.60
CA LEU F 136 -12.28 24.72 7.64
C LEU F 136 -13.03 23.40 7.53
N ASP F 137 -12.51 22.46 6.75
CA ASP F 137 -13.12 21.17 6.56
C ASP F 137 -13.09 20.38 7.89
N LYS F 138 -12.01 20.54 8.64
CA LYS F 138 -11.86 19.86 9.91
C LYS F 138 -12.91 20.25 10.87
N GLU F 139 -13.17 21.53 10.94
CA GLU F 139 -14.18 22.08 11.82
C GLU F 139 -15.53 21.49 11.45
N LEU F 140 -15.83 21.43 10.16
CA LEU F 140 -17.04 20.82 9.63
C LEU F 140 -17.11 19.29 9.69
N LYS F 141 -15.99 18.60 9.54
CA LYS F 141 -15.98 17.14 9.53
C LYS F 141 -16.54 16.56 10.82
N ALA F 142 -16.16 17.19 11.93
CA ALA F 142 -16.58 16.91 13.29
C ALA F 142 -18.04 17.28 13.57
N LYS F 143 -18.65 18.04 12.69
CA LYS F 143 -20.05 18.32 12.71
C LYS F 143 -20.74 17.38 11.69
N GLY F 144 -19.97 16.51 11.01
CA GLY F 144 -20.51 15.60 10.02
C GLY F 144 -20.79 16.14 8.61
N LYS F 145 -20.14 17.25 8.27
CA LYS F 145 -20.28 17.96 7.03
C LYS F 145 -18.94 18.17 6.39
N SER F 146 -18.92 18.66 5.17
CA SER F 146 -17.70 18.93 4.44
C SER F 146 -17.66 20.41 4.13
N ALA F 147 -16.47 20.98 4.00
CA ALA F 147 -16.44 22.40 3.67
C ALA F 147 -16.83 22.73 2.22
N LEU F 148 -16.20 22.03 1.30
CA LEU F 148 -16.40 22.31 -0.08
C LEU F 148 -16.57 21.11 -1.01
N MET F 149 -17.50 21.24 -1.93
CA MET F 149 -17.73 20.24 -2.96
C MET F 149 -18.05 20.87 -4.34
N PHE F 150 -17.33 20.49 -5.37
CA PHE F 150 -17.58 21.02 -6.70
C PHE F 150 -17.09 20.02 -7.73
N ASN F 151 -17.52 20.15 -8.97
CA ASN F 151 -17.15 19.19 -10.00
C ASN F 151 -15.65 19.13 -10.22
N LEU F 152 -15.09 17.97 -10.08
CA LEU F 152 -13.68 17.79 -10.31
C LEU F 152 -13.41 17.13 -11.60
N GLN F 153 -14.46 16.65 -12.25
CA GLN F 153 -14.43 16.03 -13.56
C GLN F 153 -14.17 17.00 -14.72
N GLU F 154 -14.67 18.21 -14.62
CA GLU F 154 -14.47 19.17 -15.70
C GLU F 154 -13.51 20.29 -15.28
N PRO F 155 -12.40 20.44 -15.98
CA PRO F 155 -11.29 21.40 -15.79
C PRO F 155 -11.74 22.85 -15.68
N TYR F 156 -12.89 23.18 -16.20
CA TYR F 156 -13.40 24.52 -16.11
C TYR F 156 -13.60 24.95 -14.64
N PHE F 157 -14.08 24.02 -13.82
CA PHE F 157 -14.28 24.24 -12.44
C PHE F 157 -12.95 24.34 -11.69
N THR F 158 -11.90 23.69 -12.14
CA THR F 158 -10.65 23.83 -11.43
C THR F 158 -9.64 24.84 -11.93
N TRP F 159 -9.80 25.29 -13.16
CA TRP F 159 -8.87 26.20 -13.81
C TRP F 159 -8.65 27.53 -13.17
N PRO F 160 -9.65 28.10 -12.54
CA PRO F 160 -9.41 29.38 -11.91
C PRO F 160 -8.30 29.25 -10.85
N LEU F 161 -8.33 28.22 -10.03
CA LEU F 161 -7.28 27.99 -9.06
C LEU F 161 -5.97 27.78 -9.76
N ILE F 162 -5.98 27.05 -10.84
CA ILE F 162 -4.74 26.80 -11.53
C ILE F 162 -4.09 28.01 -12.11
N ALA F 163 -4.90 28.92 -12.59
CA ALA F 163 -4.46 30.13 -13.23
C ALA F 163 -4.16 31.25 -12.25
N ALA F 164 -4.53 31.08 -11.01
CA ALA F 164 -4.39 32.15 -10.06
C ALA F 164 -2.95 32.61 -9.87
N ASP F 165 -2.00 31.71 -9.89
CA ASP F 165 -0.62 32.04 -9.71
C ASP F 165 0.19 32.17 -10.95
N GLY F 166 -0.42 32.24 -12.11
CA GLY F 166 0.36 32.33 -13.31
C GLY F 166 0.03 31.27 -14.32
N GLY F 167 -0.96 30.45 -14.01
CA GLY F 167 -1.37 29.49 -14.99
C GLY F 167 -2.12 30.24 -16.08
N TYR F 168 -1.94 29.84 -17.32
CA TYR F 168 -2.70 30.46 -18.42
C TYR F 168 -2.81 29.51 -19.57
N ALA F 169 -3.65 29.79 -20.54
CA ALA F 169 -3.74 28.87 -21.63
C ALA F 169 -2.86 29.25 -22.81
N PHE F 170 -3.20 30.25 -23.58
CA PHE F 170 -2.33 30.63 -24.67
C PHE F 170 -1.91 32.04 -24.43
N LYS F 171 -0.67 32.35 -24.73
CA LYS F 171 -0.15 33.68 -24.49
C LYS F 171 -0.70 34.67 -25.46
N TYR F 172 -1.20 35.79 -24.99
CA TYR F 172 -1.72 36.80 -25.90
C TYR F 172 -0.62 37.74 -26.24
N ALA F 173 0.00 37.51 -27.34
CA ALA F 173 1.09 38.32 -27.77
C ALA F 173 0.78 39.12 -29.03
N ALA F 174 0.92 40.44 -28.92
CA ALA F 174 0.75 41.35 -30.03
C ALA F 174 -0.54 41.29 -30.82
N GLY F 175 -1.67 41.33 -30.17
CA GLY F 175 -2.88 41.29 -30.91
C GLY F 175 -3.43 39.92 -31.28
N LYS F 176 -2.75 38.84 -30.89
CA LYS F 176 -3.20 37.49 -31.17
C LYS F 176 -2.75 36.44 -30.14
N TYR F 177 -3.39 35.31 -30.11
CA TYR F 177 -3.01 34.28 -29.17
C TYR F 177 -1.93 33.45 -29.81
N ASP F 178 -0.89 33.13 -29.05
CA ASP F 178 0.18 32.33 -29.60
C ASP F 178 -0.11 30.90 -29.27
N ILE F 179 -0.34 30.10 -30.27
CA ILE F 179 -0.65 28.70 -30.02
C ILE F 179 0.53 27.82 -29.64
N LYS F 180 1.74 28.31 -29.80
CA LYS F 180 2.92 27.59 -29.43
C LYS F 180 3.40 27.95 -28.02
N ASP F 181 2.72 28.89 -27.36
CA ASP F 181 3.08 29.32 -26.03
C ASP F 181 2.03 29.04 -24.98
N VAL F 182 2.24 28.00 -24.21
CA VAL F 182 1.28 27.55 -23.21
C VAL F 182 1.73 27.67 -21.75
N GLY F 183 0.86 28.13 -20.89
CA GLY F 183 1.16 28.35 -19.50
C GLY F 183 0.61 27.35 -18.50
N VAL F 184 0.40 26.11 -18.91
CA VAL F 184 -0.08 25.09 -17.98
C VAL F 184 1.02 24.32 -17.26
N ASP F 185 2.23 24.40 -17.76
CA ASP F 185 3.38 23.72 -17.21
C ASP F 185 4.12 24.56 -16.15
N ASN F 186 3.80 25.82 -16.02
CA ASN F 186 4.55 26.64 -15.09
C ASN F 186 4.29 26.58 -13.63
N ALA F 187 5.07 27.37 -12.91
CA ALA F 187 5.03 27.40 -11.47
C ALA F 187 3.71 27.80 -10.91
N GLY F 188 3.03 28.72 -11.56
CA GLY F 188 1.75 29.07 -11.07
C GLY F 188 0.73 27.97 -11.12
N ALA F 189 0.75 27.27 -12.24
CA ALA F 189 -0.13 26.17 -12.50
C ALA F 189 0.17 25.04 -11.55
N LYS F 190 1.44 24.79 -11.38
CA LYS F 190 1.90 23.72 -10.52
C LYS F 190 1.44 23.92 -9.11
N ALA F 191 1.58 25.12 -8.59
CA ALA F 191 1.17 25.31 -7.26
C ALA F 191 -0.28 25.15 -7.08
N GLY F 192 -1.04 25.74 -8.01
CA GLY F 192 -2.47 25.74 -7.89
C GLY F 192 -3.01 24.35 -7.92
N LEU F 193 -2.51 23.52 -8.81
CA LEU F 193 -2.96 22.16 -8.93
C LEU F 193 -2.56 21.37 -7.69
N THR F 194 -1.35 21.65 -7.22
CA THR F 194 -0.85 20.98 -6.05
C THR F 194 -1.73 21.24 -4.86
N PHE F 195 -2.29 22.41 -4.77
CA PHE F 195 -3.19 22.66 -3.67
C PHE F 195 -4.44 21.76 -3.80
N LEU F 196 -4.92 21.57 -5.02
CA LEU F 196 -6.06 20.69 -5.24
C LEU F 196 -5.68 19.25 -4.99
N VAL F 197 -4.52 18.85 -5.48
CA VAL F 197 -4.15 17.49 -5.29
C VAL F 197 -3.97 17.19 -3.81
N ASP F 198 -3.48 18.16 -3.08
CA ASP F 198 -3.35 17.95 -1.70
C ASP F 198 -4.67 17.86 -1.00
N LEU F 199 -5.66 18.65 -1.38
CA LEU F 199 -6.97 18.66 -0.68
C LEU F 199 -7.69 17.31 -0.61
N ILE F 200 -7.53 16.58 -1.70
CA ILE F 200 -8.02 15.27 -1.88
C ILE F 200 -7.14 14.33 -1.08
N LYS F 201 -5.83 14.51 -1.18
CA LYS F 201 -4.87 13.64 -0.49
C LYS F 201 -5.16 13.57 0.99
N ASN F 202 -5.49 14.70 1.57
CA ASN F 202 -5.83 14.84 2.96
C ASN F 202 -7.31 14.68 3.23
N LYS F 203 -8.05 14.20 2.26
CA LYS F 203 -9.46 13.89 2.38
C LYS F 203 -10.38 15.03 2.68
N HIS F 204 -10.04 16.17 2.13
CA HIS F 204 -10.89 17.34 2.23
C HIS F 204 -11.84 17.43 1.04
N MET F 205 -11.58 16.62 0.04
CA MET F 205 -12.38 16.50 -1.16
C MET F 205 -12.15 15.12 -1.76
N ASN F 206 -13.03 14.73 -2.65
CA ASN F 206 -12.96 13.46 -3.30
C ASN F 206 -12.75 13.65 -4.80
N ALA F 207 -11.77 12.95 -5.33
CA ALA F 207 -11.41 13.05 -6.72
C ALA F 207 -12.51 12.64 -7.74
N ASP F 208 -13.41 11.76 -7.33
CA ASP F 208 -14.49 11.28 -8.14
C ASP F 208 -15.70 12.19 -8.19
N THR F 209 -15.68 13.28 -7.47
CA THR F 209 -16.82 14.18 -7.47
C THR F 209 -17.12 14.76 -8.89
N ASP F 210 -18.40 14.81 -9.20
CA ASP F 210 -18.88 15.30 -10.44
C ASP F 210 -19.90 16.37 -10.20
N TYR F 211 -20.46 16.87 -11.26
CA TYR F 211 -21.40 17.94 -11.10
C TYR F 211 -22.62 17.58 -10.25
N SER F 212 -23.23 16.45 -10.51
CA SER F 212 -24.42 16.02 -9.79
C SER F 212 -24.20 15.72 -8.33
N ILE F 213 -23.10 15.06 -8.02
CA ILE F 213 -22.80 14.72 -6.66
C ILE F 213 -22.62 15.99 -5.86
N ALA F 214 -21.86 16.90 -6.41
CA ALA F 214 -21.63 18.12 -5.70
C ALA F 214 -22.88 18.92 -5.55
N GLU F 215 -23.69 18.99 -6.58
CA GLU F 215 -24.92 19.78 -6.50
C GLU F 215 -25.83 19.22 -5.47
N ALA F 216 -25.95 17.91 -5.45
CA ALA F 216 -26.81 17.22 -4.50
C ALA F 216 -26.31 17.42 -3.09
N ALA F 217 -25.01 17.28 -2.87
CA ALA F 217 -24.39 17.49 -1.57
C ALA F 217 -24.74 18.87 -1.07
N PHE F 218 -24.40 19.90 -1.83
CA PHE F 218 -24.70 21.25 -1.43
C PHE F 218 -26.19 21.59 -1.28
N ASN F 219 -27.03 21.11 -2.18
CA ASN F 219 -28.46 21.43 -2.11
C ASN F 219 -29.17 20.69 -0.95
N LYS F 220 -28.58 19.62 -0.45
CA LYS F 220 -29.14 18.91 0.71
C LYS F 220 -28.57 19.27 2.10
N GLY F 221 -27.74 20.29 2.20
CA GLY F 221 -27.18 20.70 3.46
C GLY F 221 -25.94 19.99 3.91
N GLU F 222 -25.49 19.06 3.12
CA GLU F 222 -24.31 18.27 3.37
C GLU F 222 -22.99 18.95 3.37
N THR F 223 -22.80 19.92 2.50
CA THR F 223 -21.56 20.68 2.37
C THR F 223 -21.85 22.17 2.36
N ALA F 224 -21.02 22.94 3.06
CA ALA F 224 -21.15 24.39 3.20
C ALA F 224 -20.92 25.26 1.97
N MET F 225 -19.98 24.87 1.15
CA MET F 225 -19.69 25.62 -0.04
C MET F 225 -19.62 24.83 -1.34
N THR F 226 -19.91 25.55 -2.43
CA THR F 226 -19.75 25.00 -3.76
C THR F 226 -19.31 26.07 -4.76
N ILE F 227 -18.74 25.61 -5.86
CA ILE F 227 -18.29 26.46 -6.95
C ILE F 227 -19.13 26.21 -8.22
N ASN F 228 -20.02 27.13 -8.54
CA ASN F 228 -20.91 26.96 -9.70
C ASN F 228 -21.32 28.26 -10.41
N GLY F 229 -21.87 28.08 -11.61
CA GLY F 229 -22.37 29.12 -12.48
C GLY F 229 -23.75 29.59 -12.10
N PRO F 230 -24.23 30.62 -12.77
CA PRO F 230 -25.58 31.15 -12.51
C PRO F 230 -26.75 30.19 -12.79
N TRP F 231 -26.53 29.24 -13.65
CA TRP F 231 -27.49 28.23 -14.01
C TRP F 231 -27.91 27.37 -12.78
N ALA F 232 -26.97 27.12 -11.85
CA ALA F 232 -27.23 26.37 -10.63
C ALA F 232 -28.11 27.03 -9.55
N TRP F 233 -28.31 28.32 -9.61
CA TRP F 233 -29.10 28.99 -8.58
C TRP F 233 -30.57 28.56 -8.42
N SER F 234 -31.25 28.28 -9.51
CA SER F 234 -32.64 27.88 -9.43
C SER F 234 -32.82 26.60 -8.64
N ASN F 235 -31.93 25.63 -8.82
CA ASN F 235 -32.00 24.39 -8.10
C ASN F 235 -31.82 24.63 -6.61
N ILE F 236 -30.84 25.42 -6.24
CA ILE F 236 -30.58 25.78 -4.90
C ILE F 236 -31.76 26.54 -4.31
N ASP F 237 -32.42 27.39 -5.07
CA ASP F 237 -33.59 28.12 -4.61
C ASP F 237 -34.73 27.21 -4.19
N THR F 238 -34.93 26.11 -4.91
CA THR F 238 -35.96 25.15 -4.56
C THR F 238 -35.73 24.45 -3.19
N SER F 239 -34.50 24.35 -2.67
CA SER F 239 -34.30 23.78 -1.32
C SER F 239 -34.52 24.72 -0.21
N ALA F 240 -34.32 24.18 0.98
CA ALA F 240 -34.31 24.89 2.21
C ALA F 240 -33.12 25.80 2.27
N VAL F 241 -32.00 25.38 1.70
CA VAL F 241 -30.73 26.06 1.83
C VAL F 241 -30.73 27.56 1.59
N ASN F 242 -30.15 28.27 2.55
CA ASN F 242 -30.03 29.71 2.50
C ASN F 242 -28.64 29.88 2.08
N TYR F 243 -28.44 30.47 0.91
CA TYR F 243 -27.13 30.64 0.32
C TYR F 243 -26.82 32.03 -0.13
N GLY F 244 -25.55 32.24 -0.38
CA GLY F 244 -25.04 33.50 -0.88
C GLY F 244 -24.05 33.25 -1.99
N VAL F 245 -23.93 34.20 -2.90
CA VAL F 245 -22.98 34.01 -3.99
C VAL F 245 -21.86 35.02 -3.82
N THR F 246 -20.63 34.58 -3.90
CA THR F 246 -19.52 35.45 -3.64
C THR F 246 -18.28 35.17 -4.41
N VAL F 247 -17.37 36.10 -4.28
CA VAL F 247 -16.08 36.08 -4.93
C VAL F 247 -15.30 34.88 -4.56
N LEU F 248 -14.56 34.35 -5.50
CA LEU F 248 -13.78 33.18 -5.29
C LEU F 248 -12.65 33.44 -4.32
N PRO F 249 -12.22 32.39 -3.63
CA PRO F 249 -11.11 32.31 -2.69
C PRO F 249 -9.84 32.56 -3.40
N THR F 250 -8.91 33.20 -2.70
CA THR F 250 -7.62 33.51 -3.26
C THR F 250 -6.61 32.43 -3.02
N PHE F 251 -5.52 32.51 -3.75
CA PHE F 251 -4.47 31.57 -3.63
C PHE F 251 -3.16 32.31 -3.70
N LYS F 252 -2.33 32.25 -2.65
CA LYS F 252 -1.02 32.88 -2.61
C LYS F 252 -1.13 34.38 -2.91
N GLY F 253 -2.14 35.01 -2.33
CA GLY F 253 -2.39 36.43 -2.55
C GLY F 253 -3.11 36.72 -3.85
N GLN F 254 -2.73 36.03 -4.91
CA GLN F 254 -3.23 36.35 -6.24
C GLN F 254 -4.64 35.81 -6.43
N PRO F 255 -5.56 36.60 -6.98
CA PRO F 255 -6.96 36.17 -7.04
C PRO F 255 -7.16 34.96 -7.95
N SER F 256 -8.23 34.22 -7.70
CA SER F 256 -8.62 33.14 -8.59
C SER F 256 -9.18 33.73 -9.88
N LYS F 257 -8.71 33.22 -11.01
CA LYS F 257 -8.98 33.80 -12.32
C LYS F 257 -9.78 32.82 -13.17
N PRO F 258 -11.11 32.86 -13.11
CA PRO F 258 -11.90 31.92 -13.92
C PRO F 258 -11.87 32.31 -15.39
N PHE F 259 -11.92 31.30 -16.24
CA PHE F 259 -12.14 31.54 -17.66
C PHE F 259 -13.60 31.91 -17.88
N VAL F 260 -13.81 33.07 -18.51
CA VAL F 260 -15.16 33.61 -18.69
C VAL F 260 -15.68 33.18 -20.05
N GLY F 261 -16.88 32.61 -20.06
CA GLY F 261 -17.51 32.13 -21.28
C GLY F 261 -18.74 32.95 -21.62
N VAL F 262 -18.94 33.17 -22.91
CA VAL F 262 -20.14 33.81 -23.44
C VAL F 262 -21.00 32.70 -24.05
N LEU F 263 -22.11 32.38 -23.41
CA LEU F 263 -23.06 31.44 -24.01
C LEU F 263 -23.54 32.00 -25.34
N SER F 264 -23.40 31.20 -26.40
CA SER F 264 -23.58 31.70 -27.74
C SER F 264 -24.44 30.74 -28.55
N ALA F 265 -25.00 31.25 -29.65
CA ALA F 265 -25.88 30.48 -30.52
C ALA F 265 -25.38 30.63 -31.96
N GLY F 266 -24.87 29.53 -32.51
CA GLY F 266 -24.45 29.50 -33.89
C GLY F 266 -25.47 28.83 -34.79
N ILE F 267 -25.43 29.18 -36.07
CA ILE F 267 -26.35 28.64 -37.07
C ILE F 267 -25.56 27.68 -37.95
N ASN F 268 -26.02 26.43 -38.01
CA ASN F 268 -25.39 25.42 -38.85
C ASN F 268 -25.37 25.87 -40.30
N ALA F 269 -24.18 25.84 -40.91
CA ALA F 269 -24.05 26.24 -42.31
C ALA F 269 -24.77 25.29 -43.26
N ALA F 270 -25.13 24.10 -42.79
CA ALA F 270 -25.91 23.15 -43.59
C ALA F 270 -27.41 23.31 -43.39
N SER F 271 -27.84 24.24 -42.56
CA SER F 271 -29.26 24.37 -42.26
C SER F 271 -30.00 24.93 -43.47
N PRO F 272 -31.12 24.32 -43.86
CA PRO F 272 -32.02 24.94 -44.83
C PRO F 272 -32.98 25.96 -44.23
N ASN F 273 -32.78 26.30 -42.96
CA ASN F 273 -33.67 27.20 -42.22
C ASN F 273 -32.92 28.41 -41.68
N LYS F 274 -31.94 28.91 -42.42
CA LYS F 274 -31.09 29.97 -41.90
C LYS F 274 -31.88 31.23 -41.57
N GLU F 275 -32.84 31.59 -42.43
CA GLU F 275 -33.62 32.80 -42.18
C GLU F 275 -34.50 32.65 -40.94
N LEU F 276 -35.08 31.46 -40.74
CA LEU F 276 -35.91 31.24 -39.56
C LEU F 276 -35.08 31.20 -38.29
N ALA F 277 -33.89 30.62 -38.36
CA ALA F 277 -33.00 30.61 -37.19
C ALA F 277 -32.59 32.03 -36.82
N LYS F 278 -32.30 32.86 -37.82
CA LYS F 278 -31.98 34.26 -37.54
C LYS F 278 -33.15 34.96 -36.86
N GLU F 279 -34.36 34.82 -37.42
CA GLU F 279 -35.51 35.50 -36.84
C GLU F 279 -35.80 35.01 -35.43
N PHE F 280 -35.68 33.70 -35.19
CA PHE F 280 -35.91 33.17 -33.86
C PHE F 280 -34.95 33.79 -32.85
N LEU F 281 -33.66 33.84 -33.20
CA LEU F 281 -32.65 34.29 -32.25
C LEU F 281 -32.75 35.80 -32.01
N GLU F 282 -32.94 36.58 -33.07
CA GLU F 282 -32.95 38.03 -32.91
C GLU F 282 -34.28 38.55 -32.38
N ASN F 283 -35.38 37.96 -32.82
CA ASN F 283 -36.70 38.53 -32.58
C ASN F 283 -37.50 37.85 -31.48
N TYR F 284 -37.11 36.64 -31.07
CA TYR F 284 -37.80 35.96 -29.98
C TYR F 284 -36.90 35.70 -28.78
N LEU F 285 -35.72 35.11 -28.99
CA LEU F 285 -34.86 34.80 -27.86
C LEU F 285 -34.21 36.07 -27.29
N LEU F 286 -33.49 36.81 -28.12
CA LEU F 286 -32.78 37.98 -27.63
C LEU F 286 -33.72 39.16 -27.45
N THR F 287 -34.77 38.94 -26.66
CA THR F 287 -35.69 39.98 -26.23
C THR F 287 -35.79 39.91 -24.71
N ASP F 288 -36.45 40.91 -24.14
CA ASP F 288 -36.63 40.92 -22.71
C ASP F 288 -37.49 39.72 -22.34
N GLU F 289 -38.60 39.55 -23.02
CA GLU F 289 -39.48 38.44 -22.76
C GLU F 289 -38.83 37.11 -23.01
N GLY F 290 -38.08 37.03 -24.08
CA GLY F 290 -37.41 35.82 -24.44
C GLY F 290 -36.40 35.38 -23.45
N LEU F 291 -35.48 36.24 -23.09
CA LEU F 291 -34.45 35.89 -22.12
C LEU F 291 -35.06 35.66 -20.74
N GLU F 292 -36.08 36.44 -20.39
CA GLU F 292 -36.77 36.21 -19.12
C GLU F 292 -37.31 34.78 -19.04
N ALA F 293 -37.83 34.26 -20.15
CA ALA F 293 -38.36 32.90 -20.16
C ALA F 293 -37.26 31.88 -19.86
N VAL F 294 -36.09 32.04 -20.48
CA VAL F 294 -34.99 31.12 -20.21
C VAL F 294 -34.43 31.37 -18.82
N ASN F 295 -34.38 32.64 -18.39
CA ASN F 295 -33.83 32.96 -17.08
C ASN F 295 -34.70 32.39 -15.95
N LYS F 296 -36.03 32.51 -16.08
CA LYS F 296 -36.90 31.96 -15.05
C LYS F 296 -36.79 30.45 -14.95
N ASP F 297 -36.36 29.77 -16.02
CA ASP F 297 -36.05 28.35 -15.93
C ASP F 297 -34.76 28.16 -15.16
N LYS F 298 -33.63 28.51 -15.78
CA LYS F 298 -32.33 28.50 -15.13
C LYS F 298 -31.65 29.84 -15.40
N PRO F 299 -31.15 30.53 -14.38
CA PRO F 299 -30.51 31.83 -14.61
C PRO F 299 -29.39 31.76 -15.62
N LEU F 300 -29.32 32.77 -16.48
CA LEU F 300 -28.33 32.83 -17.55
C LEU F 300 -27.02 33.48 -17.14
N GLY F 301 -27.03 34.27 -16.07
CA GLY F 301 -25.88 35.10 -15.75
C GLY F 301 -26.10 36.51 -16.23
N ALA F 302 -25.02 37.20 -16.63
CA ALA F 302 -25.12 38.55 -17.15
C ALA F 302 -25.46 38.47 -18.64
N VAL F 303 -26.71 38.79 -18.99
CA VAL F 303 -27.15 38.62 -20.37
C VAL F 303 -26.50 39.66 -21.27
N ALA F 304 -26.40 39.32 -22.55
CA ALA F 304 -25.82 40.25 -23.52
C ALA F 304 -26.76 41.39 -23.84
N LEU F 305 -28.07 41.17 -23.74
CA LEU F 305 -29.04 42.21 -24.05
C LEU F 305 -29.02 43.29 -22.97
N LYS F 306 -28.66 44.52 -23.34
CA LYS F 306 -28.52 45.59 -22.36
C LYS F 306 -29.84 45.87 -21.65
N SER F 307 -30.95 45.88 -22.39
CA SER F 307 -32.23 46.25 -21.78
C SER F 307 -32.61 45.32 -20.63
N TYR F 308 -32.32 44.02 -20.78
CA TYR F 308 -32.62 43.06 -19.73
C TYR F 308 -31.53 42.97 -18.67
N GLU F 309 -30.27 43.18 -19.04
CA GLU F 309 -29.19 43.12 -18.07
C GLU F 309 -29.33 44.21 -17.00
N GLU F 310 -29.99 45.33 -17.35
CA GLU F 310 -30.15 46.40 -16.38
C GLU F 310 -31.02 45.96 -15.21
N GLU F 311 -32.04 45.13 -15.48
CA GLU F 311 -32.83 44.56 -14.39
C GLU F 311 -32.05 43.47 -13.68
N LEU F 312 -31.35 42.62 -14.43
CA LEU F 312 -30.61 41.52 -13.83
C LEU F 312 -29.42 42.02 -13.01
N ALA F 313 -28.88 43.19 -13.36
CA ALA F 313 -27.75 43.72 -12.59
C ALA F 313 -28.16 44.06 -11.17
N LYS F 314 -29.44 44.41 -10.95
CA LYS F 314 -29.90 44.76 -9.61
C LYS F 314 -29.77 43.63 -8.62
N ASP F 315 -29.58 42.39 -9.10
CA ASP F 315 -29.54 41.21 -8.25
C ASP F 315 -28.12 40.98 -7.74
N PRO F 316 -27.92 40.86 -6.42
CA PRO F 316 -26.55 40.75 -5.89
C PRO F 316 -25.80 39.51 -6.36
N ARG F 317 -26.50 38.44 -6.74
CA ARG F 317 -25.81 37.25 -7.21
C ARG F 317 -25.12 37.50 -8.54
N ILE F 318 -25.69 38.38 -9.39
CA ILE F 318 -25.06 38.70 -10.65
C ILE F 318 -23.82 39.56 -10.43
N ALA F 319 -23.89 40.50 -9.48
CA ALA F 319 -22.72 41.29 -9.13
C ALA F 319 -21.54 40.39 -8.79
N ALA F 320 -21.78 39.39 -7.95
CA ALA F 320 -20.70 38.47 -7.57
C ALA F 320 -20.13 37.78 -8.81
N THR F 321 -20.99 37.25 -9.68
CA THR F 321 -20.53 36.59 -10.89
C THR F 321 -19.66 37.53 -11.72
N MET F 322 -20.10 38.77 -11.89
CA MET F 322 -19.32 39.72 -12.68
C MET F 322 -18.06 40.17 -11.94
N GLU F 323 -18.10 40.19 -10.60
CA GLU F 323 -16.89 40.50 -9.85
C GLU F 323 -15.80 39.47 -10.12
N ASN F 324 -16.17 38.18 -10.14
CA ASN F 324 -15.20 37.15 -10.48
C ASN F 324 -14.82 37.22 -11.96
N ALA F 325 -15.80 37.47 -12.83
CA ALA F 325 -15.50 37.62 -14.25
C ALA F 325 -14.43 38.66 -14.48
N GLN F 326 -14.51 39.80 -13.76
CA GLN F 326 -13.52 40.85 -13.95
C GLN F 326 -12.12 40.35 -13.64
N LYS F 327 -11.97 39.52 -12.59
CA LYS F 327 -10.67 39.01 -12.22
C LYS F 327 -10.19 37.90 -13.15
N GLY F 328 -11.09 37.30 -13.93
CA GLY F 328 -10.73 36.28 -14.90
C GLY F 328 -10.41 36.89 -16.25
N GLU F 329 -10.50 36.06 -17.28
CA GLU F 329 -10.24 36.49 -18.64
C GLU F 329 -11.24 35.84 -19.58
N ILE F 330 -11.74 36.62 -20.54
CA ILE F 330 -12.58 36.06 -21.59
C ILE F 330 -11.82 34.96 -22.29
N MET F 331 -12.48 33.83 -22.52
CA MET F 331 -11.82 32.72 -23.18
C MET F 331 -11.46 33.08 -24.62
N PRO F 332 -10.34 32.59 -25.13
CA PRO F 332 -10.12 32.65 -26.58
C PRO F 332 -11.13 31.76 -27.28
N ASN F 333 -11.38 32.06 -28.56
CA ASN F 333 -12.28 31.26 -29.36
C ASN F 333 -11.57 30.53 -30.49
N ILE F 334 -10.24 30.60 -30.53
CA ILE F 334 -9.43 30.00 -31.60
C ILE F 334 -9.65 28.49 -31.63
N PRO F 335 -9.38 27.83 -32.76
CA PRO F 335 -9.65 26.39 -32.85
C PRO F 335 -8.85 25.54 -31.88
N GLN F 336 -7.72 26.03 -31.38
CA GLN F 336 -6.87 25.23 -30.51
C GLN F 336 -7.45 25.05 -29.11
N MET F 337 -8.59 25.66 -28.81
CA MET F 337 -9.12 25.60 -27.44
C MET F 337 -9.54 24.18 -27.07
N SER F 338 -10.11 23.44 -28.02
CA SER F 338 -10.55 22.07 -27.72
C SER F 338 -9.38 21.22 -27.26
N ALA F 339 -8.23 21.33 -27.92
CA ALA F 339 -7.05 20.60 -27.48
C ALA F 339 -6.62 21.02 -26.09
N PHE F 340 -6.63 22.33 -25.82
CA PHE F 340 -6.26 22.82 -24.50
C PHE F 340 -7.17 22.22 -23.43
N TRP F 341 -8.48 22.20 -23.68
CA TRP F 341 -9.40 21.70 -22.66
C TRP F 341 -9.21 20.21 -22.42
N TYR F 342 -8.94 19.45 -23.46
CA TYR F 342 -8.76 18.03 -23.32
C TYR F 342 -7.50 17.76 -22.51
N ALA F 343 -6.42 18.43 -22.85
CA ALA F 343 -5.18 18.26 -22.16
C ALA F 343 -5.29 18.65 -20.68
N VAL F 344 -5.98 19.70 -20.36
CA VAL F 344 -6.09 20.09 -18.97
C VAL F 344 -7.06 19.21 -18.18
N ARG F 345 -8.12 18.76 -18.84
CA ARG F 345 -9.02 17.80 -18.20
C ARG F 345 -8.27 16.53 -17.81
N THR F 346 -7.45 16.01 -18.71
CA THR F 346 -6.71 14.79 -18.43
C THR F 346 -5.74 14.97 -17.27
N ALA F 347 -4.99 16.08 -17.27
CA ALA F 347 -3.98 16.30 -16.24
C ALA F 347 -4.63 16.38 -14.85
N VAL F 348 -5.71 17.16 -14.74
CA VAL F 348 -6.36 17.32 -13.45
C VAL F 348 -6.88 15.98 -12.95
N ILE F 349 -7.53 15.21 -13.81
CA ILE F 349 -8.06 13.93 -13.41
C ILE F 349 -6.97 12.92 -13.05
N ASN F 350 -5.90 12.89 -13.85
CA ASN F 350 -4.78 12.03 -13.63
C ASN F 350 -4.10 12.40 -12.34
N ALA F 351 -3.83 13.67 -12.17
CA ALA F 351 -3.19 14.07 -10.95
C ALA F 351 -4.07 13.83 -9.77
N ALA F 352 -5.35 14.15 -9.89
CA ALA F 352 -6.30 13.98 -8.79
C ALA F 352 -6.50 12.55 -8.38
N SER F 353 -6.43 11.66 -9.35
CA SER F 353 -6.52 10.23 -9.10
C SER F 353 -5.21 9.65 -8.60
N GLY F 354 -4.10 10.36 -8.75
CA GLY F 354 -2.79 9.84 -8.42
C GLY F 354 -2.13 9.05 -9.53
N ARG F 355 -2.78 8.94 -10.70
CA ARG F 355 -2.20 8.20 -11.81
C ARG F 355 -0.86 8.80 -12.22
N GLN F 356 -0.76 10.12 -12.17
CA GLN F 356 0.48 10.83 -12.47
C GLN F 356 0.73 11.84 -11.36
N THR F 357 1.94 12.36 -11.29
CA THR F 357 2.19 13.43 -10.32
C THR F 357 1.76 14.74 -10.97
N VAL F 358 1.67 15.80 -10.20
CA VAL F 358 1.26 17.07 -10.76
C VAL F 358 2.23 17.53 -11.84
N ASP F 359 3.51 17.42 -11.58
CA ASP F 359 4.50 17.79 -12.54
C ASP F 359 4.37 16.99 -13.80
N ALA F 360 4.24 15.67 -13.68
CA ALA F 360 4.12 14.83 -14.86
C ALA F 360 2.90 15.20 -15.69
N ALA F 361 1.76 15.41 -15.05
CA ALA F 361 0.53 15.61 -15.80
C ALA F 361 0.50 16.98 -16.46
N LEU F 362 1.08 18.00 -15.81
CA LEU F 362 1.08 19.33 -16.38
C LEU F 362 2.11 19.46 -17.50
N ALA F 363 3.18 18.68 -17.45
CA ALA F 363 4.12 18.63 -18.56
C ALA F 363 3.52 17.93 -19.76
N ALA F 364 2.70 16.89 -19.54
CA ALA F 364 1.98 16.27 -20.65
C ALA F 364 0.91 17.20 -21.20
N ALA F 365 0.31 18.03 -20.35
CA ALA F 365 -0.71 18.96 -20.82
C ALA F 365 -0.10 20.06 -21.69
N GLN F 366 1.10 20.51 -21.34
CA GLN F 366 1.73 21.57 -22.13
C GLN F 366 2.04 21.12 -23.54
N THR F 367 2.46 19.86 -23.71
CA THR F 367 2.75 19.35 -25.04
C THR F 367 1.47 19.03 -25.80
N ASN F 368 0.46 18.47 -25.13
CA ASN F 368 -0.78 18.11 -25.79
C ASN F 368 -1.58 19.33 -26.20
N ALA F 369 -1.51 20.42 -25.42
CA ALA F 369 -2.27 21.61 -25.74
C ALA F 369 -1.75 22.28 -27.02
N ALA F 370 -0.46 22.16 -27.30
CA ALA F 370 0.15 22.80 -28.46
C ALA F 370 0.22 21.90 -29.68
N ARG F 371 -0.35 20.70 -29.61
CA ARG F 371 -0.19 19.71 -30.68
C ARG F 371 -1.12 20.02 -31.84
N ARG F 372 -0.54 20.23 -33.02
CA ARG F 372 -1.33 20.40 -34.22
C ARG F 372 -2.03 19.09 -34.55
N LYS F 373 -3.35 19.09 -34.50
CA LYS F 373 -4.07 17.83 -34.67
C LYS F 373 -4.08 17.42 -36.14
N PRO F 374 -3.91 16.12 -36.43
CA PRO F 374 -4.06 15.64 -37.81
C PRO F 374 -5.47 15.15 -38.13
N SER F 375 -5.86 15.29 -39.39
CA SER F 375 -7.16 14.83 -39.88
C SER F 375 -7.23 13.30 -39.86
N TRP F 376 -8.46 12.79 -39.93
CA TRP F 376 -8.70 11.37 -39.99
C TRP F 376 -7.98 10.80 -41.18
N ARG F 377 -7.88 11.61 -42.22
CA ARG F 377 -7.10 11.25 -43.40
C ARG F 377 -5.67 10.91 -43.04
N GLU F 378 -4.89 11.88 -42.54
CA GLU F 378 -3.53 11.60 -42.12
C GLU F 378 -3.46 10.61 -40.97
N ARG F 379 -4.56 10.41 -40.23
CA ARG F 379 -4.65 9.27 -39.33
C ARG F 379 -4.64 7.96 -40.12
N GLU F 380 -5.52 7.84 -41.10
CA GLU F 380 -5.65 6.61 -41.89
C GLU F 380 -4.55 6.48 -42.94
N ASN F 381 -4.08 7.60 -43.50
CA ASN F 381 -3.04 7.54 -44.53
C ASN F 381 -1.77 6.85 -44.04
N ASN F 382 -1.49 7.01 -42.76
CA ASN F 382 -0.31 6.40 -42.20
C ASN F 382 -0.67 5.06 -41.54
N ARG F 383 -1.97 4.73 -41.53
CA ARG F 383 -2.47 3.42 -41.06
C ARG F 383 -2.37 2.38 -42.20
N ARG F 384 -2.07 2.89 -43.40
CA ARG F 384 -1.86 2.17 -44.63
C ARG F 384 -0.35 1.92 -44.85
N ARG F 385 0.54 2.89 -44.67
CA ARG F 385 1.99 2.79 -44.74
C ARG F 385 2.51 1.69 -43.82
N GLU F 386 2.08 1.72 -42.56
CA GLU F 386 2.46 0.67 -41.62
C GLU F 386 1.83 -0.65 -42.01
N ARG F 387 0.60 -0.62 -42.51
CA ARG F 387 0.00 -1.83 -43.05
C ARG F 387 0.68 -2.25 -44.35
N ARG F 388 1.21 -1.30 -45.10
CA ARG F 388 1.99 -1.61 -46.31
C ARG F 388 3.32 -2.24 -45.91
N ARG F 389 4.19 -1.45 -45.32
CA ARG F 389 5.54 -1.84 -44.92
C ARG F 389 5.64 -3.27 -44.39
N ARG F 390 4.72 -3.68 -43.53
CA ARG F 390 4.76 -5.04 -43.02
C ARG F 390 4.48 -6.01 -44.13
N ALA F 391 3.53 -5.66 -44.99
CA ALA F 391 3.19 -6.57 -46.05
C ALA F 391 4.38 -6.81 -46.96
N VAL F 392 5.05 -5.74 -47.33
CA VAL F 392 6.20 -5.81 -48.21
C VAL F 392 7.22 -6.70 -47.56
N ALA F 393 7.52 -6.42 -46.33
CA ALA F 393 8.39 -7.33 -45.58
C ALA F 393 7.80 -8.74 -45.55
N ALA F 394 6.47 -8.85 -45.44
CA ALA F 394 5.83 -10.15 -45.43
C ALA F 394 6.00 -10.87 -46.77
N LYS F 395 5.85 -10.14 -47.87
CA LYS F 395 6.00 -10.76 -49.19
C LYS F 395 7.41 -11.26 -49.41
N ILE F 396 8.41 -10.50 -48.96
CA ILE F 396 9.80 -10.94 -49.09
C ILE F 396 10.02 -12.24 -48.31
N TYR F 397 9.43 -12.35 -47.12
CA TYR F 397 9.54 -13.58 -46.35
C TYR F 397 8.78 -14.71 -47.03
N THR F 398 7.59 -14.41 -47.58
CA THR F 398 6.84 -15.43 -48.31
C THR F 398 7.67 -15.99 -49.47
N GLY F 399 8.33 -15.12 -50.22
CA GLY F 399 9.17 -15.58 -51.32
C GLY F 399 10.40 -16.33 -50.85
N LEU F 400 10.89 -16.00 -49.64
CA LEU F 400 12.07 -16.68 -49.12
C LEU F 400 11.76 -18.13 -48.76
N ARG F 401 10.68 -18.35 -47.99
CA ARG F 401 10.33 -19.69 -47.59
C ARG F 401 10.05 -20.59 -48.79
N ALA F 402 9.40 -20.05 -49.81
CA ALA F 402 9.01 -20.87 -50.96
C ALA F 402 10.23 -21.43 -51.68
N GLN F 403 11.09 -20.55 -52.18
CA GLN F 403 12.22 -20.96 -53.02
C GLN F 403 13.54 -20.97 -52.25
N GLY F 404 13.48 -20.92 -50.93
CA GLY F 404 14.70 -20.89 -50.14
C GLY F 404 15.33 -22.26 -49.92
N ASP F 405 14.48 -23.26 -49.62
CA ASP F 405 14.90 -24.64 -49.32
C ASP F 405 16.01 -24.53 -48.31
N TYR F 406 15.73 -23.81 -47.24
CA TYR F 406 16.72 -23.40 -46.27
C TYR F 406 17.12 -24.27 -45.11
N ASN F 407 16.62 -25.51 -45.09
CA ASN F 407 16.89 -26.51 -44.05
C ASN F 407 16.40 -25.94 -42.78
N LEU F 408 15.17 -25.46 -42.87
CA LEU F 408 14.52 -24.82 -41.75
C LEU F 408 13.40 -25.69 -41.17
N PRO F 409 13.09 -25.56 -39.89
CA PRO F 409 11.92 -26.24 -39.35
C PRO F 409 10.64 -25.62 -39.89
N LYS F 410 9.67 -26.47 -40.22
CA LYS F 410 8.43 -26.00 -40.81
C LYS F 410 7.68 -25.10 -39.84
N HIS F 411 7.12 -24.01 -40.36
CA HIS F 411 6.37 -23.05 -39.56
C HIS F 411 7.28 -22.36 -38.54
N CYS F 412 8.42 -21.89 -39.02
CA CYS F 412 9.43 -21.29 -38.16
C CYS F 412 9.25 -19.77 -38.09
N ASP F 413 9.96 -19.16 -37.14
CA ASP F 413 9.94 -17.73 -36.98
C ASP F 413 10.42 -17.02 -38.25
N ASN F 414 9.91 -15.80 -38.46
CA ASN F 414 10.44 -14.97 -39.54
C ASN F 414 11.90 -14.63 -39.28
N ASN F 415 12.26 -14.44 -38.02
CA ASN F 415 13.65 -14.17 -37.68
C ASN F 415 14.56 -15.32 -38.10
N GLU F 416 14.09 -16.56 -37.95
CA GLU F 416 14.89 -17.71 -38.34
C GLU F 416 15.08 -17.77 -39.84
N VAL F 417 14.15 -17.22 -40.62
CA VAL F 417 14.35 -17.10 -42.06
C VAL F 417 15.44 -16.08 -42.36
N LEU F 418 15.43 -14.96 -41.64
CA LEU F 418 16.44 -13.93 -41.85
C LEU F 418 17.84 -14.49 -41.66
N LYS F 419 18.04 -15.35 -40.66
CA LYS F 419 19.35 -15.94 -40.44
C LYS F 419 19.78 -16.76 -41.64
N ALA F 420 18.89 -17.62 -42.14
CA ALA F 420 19.22 -18.46 -43.29
C ALA F 420 19.58 -17.62 -44.50
N LEU F 421 18.89 -16.49 -44.69
CA LEU F 421 19.28 -15.57 -45.75
C LEU F 421 20.65 -14.96 -45.48
N CYS F 422 20.94 -14.64 -44.21
CA CYS F 422 22.23 -14.06 -43.87
C CYS F 422 23.36 -15.03 -44.13
N VAL F 423 23.25 -16.27 -43.61
CA VAL F 423 24.30 -17.25 -43.83
C VAL F 423 24.44 -17.57 -45.31
N GLU F 424 23.37 -17.44 -46.08
CA GLU F 424 23.46 -17.67 -47.51
C GLU F 424 24.27 -16.58 -48.20
N ALA F 425 24.23 -15.35 -47.69
CA ALA F 425 25.01 -14.25 -48.23
C ALA F 425 26.36 -14.08 -47.54
N GLY F 426 26.89 -15.15 -46.94
CA GLY F 426 28.21 -15.09 -46.34
C GLY F 426 28.26 -14.47 -44.96
N TRP F 427 27.13 -14.36 -44.27
CA TRP F 427 27.11 -13.84 -42.91
C TRP F 427 27.00 -14.98 -41.90
N VAL F 428 27.00 -14.62 -40.63
CA VAL F 428 26.65 -15.53 -39.54
C VAL F 428 26.09 -14.68 -38.41
N VAL F 429 25.02 -15.17 -37.79
CA VAL F 429 24.29 -14.44 -36.77
C VAL F 429 24.02 -15.37 -35.59
N GLU F 430 24.39 -14.94 -34.39
CA GLU F 430 24.19 -15.73 -33.19
C GLU F 430 22.81 -15.45 -32.61
N GLU F 431 22.46 -16.19 -31.55
CA GLU F 431 21.13 -16.09 -30.98
C GLU F 431 20.82 -14.68 -30.49
N ASP F 432 21.84 -13.96 -30.00
CA ASP F 432 21.63 -12.62 -29.48
C ASP F 432 21.20 -11.63 -30.56
N GLY F 433 21.28 -12.01 -31.83
CA GLY F 433 21.05 -11.10 -32.93
C GLY F 433 22.30 -10.46 -33.48
N THR F 434 23.43 -10.55 -32.76
CA THR F 434 24.67 -9.96 -33.24
C THR F 434 25.07 -10.62 -34.56
N THR F 435 25.35 -9.79 -35.57
CA THR F 435 25.64 -10.29 -36.91
C THR F 435 26.98 -9.78 -37.39
N TYR F 436 27.66 -10.61 -38.17
CA TYR F 436 28.97 -10.33 -38.73
C TYR F 436 29.23 -11.43 -39.75
N ARG F 437 30.21 -11.22 -40.61
CA ARG F 437 30.56 -12.24 -41.59
C ARG F 437 32.00 -12.70 -41.36
#